data_4GN3
#
_entry.id   4GN3
#
_cell.length_a   60.540
_cell.length_b   186.250
_cell.length_c   245.680
_cell.angle_alpha   90.000
_cell.angle_beta   90.000
_cell.angle_gamma   90.000
#
_symmetry.space_group_name_H-M   'P 21 21 21'
#
loop_
_entity.id
_entity.type
_entity.pdbx_description
1 polymer 'Lysozyme C'
2 polymer 'OBody AM1L10'
3 non-polymer GLYCEROL
4 non-polymer '4-(2-HYDROXYETHYL)-1-PIPERAZINE ETHANESULFONIC ACID'
5 water water
#
loop_
_entity_poly.entity_id
_entity_poly.type
_entity_poly.pdbx_seq_one_letter_code
_entity_poly.pdbx_strand_id
1 'polypeptide(L)'
;KVFGRCELAAAMKRHGLDNYRGYSLGNWVCAAKFESNFNTQATNRNTDGSTDYGILQINSRWWCNDGRTPGSRNLCNIPC
SALLSSDITASVNCAKKIVSDGNGMNAWVAWRNRCKGTDVQAWIRGCRL
;
A,C,E,G,I,K,M,O,Q
2 'polypeptide(L)'
;AMGSVYPKKTHWTAEITPNLHGTEVVVAGWVASLGDYGRVKIVKVSDREGGAAVSVYLEYGKTPDHLFKVFAELSREDVV
VIKGIVEASKAAADMHNGVEIFPSEIWILNKAK
;
B,D,F,H,J,L,N,P,R
#
# COMPACT_ATOMS: atom_id res chain seq x y z
N LYS A 1 -16.69 -8.11 -3.28
CA LYS A 1 -16.30 -9.17 -4.25
C LYS A 1 -16.87 -10.52 -3.83
N VAL A 2 -17.41 -11.27 -4.78
CA VAL A 2 -17.81 -12.65 -4.55
C VAL A 2 -16.79 -13.58 -5.20
N PHE A 3 -16.02 -14.28 -4.37
CA PHE A 3 -15.04 -15.25 -4.83
C PHE A 3 -15.73 -16.49 -5.35
N GLY A 4 -15.11 -17.11 -6.36
CA GLY A 4 -15.44 -18.49 -6.72
C GLY A 4 -14.69 -19.41 -5.79
N ARG A 5 -15.12 -20.67 -5.72
CA ARG A 5 -14.57 -21.65 -4.77
C ARG A 5 -13.05 -21.83 -4.89
N CYS A 6 -12.59 -22.18 -6.09
CA CYS A 6 -11.18 -22.45 -6.32
C CYS A 6 -10.32 -21.18 -6.30
N GLU A 7 -10.92 -20.06 -6.69
CA GLU A 7 -10.26 -18.76 -6.55
C GLU A 7 -9.96 -18.44 -5.09
N LEU A 8 -10.94 -18.64 -4.22
CA LEU A 8 -10.74 -18.42 -2.80
C LEU A 8 -9.74 -19.42 -2.20
N ALA A 9 -9.83 -20.68 -2.63
CA ALA A 9 -8.92 -21.72 -2.15
C ALA A 9 -7.47 -21.31 -2.42
N ALA A 10 -7.19 -20.86 -3.63
CA ALA A 10 -5.86 -20.37 -4.01
C ALA A 10 -5.42 -19.16 -3.17
N ALA A 11 -6.33 -18.21 -2.97
CA ALA A 11 -6.02 -17.01 -2.17
C ALA A 11 -5.73 -17.36 -0.71
N MET A 12 -6.53 -18.25 -0.14
CA MET A 12 -6.34 -18.68 1.24
C MET A 12 -5.04 -19.47 1.43
N LYS A 13 -4.69 -20.29 0.44
CA LYS A 13 -3.40 -21.00 0.46
C LYS A 13 -2.23 -20.01 0.41
N ARG A 14 -2.35 -19.02 -0.47
CA ARG A 14 -1.33 -17.97 -0.58
C ARG A 14 -1.18 -17.16 0.71
N HIS A 15 -2.28 -16.96 1.43
CA HIS A 15 -2.25 -16.24 2.70
C HIS A 15 -1.94 -17.11 3.89
N GLY A 16 -1.53 -18.35 3.61
CA GLY A 16 -0.99 -19.24 4.63
C GLY A 16 -1.99 -19.93 5.54
N LEU A 17 -3.22 -20.13 5.06
CA LEU A 17 -4.23 -20.80 5.89
C LEU A 17 -4.18 -22.32 5.88
N ASP A 18 -3.54 -22.92 4.88
CA ASP A 18 -3.49 -24.38 4.78
C ASP A 18 -2.73 -24.97 5.96
N ASN A 19 -3.43 -25.77 6.76
CA ASN A 19 -2.90 -26.36 8.00
C ASN A 19 -2.54 -25.39 9.12
N TYR A 20 -3.04 -24.15 9.03
CA TYR A 20 -2.87 -23.19 10.12
C TYR A 20 -3.63 -23.69 11.35
N ARG A 21 -2.92 -23.83 12.47
CA ARG A 21 -3.45 -24.41 13.70
C ARG A 21 -4.03 -25.81 13.49
N GLY A 22 -3.46 -26.52 12.51
CA GLY A 22 -3.86 -27.89 12.20
C GLY A 22 -5.08 -28.02 11.32
N TYR A 23 -5.58 -26.90 10.79
CA TYR A 23 -6.79 -26.92 9.95
C TYR A 23 -6.45 -26.87 8.47
N SER A 24 -6.71 -27.97 7.76
CA SER A 24 -6.48 -28.06 6.31
C SER A 24 -7.29 -27.01 5.56
N LEU A 25 -6.83 -26.68 4.36
CA LEU A 25 -7.40 -25.61 3.54
C LEU A 25 -8.90 -25.71 3.33
N GLY A 26 -9.38 -26.94 3.12
CA GLY A 26 -10.81 -27.20 2.93
C GLY A 26 -11.70 -26.65 4.03
N ASN A 27 -11.20 -26.70 5.27
CA ASN A 27 -11.95 -26.15 6.42
C ASN A 27 -12.24 -24.66 6.23
N TRP A 28 -11.24 -23.93 5.74
CA TRP A 28 -11.33 -22.49 5.60
C TRP A 28 -12.22 -22.10 4.45
N VAL A 29 -12.12 -22.82 3.35
CA VAL A 29 -13.00 -22.61 2.20
C VAL A 29 -14.45 -22.93 2.56
N CYS A 30 -14.67 -24.08 3.18
CA CYS A 30 -16.01 -24.47 3.66
C CYS A 30 -16.58 -23.45 4.65
N ALA A 31 -15.76 -22.99 5.59
CA ALA A 31 -16.20 -21.96 6.55
C ALA A 31 -16.69 -20.70 5.83
N ALA A 32 -15.91 -20.21 4.87
CA ALA A 32 -16.28 -19.00 4.12
C ALA A 32 -17.57 -19.19 3.34
N LYS A 33 -17.75 -20.39 2.76
CA LYS A 33 -18.97 -20.73 2.03
C LYS A 33 -20.21 -20.52 2.90
N PHE A 34 -20.19 -21.07 4.10
CA PHE A 34 -21.38 -21.04 4.94
C PHE A 34 -21.47 -19.82 5.85
N GLU A 35 -20.36 -19.10 6.02
CA GLU A 35 -20.39 -17.85 6.78
C GLU A 35 -20.85 -16.68 5.91
N SER A 36 -20.32 -16.59 4.68
CA SER A 36 -20.53 -15.41 3.85
C SER A 36 -20.98 -15.69 2.41
N ASN A 37 -21.10 -16.97 2.05
CA ASN A 37 -21.31 -17.38 0.65
C ASN A 37 -20.26 -16.78 -0.28
N PHE A 38 -19.02 -16.73 0.22
CA PHE A 38 -17.84 -16.22 -0.51
C PHE A 38 -17.88 -14.71 -0.81
N ASN A 39 -18.76 -13.98 -0.12
CA ASN A 39 -18.93 -12.53 -0.33
C ASN A 39 -18.12 -11.70 0.68
N THR A 40 -17.09 -10.99 0.18
CA THR A 40 -16.21 -10.21 1.04
C THR A 40 -16.94 -9.05 1.74
N GLN A 41 -18.08 -8.65 1.20
CA GLN A 41 -18.83 -7.50 1.70
C GLN A 41 -19.97 -7.89 2.64
N ALA A 42 -20.10 -9.18 2.91
CA ALA A 42 -21.17 -9.67 3.79
C ALA A 42 -21.10 -9.01 5.17
N THR A 43 -22.20 -8.41 5.60
CA THR A 43 -22.31 -7.85 6.95
C THR A 43 -23.67 -8.24 7.51
N ASN A 44 -23.70 -8.65 8.77
CA ASN A 44 -24.91 -9.13 9.40
C ASN A 44 -24.99 -8.70 10.86
N ARG A 45 -26.02 -7.93 11.20
CA ARG A 45 -26.23 -7.45 12.56
C ARG A 45 -26.87 -8.52 13.44
N ASN A 46 -26.30 -8.73 14.61
CA ASN A 46 -26.90 -9.63 15.61
C ASN A 46 -27.77 -8.87 16.60
N THR A 47 -28.61 -9.61 17.33
CA THR A 47 -29.57 -9.01 18.27
C THR A 47 -28.91 -8.38 19.49
N ASP A 48 -27.64 -8.67 19.70
CA ASP A 48 -26.91 -8.20 20.89
C ASP A 48 -26.20 -6.86 20.62
N GLY A 49 -26.44 -6.26 19.46
CA GLY A 49 -25.81 -5.00 19.09
C GLY A 49 -24.48 -5.14 18.38
N SER A 50 -23.98 -6.37 18.26
CA SER A 50 -22.75 -6.63 17.52
C SER A 50 -23.06 -6.95 16.06
N THR A 51 -22.04 -6.85 15.21
CA THR A 51 -22.21 -7.15 13.80
C THR A 51 -21.05 -8.06 13.33
N ASP A 52 -21.36 -8.95 12.40
CA ASP A 52 -20.35 -9.84 11.80
C ASP A 52 -19.94 -9.35 10.42
N TYR A 53 -18.64 -9.32 10.16
CA TYR A 53 -18.09 -8.64 8.98
C TYR A 53 -17.26 -9.53 8.06
N GLY A 54 -17.58 -9.49 6.77
CA GLY A 54 -16.70 -10.01 5.73
C GLY A 54 -16.77 -11.49 5.45
N ILE A 55 -15.79 -11.97 4.67
CA ILE A 55 -15.69 -13.34 4.17
C ILE A 55 -15.78 -14.42 5.25
N LEU A 56 -15.26 -14.11 6.44
CA LEU A 56 -15.31 -15.04 7.57
C LEU A 56 -16.10 -14.50 8.77
N GLN A 57 -16.92 -13.48 8.51
CA GLN A 57 -17.94 -13.02 9.47
C GLN A 57 -17.40 -12.78 10.88
N ILE A 58 -16.38 -11.92 10.97
CA ILE A 58 -15.71 -11.63 12.23
C ILE A 58 -16.56 -10.68 13.06
N ASN A 59 -16.71 -10.99 14.35
CA ASN A 59 -17.67 -10.29 15.23
C ASN A 59 -17.11 -9.03 15.87
N SER A 60 -17.96 -8.00 16.00
CA SER A 60 -17.53 -6.68 16.48
C SER A 60 -17.39 -6.52 18.00
N ARG A 61 -17.71 -7.55 18.79
CA ARG A 61 -17.54 -7.44 20.24
C ARG A 61 -16.08 -7.55 20.68
N TRP A 62 -15.46 -8.69 20.38
CA TRP A 62 -14.08 -8.93 20.81
C TRP A 62 -13.05 -8.63 19.75
N TRP A 63 -13.43 -8.72 18.47
CA TRP A 63 -12.41 -8.91 17.44
C TRP A 63 -12.08 -7.72 16.56
N CYS A 64 -13.08 -7.04 16.02
CA CYS A 64 -12.83 -5.81 15.27
C CYS A 64 -13.68 -4.66 15.81
N ASN A 65 -13.26 -3.43 15.51
CA ASN A 65 -13.97 -2.24 15.97
C ASN A 65 -14.84 -1.60 14.90
N ASP A 66 -16.15 -1.53 15.14
CA ASP A 66 -17.05 -0.88 14.18
C ASP A 66 -17.64 0.43 14.70
N GLY A 67 -17.15 0.89 15.85
CA GLY A 67 -17.55 2.17 16.43
C GLY A 67 -18.98 2.28 16.94
N ARG A 68 -19.66 1.14 17.09
CA ARG A 68 -21.04 1.13 17.57
C ARG A 68 -21.38 -0.04 18.50
N THR A 69 -20.39 -0.86 18.81
CA THR A 69 -20.62 -2.04 19.64
C THR A 69 -20.10 -1.82 21.07
N PRO A 70 -21.01 -1.82 22.05
CA PRO A 70 -20.62 -1.66 23.47
C PRO A 70 -19.67 -2.76 23.91
N GLY A 71 -18.66 -2.41 24.70
CA GLY A 71 -17.69 -3.39 25.21
C GLY A 71 -16.72 -3.90 24.17
N SER A 72 -16.45 -3.07 23.17
CA SER A 72 -15.50 -3.38 22.08
C SER A 72 -14.10 -3.63 22.63
N ARG A 73 -13.53 -4.79 22.31
CA ARG A 73 -12.16 -5.12 22.73
C ARG A 73 -11.14 -4.95 21.60
N ASN A 74 -11.61 -5.04 20.36
CA ASN A 74 -10.78 -4.89 19.17
C ASN A 74 -9.43 -5.63 19.26
N LEU A 75 -9.50 -6.93 19.53
CA LEU A 75 -8.29 -7.75 19.69
C LEU A 75 -7.49 -7.90 18.39
N CYS A 76 -8.15 -7.76 17.25
CA CYS A 76 -7.45 -7.79 15.96
C CYS A 76 -6.83 -6.43 15.61
N ASN A 77 -7.15 -5.41 16.41
CA ASN A 77 -6.65 -4.05 16.21
C ASN A 77 -6.91 -3.56 14.78
N ILE A 78 -8.18 -3.63 14.38
CA ILE A 78 -8.57 -3.31 13.02
C ILE A 78 -10.00 -2.78 12.99
N PRO A 79 -10.26 -1.76 12.14
CA PRO A 79 -11.65 -1.35 11.89
C PRO A 79 -12.37 -2.47 11.16
N CYS A 80 -13.63 -2.72 11.51
CA CYS A 80 -14.41 -3.79 10.88
C CYS A 80 -14.62 -3.54 9.39
N SER A 81 -14.65 -2.27 8.98
CA SER A 81 -14.81 -1.90 7.55
C SER A 81 -13.64 -2.43 6.71
N ALA A 82 -12.46 -2.53 7.31
CA ALA A 82 -11.29 -3.11 6.66
C ALA A 82 -11.45 -4.61 6.35
N LEU A 83 -12.42 -5.25 6.99
CA LEU A 83 -12.68 -6.67 6.73
C LEU A 83 -13.63 -6.87 5.55
N LEU A 84 -13.95 -5.78 4.85
CA LEU A 84 -14.90 -5.83 3.74
C LEU A 84 -14.25 -5.64 2.37
N SER A 85 -12.91 -5.56 2.34
CA SER A 85 -12.18 -5.36 1.09
C SER A 85 -12.16 -6.61 0.21
N SER A 86 -11.90 -6.40 -1.08
CA SER A 86 -11.79 -7.49 -2.03
C SER A 86 -10.52 -8.31 -1.80
N ASP A 87 -9.53 -7.69 -1.19
CA ASP A 87 -8.31 -8.37 -0.74
C ASP A 87 -8.56 -8.97 0.66
N ILE A 88 -8.30 -10.26 0.82
CA ILE A 88 -8.65 -10.97 2.07
C ILE A 88 -7.59 -10.89 3.20
N THR A 89 -6.50 -10.16 2.95
CA THR A 89 -5.41 -10.03 3.93
C THR A 89 -5.89 -9.78 5.37
N ALA A 90 -6.72 -8.75 5.53
CA ALA A 90 -7.15 -8.31 6.85
C ALA A 90 -8.01 -9.37 7.55
N SER A 91 -8.94 -9.95 6.81
CA SER A 91 -9.77 -11.04 7.36
C SER A 91 -8.94 -12.25 7.74
N VAL A 92 -7.97 -12.61 6.89
CA VAL A 92 -7.07 -13.74 7.20
C VAL A 92 -6.25 -13.50 8.47
N ASN A 93 -5.68 -12.30 8.59
CA ASN A 93 -4.89 -11.94 9.79
C ASN A 93 -5.71 -12.04 11.06
N CYS A 94 -6.93 -11.51 11.03
CA CYS A 94 -7.83 -11.57 12.16
C CYS A 94 -8.32 -13.00 12.43
N ALA A 95 -8.65 -13.73 11.36
CA ALA A 95 -9.01 -15.15 11.48
C ALA A 95 -7.90 -15.96 12.14
N LYS A 96 -6.66 -15.61 11.83
CA LYS A 96 -5.51 -16.30 12.43
C LYS A 96 -5.44 -16.07 13.93
N LYS A 97 -5.76 -14.85 14.38
CA LYS A 97 -5.84 -14.55 15.82
C LYS A 97 -6.99 -15.30 16.47
N ILE A 98 -8.16 -15.24 15.83
CA ILE A 98 -9.38 -15.88 16.36
C ILE A 98 -9.18 -17.38 16.56
N VAL A 99 -8.63 -18.05 15.54
CA VAL A 99 -8.42 -19.50 15.57
C VAL A 99 -7.30 -19.90 16.55
N SER A 100 -6.50 -18.93 16.97
CA SER A 100 -5.45 -19.15 17.97
C SER A 100 -5.92 -18.86 19.40
N ASP A 101 -7.19 -18.47 19.57
CA ASP A 101 -7.72 -18.02 20.87
C ASP A 101 -7.90 -19.14 21.91
N GLY A 102 -7.84 -20.39 21.46
CA GLY A 102 -7.94 -21.54 22.36
C GLY A 102 -9.05 -22.52 22.00
N ASN A 103 -9.90 -22.14 21.05
CA ASN A 103 -11.03 -23.00 20.67
C ASN A 103 -11.01 -23.44 19.20
N GLY A 104 -9.88 -23.25 18.55
CA GLY A 104 -9.73 -23.60 17.14
C GLY A 104 -10.83 -22.97 16.30
N MET A 105 -11.31 -23.73 15.32
CA MET A 105 -12.31 -23.21 14.39
C MET A 105 -13.73 -23.23 14.96
N ASN A 106 -13.87 -23.67 16.22
CA ASN A 106 -15.18 -23.66 16.87
C ASN A 106 -15.71 -22.24 17.10
N ALA A 107 -14.83 -21.27 16.91
CA ALA A 107 -15.20 -19.86 16.88
C ALA A 107 -16.21 -19.52 15.76
N TRP A 108 -16.23 -20.34 14.71
CA TRP A 108 -17.16 -20.12 13.60
C TRP A 108 -18.33 -21.05 13.65
N VAL A 109 -19.52 -20.50 13.90
CA VAL A 109 -20.73 -21.29 14.00
C VAL A 109 -21.09 -22.00 12.69
N ALA A 110 -20.82 -21.36 11.55
CA ALA A 110 -21.13 -21.99 10.26
C ALA A 110 -20.20 -23.17 10.00
N TRP A 111 -18.95 -23.06 10.44
CA TRP A 111 -18.02 -24.18 10.35
C TRP A 111 -18.45 -25.33 11.22
N ARG A 112 -18.83 -25.05 12.47
CA ARG A 112 -19.34 -26.08 13.38
C ARG A 112 -20.55 -26.80 12.79
N ASN A 113 -21.47 -26.03 12.22
CA ASN A 113 -22.74 -26.59 11.77
C ASN A 113 -22.74 -27.23 10.39
N ARG A 114 -21.81 -26.82 9.53
CA ARG A 114 -21.83 -27.27 8.13
C ARG A 114 -20.53 -27.92 7.65
N CYS A 115 -19.44 -27.71 8.37
CA CYS A 115 -18.14 -28.19 7.87
C CYS A 115 -17.51 -29.24 8.76
N LYS A 116 -17.48 -28.96 10.05
CA LYS A 116 -16.82 -29.81 11.05
C LYS A 116 -17.29 -31.26 10.92
N GLY A 117 -16.35 -32.17 10.76
CA GLY A 117 -16.66 -33.60 10.63
C GLY A 117 -17.17 -34.08 9.27
N THR A 118 -17.18 -33.19 8.28
CA THR A 118 -17.54 -33.58 6.92
C THR A 118 -16.25 -33.76 6.10
N ASP A 119 -16.42 -34.19 4.86
CA ASP A 119 -15.29 -34.31 3.93
C ASP A 119 -14.93 -32.90 3.43
N VAL A 120 -14.26 -32.12 4.28
CA VAL A 120 -13.94 -30.73 3.97
C VAL A 120 -13.00 -30.57 2.78
N GLN A 121 -12.18 -31.58 2.52
CA GLN A 121 -11.22 -31.50 1.42
C GLN A 121 -11.92 -31.46 0.05
N ALA A 122 -13.19 -31.90 0.02
CA ALA A 122 -14.05 -31.73 -1.15
C ALA A 122 -14.16 -30.26 -1.60
N TRP A 123 -14.03 -29.34 -0.65
CA TRP A 123 -14.07 -27.91 -0.97
C TRP A 123 -12.87 -27.38 -1.72
N ILE A 124 -11.79 -28.16 -1.77
CA ILE A 124 -10.60 -27.78 -2.56
C ILE A 124 -10.28 -28.77 -3.69
N ARG A 125 -11.08 -29.82 -3.80
CA ARG A 125 -10.91 -30.83 -4.83
C ARG A 125 -11.09 -30.22 -6.22
N GLY A 126 -10.15 -30.53 -7.13
CA GLY A 126 -10.17 -29.99 -8.48
C GLY A 126 -9.58 -28.61 -8.65
N CYS A 127 -9.19 -27.97 -7.55
CA CYS A 127 -8.65 -26.61 -7.59
C CYS A 127 -7.15 -26.60 -7.92
N ARG A 128 -6.76 -25.66 -8.78
CA ARG A 128 -5.35 -25.43 -9.07
C ARG A 128 -4.77 -24.64 -7.89
N LEU A 129 -3.86 -25.29 -7.16
CA LEU A 129 -3.28 -24.70 -5.95
C LEU A 129 -1.76 -24.81 -5.98
N GLY B 3 -39.14 -25.02 44.12
CA GLY B 3 -37.95 -24.17 44.39
C GLY B 3 -36.68 -24.71 43.76
N SER B 4 -35.90 -23.81 43.16
CA SER B 4 -34.64 -24.19 42.51
C SER B 4 -33.51 -24.46 43.51
N VAL B 5 -32.69 -25.45 43.16
CA VAL B 5 -31.49 -25.79 43.92
C VAL B 5 -30.44 -26.24 42.91
N TYR B 6 -29.18 -25.84 43.10
CA TYR B 6 -28.14 -26.23 42.16
C TYR B 6 -27.88 -27.73 42.24
N PRO B 7 -27.69 -28.39 41.07
CA PRO B 7 -27.57 -29.84 41.04
C PRO B 7 -26.26 -30.36 41.60
N LYS B 8 -26.28 -31.61 42.03
CA LYS B 8 -25.11 -32.33 42.50
C LYS B 8 -24.24 -32.71 41.30
N LYS B 9 -22.94 -32.48 41.43
CA LYS B 9 -21.95 -32.91 40.46
C LYS B 9 -22.09 -34.40 40.15
N THR B 10 -22.14 -34.75 38.87
CA THR B 10 -22.25 -36.16 38.48
C THR B 10 -20.93 -36.70 37.93
N HIS B 11 -20.17 -35.84 37.27
CA HIS B 11 -18.95 -36.23 36.56
C HIS B 11 -17.84 -35.26 36.81
N TRP B 12 -16.63 -35.79 36.99
CA TRP B 12 -15.42 -35.00 36.96
C TRP B 12 -15.15 -34.63 35.53
N THR B 13 -14.49 -33.49 35.30
CA THR B 13 -14.29 -33.01 33.92
C THR B 13 -13.56 -34.04 33.06
N ALA B 14 -12.64 -34.79 33.67
CA ALA B 14 -11.89 -35.84 32.98
C ALA B 14 -12.77 -37.02 32.54
N GLU B 15 -13.93 -37.17 33.16
CA GLU B 15 -14.86 -38.23 32.80
C GLU B 15 -15.72 -37.87 31.59
N ILE B 16 -15.69 -36.61 31.16
CA ILE B 16 -16.48 -36.19 30.00
C ILE B 16 -15.77 -36.67 28.73
N THR B 17 -16.23 -37.79 28.21
CA THR B 17 -15.57 -38.46 27.08
C THR B 17 -16.56 -38.61 25.92
N PRO B 18 -16.04 -38.77 24.67
CA PRO B 18 -16.94 -38.86 23.52
C PRO B 18 -18.00 -39.95 23.62
N ASN B 19 -17.68 -41.06 24.29
CA ASN B 19 -18.66 -42.15 24.45
C ASN B 19 -19.80 -41.81 25.42
N LEU B 20 -19.77 -40.60 25.98
CA LEU B 20 -20.92 -40.09 26.75
C LEU B 20 -21.89 -39.27 25.89
N HIS B 21 -21.67 -39.21 24.58
CA HIS B 21 -22.56 -38.48 23.69
C HIS B 21 -24.02 -38.71 23.99
N GLY B 22 -24.75 -37.62 24.22
CA GLY B 22 -26.20 -37.72 24.50
C GLY B 22 -26.58 -37.87 25.96
N THR B 23 -25.58 -37.93 26.85
CA THR B 23 -25.81 -38.12 28.29
C THR B 23 -25.92 -36.75 28.98
N GLU B 24 -26.92 -36.61 29.85
CA GLU B 24 -26.99 -35.44 30.72
C GLU B 24 -26.00 -35.59 31.87
N VAL B 25 -25.18 -34.55 32.07
CA VAL B 25 -24.17 -34.56 33.13
C VAL B 25 -24.22 -33.26 33.91
N VAL B 26 -23.68 -33.31 35.14
CA VAL B 26 -23.45 -32.11 35.90
C VAL B 26 -21.97 -32.02 36.22
N VAL B 27 -21.31 -30.96 35.75
CA VAL B 27 -19.90 -30.72 36.10
C VAL B 27 -19.81 -29.55 37.07
N ALA B 28 -18.76 -29.55 37.88
CA ALA B 28 -18.54 -28.50 38.87
C ALA B 28 -17.06 -28.20 39.01
N GLY B 29 -16.72 -26.92 39.01
CA GLY B 29 -15.34 -26.49 39.12
C GLY B 29 -15.24 -25.00 38.89
N TRP B 30 -14.11 -24.56 38.36
CA TRP B 30 -13.88 -23.15 38.09
C TRP B 30 -13.74 -22.88 36.62
N VAL B 31 -13.96 -21.62 36.25
CA VAL B 31 -13.83 -21.18 34.86
C VAL B 31 -12.35 -21.11 34.47
N ALA B 32 -11.94 -21.97 33.56
CA ALA B 32 -10.55 -21.99 33.09
C ALA B 32 -10.32 -20.92 32.03
N SER B 33 -11.28 -20.76 31.13
CA SER B 33 -11.22 -19.72 30.10
C SER B 33 -12.59 -19.39 29.55
N LEU B 34 -12.67 -18.24 28.88
CA LEU B 34 -13.88 -17.78 28.22
C LEU B 34 -13.53 -17.35 26.81
N GLY B 35 -14.40 -17.67 25.86
CA GLY B 35 -14.24 -17.25 24.47
C GLY B 35 -15.54 -16.67 23.98
N ASP B 36 -15.47 -15.48 23.40
CA ASP B 36 -16.66 -14.83 22.86
C ASP B 36 -16.43 -14.51 21.38
N TYR B 37 -17.09 -15.27 20.51
CA TYR B 37 -16.88 -15.12 19.07
C TYR B 37 -18.14 -14.58 18.39
N GLY B 38 -19.07 -14.11 19.21
CA GLY B 38 -20.34 -13.60 18.73
C GLY B 38 -21.44 -14.63 18.89
N ARG B 39 -21.81 -15.26 17.77
CA ARG B 39 -22.86 -16.28 17.74
C ARG B 39 -22.49 -17.52 18.56
N VAL B 40 -21.19 -17.80 18.68
CA VAL B 40 -20.68 -18.87 19.55
C VAL B 40 -19.92 -18.26 20.72
N LYS B 41 -20.24 -18.72 21.92
CA LYS B 41 -19.47 -18.40 23.13
C LYS B 41 -19.12 -19.72 23.84
N ILE B 42 -17.92 -19.77 24.42
CA ILE B 42 -17.43 -20.98 25.05
C ILE B 42 -16.87 -20.69 26.44
N VAL B 43 -17.33 -21.45 27.42
CA VAL B 43 -16.72 -21.45 28.74
C VAL B 43 -16.07 -22.80 28.98
N LYS B 44 -14.80 -22.79 29.40
CA LYS B 44 -14.12 -24.03 29.76
C LYS B 44 -14.08 -24.16 31.28
N VAL B 45 -14.43 -25.35 31.77
CA VAL B 45 -14.47 -25.64 33.21
C VAL B 45 -13.40 -26.68 33.57
N SER B 46 -12.65 -26.43 34.64
CA SER B 46 -11.68 -27.39 35.18
C SER B 46 -12.03 -27.71 36.63
N ASP B 47 -11.60 -28.89 37.08
CA ASP B 47 -11.77 -29.27 38.49
C ASP B 47 -10.52 -29.88 39.08
N ARG B 48 -9.42 -29.83 38.32
CA ARG B 48 -8.09 -30.23 38.80
C ARG B 48 -7.08 -29.26 38.23
N GLU B 49 -5.95 -29.06 38.91
CA GLU B 49 -4.82 -28.40 38.27
C GLU B 49 -4.16 -29.36 37.30
N GLY B 50 -3.74 -28.87 36.14
CA GLY B 50 -3.10 -29.67 35.10
C GLY B 50 -4.04 -30.75 34.58
N GLY B 51 -5.34 -30.44 34.56
CA GLY B 51 -6.36 -31.41 34.20
C GLY B 51 -7.10 -31.00 32.96
N ALA B 52 -8.28 -31.60 32.75
CA ALA B 52 -9.12 -31.28 31.63
C ALA B 52 -9.68 -29.86 31.78
N ALA B 53 -10.03 -29.25 30.66
CA ALA B 53 -10.81 -28.03 30.64
C ALA B 53 -11.95 -28.27 29.67
N VAL B 54 -13.09 -28.74 30.18
CA VAL B 54 -14.19 -29.17 29.32
C VAL B 54 -14.94 -27.96 28.73
N SER B 55 -15.18 -28.02 27.43
CA SER B 55 -15.83 -26.94 26.69
C SER B 55 -17.33 -27.00 26.82
N VAL B 56 -17.91 -25.89 27.27
CA VAL B 56 -19.34 -25.71 27.34
C VAL B 56 -19.68 -24.64 26.30
N TYR B 57 -20.46 -25.00 25.29
N TYR B 57 -20.47 -25.01 25.29
CA TYR B 57 -20.74 -24.03 24.24
CA TYR B 57 -20.75 -24.11 24.16
C TYR B 57 -22.13 -23.44 24.30
C TYR B 57 -22.13 -23.47 24.24
N LEU B 58 -22.20 -22.16 23.95
CA LEU B 58 -23.47 -21.45 23.83
C LEU B 58 -23.54 -20.97 22.40
N GLU B 59 -24.69 -21.21 21.76
CA GLU B 59 -24.88 -20.90 20.36
C GLU B 59 -26.21 -20.17 20.21
N TYR B 60 -26.17 -18.99 19.58
CA TYR B 60 -27.38 -18.19 19.42
C TYR B 60 -28.46 -18.97 18.69
N GLY B 61 -29.69 -18.87 19.19
CA GLY B 61 -30.85 -19.50 18.56
C GLY B 61 -31.05 -20.94 19.00
N LYS B 62 -30.07 -21.50 19.71
CA LYS B 62 -30.16 -22.87 20.20
C LYS B 62 -30.08 -22.92 21.71
N THR B 63 -29.09 -22.22 22.25
CA THR B 63 -28.91 -22.04 23.67
C THR B 63 -29.98 -21.06 24.18
N PRO B 64 -30.68 -21.40 25.28
CA PRO B 64 -31.66 -20.49 25.87
C PRO B 64 -31.04 -19.14 26.17
N ASP B 65 -31.78 -18.07 25.87
CA ASP B 65 -31.26 -16.72 25.99
C ASP B 65 -30.85 -16.33 27.41
N HIS B 66 -31.51 -16.92 28.42
CA HIS B 66 -31.14 -16.65 29.81
C HIS B 66 -29.74 -17.12 30.15
N LEU B 67 -29.26 -18.14 29.44
CA LEU B 67 -27.91 -18.63 29.68
C LEU B 67 -26.83 -17.67 29.14
N PHE B 68 -27.16 -16.92 28.11
CA PHE B 68 -26.27 -15.86 27.61
C PHE B 68 -26.12 -14.74 28.65
N LYS B 69 -27.20 -14.47 29.39
CA LYS B 69 -27.15 -13.50 30.48
C LYS B 69 -26.20 -13.97 31.58
N VAL B 70 -26.27 -15.26 31.93
CA VAL B 70 -25.32 -15.84 32.89
C VAL B 70 -23.89 -15.78 32.36
N PHE B 71 -23.71 -16.11 31.07
CA PHE B 71 -22.37 -16.06 30.46
C PHE B 71 -21.74 -14.67 30.61
N ALA B 72 -22.55 -13.63 30.40
CA ALA B 72 -22.09 -12.24 30.54
C ALA B 72 -21.57 -11.89 31.95
N GLU B 73 -22.01 -12.64 32.96
CA GLU B 73 -21.57 -12.44 34.34
C GLU B 73 -20.26 -13.17 34.67
N LEU B 74 -19.85 -14.09 33.80
CA LEU B 74 -18.72 -14.98 34.06
C LEU B 74 -17.35 -14.31 33.99
N SER B 75 -16.47 -14.68 34.92
CA SER B 75 -15.05 -14.33 34.89
C SER B 75 -14.22 -15.59 35.12
N ARG B 76 -12.96 -15.56 34.67
CA ARG B 76 -12.02 -16.63 34.99
C ARG B 76 -11.95 -16.81 36.51
N GLU B 77 -11.83 -18.06 36.94
CA GLU B 77 -11.76 -18.43 38.36
C GLU B 77 -13.10 -18.46 39.10
N ASP B 78 -14.17 -17.98 38.48
CA ASP B 78 -15.52 -18.15 39.06
C ASP B 78 -15.81 -19.63 39.29
N VAL B 79 -16.48 -19.93 40.40
CA VAL B 79 -16.86 -21.31 40.73
C VAL B 79 -18.27 -21.56 40.22
N VAL B 80 -18.40 -22.58 39.36
CA VAL B 80 -19.65 -22.82 38.63
C VAL B 80 -20.12 -24.26 38.75
N VAL B 81 -21.41 -24.46 38.54
CA VAL B 81 -22.02 -25.79 38.39
C VAL B 81 -22.76 -25.71 37.07
N ILE B 82 -22.47 -26.64 36.16
CA ILE B 82 -23.11 -26.65 34.84
C ILE B 82 -23.75 -28.00 34.54
N LYS B 83 -25.02 -27.95 34.16
CA LYS B 83 -25.76 -29.11 33.71
C LYS B 83 -26.00 -28.98 32.21
N GLY B 84 -25.76 -30.06 31.48
CA GLY B 84 -26.01 -30.07 30.05
C GLY B 84 -25.82 -31.44 29.46
N ILE B 85 -25.87 -31.52 28.13
CA ILE B 85 -25.80 -32.78 27.42
C ILE B 85 -24.43 -32.88 26.77
N VAL B 86 -23.76 -34.01 26.96
CA VAL B 86 -22.48 -34.24 26.31
C VAL B 86 -22.70 -34.45 24.83
N GLU B 87 -21.88 -33.79 24.02
CA GLU B 87 -21.94 -33.94 22.57
C GLU B 87 -20.54 -34.21 22.08
N ALA B 88 -20.34 -35.38 21.47
CA ALA B 88 -19.04 -35.77 20.92
C ALA B 88 -18.82 -35.01 19.62
N SER B 89 -17.57 -34.59 19.41
CA SER B 89 -17.18 -33.81 18.22
C SER B 89 -17.53 -34.54 16.95
N LYS B 90 -18.00 -33.79 15.96
CA LYS B 90 -18.36 -34.33 14.65
C LYS B 90 -17.11 -34.72 13.86
N ALA B 91 -16.00 -34.04 14.17
CA ALA B 91 -14.69 -34.32 13.55
C ALA B 91 -14.22 -35.75 13.80
N ALA B 92 -14.48 -36.24 15.01
CA ALA B 92 -14.14 -37.62 15.44
C ALA B 92 -12.69 -38.00 15.13
N GLY B 98 -12.66 -32.91 21.03
CA GLY B 98 -13.28 -34.22 20.85
C GLY B 98 -14.66 -34.29 21.51
N VAL B 99 -14.87 -33.45 22.52
CA VAL B 99 -16.09 -33.50 23.33
C VAL B 99 -16.47 -32.11 23.85
N GLU B 100 -17.76 -31.87 24.02
CA GLU B 100 -18.23 -30.61 24.59
C GLU B 100 -19.57 -30.82 25.31
N ILE B 101 -20.03 -29.77 25.99
CA ILE B 101 -21.31 -29.79 26.71
C ILE B 101 -22.23 -28.69 26.22
N PHE B 102 -23.47 -29.09 25.91
CA PHE B 102 -24.53 -28.16 25.52
C PHE B 102 -25.35 -27.92 26.79
N PRO B 103 -25.24 -26.71 27.39
CA PRO B 103 -25.79 -26.49 28.73
C PRO B 103 -27.29 -26.24 28.78
N SER B 104 -27.94 -26.72 29.84
CA SER B 104 -29.29 -26.28 30.18
C SER B 104 -29.27 -25.39 31.42
N GLU B 105 -28.27 -25.57 32.28
CA GLU B 105 -28.14 -24.77 33.49
C GLU B 105 -26.71 -24.30 33.70
N ILE B 106 -26.54 -23.02 34.03
CA ILE B 106 -25.24 -22.51 34.48
C ILE B 106 -25.43 -21.75 35.79
N TRP B 107 -24.86 -22.30 36.88
CA TRP B 107 -24.95 -21.71 38.21
C TRP B 107 -23.63 -21.14 38.61
N ILE B 108 -23.62 -19.89 39.10
CA ILE B 108 -22.39 -19.30 39.63
C ILE B 108 -22.45 -19.40 41.15
N LEU B 109 -21.56 -20.21 41.73
CA LEU B 109 -21.57 -20.44 43.17
C LEU B 109 -20.83 -19.34 43.92
N ASN B 110 -19.72 -18.89 43.36
CA ASN B 110 -19.10 -17.64 43.81
C ASN B 110 -18.18 -17.03 42.77
N LYS B 111 -18.12 -15.70 42.79
CA LYS B 111 -17.26 -14.95 41.89
C LYS B 111 -15.87 -14.82 42.52
N ALA B 112 -14.84 -14.81 41.67
CA ALA B 112 -13.44 -14.82 42.13
C ALA B 112 -13.06 -13.61 42.98
N LYS C 1 19.81 -48.93 2.03
CA LYS C 1 19.85 -50.05 1.04
C LYS C 1 20.65 -49.64 -0.19
N VAL C 2 21.55 -50.51 -0.62
CA VAL C 2 22.26 -50.32 -1.89
C VAL C 2 21.62 -51.27 -2.91
N PHE C 3 20.92 -50.70 -3.88
CA PHE C 3 20.30 -51.47 -4.95
C PHE C 3 21.35 -52.00 -5.92
N GLY C 4 21.07 -53.18 -6.48
CA GLY C 4 21.72 -53.62 -7.70
C GLY C 4 21.05 -52.94 -8.89
N ARG C 5 21.75 -52.91 -10.02
CA ARG C 5 21.30 -52.20 -11.22
C ARG C 5 19.92 -52.67 -11.71
N CYS C 6 19.79 -53.97 -11.98
CA CYS C 6 18.55 -54.53 -12.50
C CYS C 6 17.43 -54.55 -11.47
N GLU C 7 17.79 -54.70 -10.20
CA GLU C 7 16.82 -54.58 -9.11
C GLU C 7 16.17 -53.20 -9.10
N LEU C 8 17.01 -52.16 -9.22
CA LEU C 8 16.51 -50.79 -9.25
C LEU C 8 15.73 -50.52 -10.53
N ALA C 9 16.21 -51.03 -11.66
CA ALA C 9 15.50 -50.95 -12.93
C ALA C 9 14.05 -51.45 -12.80
N ALA C 10 13.88 -52.63 -12.20
CA ALA C 10 12.56 -53.21 -11.98
C ALA C 10 11.69 -52.37 -11.03
N ALA C 11 12.28 -51.91 -9.93
CA ALA C 11 11.58 -51.05 -8.97
C ALA C 11 11.13 -49.73 -9.59
N MET C 12 12.00 -49.10 -10.36
CA MET C 12 11.69 -47.84 -11.03
C MET C 12 10.58 -48.03 -12.09
N LYS C 13 10.59 -49.17 -12.77
CA LYS C 13 9.51 -49.48 -13.73
C LYS C 13 8.17 -49.65 -13.02
N ARG C 14 8.18 -50.37 -11.90
CA ARG C 14 6.98 -50.56 -11.09
C ARG C 14 6.41 -49.24 -10.56
N HIS C 15 7.29 -48.28 -10.27
CA HIS C 15 6.88 -46.97 -9.79
C HIS C 15 6.57 -45.97 -10.87
N GLY C 16 6.55 -46.43 -12.12
CA GLY C 16 6.05 -45.65 -13.23
C GLY C 16 6.98 -44.63 -13.84
N LEU C 17 8.29 -44.86 -13.74
CA LEU C 17 9.27 -43.91 -14.26
C LEU C 17 9.59 -44.07 -15.73
N ASP C 18 9.36 -45.26 -16.28
CA ASP C 18 9.68 -45.54 -17.68
C ASP C 18 8.83 -44.65 -18.59
N ASN C 19 9.50 -43.81 -19.35
CA ASN C 19 8.86 -42.78 -20.18
C ASN C 19 8.12 -41.67 -19.43
N TYR C 20 8.39 -41.52 -18.14
CA TYR C 20 7.82 -40.38 -17.42
C TYR C 20 8.43 -39.10 -17.95
N ARG C 21 7.57 -38.20 -18.39
CA ARG C 21 7.98 -36.95 -19.06
C ARG C 21 8.84 -37.21 -20.28
N GLY C 22 8.65 -38.38 -20.90
CA GLY C 22 9.39 -38.76 -22.10
C GLY C 22 10.79 -39.32 -21.86
N TYR C 23 11.12 -39.58 -20.60
CA TYR C 23 12.44 -40.12 -20.25
C TYR C 23 12.38 -41.63 -20.01
N SER C 24 13.05 -42.38 -20.90
CA SER C 24 13.07 -43.83 -20.81
C SER C 24 13.75 -44.30 -19.52
N LEU C 25 13.42 -45.52 -19.12
CA LEU C 25 13.85 -46.08 -17.84
C LEU C 25 15.36 -45.99 -17.58
N GLY C 26 16.15 -46.19 -18.64
CA GLY C 26 17.60 -46.11 -18.56
C GLY C 26 18.12 -44.80 -18.01
N ASN C 27 17.46 -43.69 -18.36
CA ASN C 27 17.83 -42.38 -17.84
C ASN C 27 17.79 -42.33 -16.31
N TRP C 28 16.76 -42.97 -15.74
CA TRP C 28 16.52 -42.94 -14.30
C TRP C 28 17.50 -43.80 -13.55
N VAL C 29 17.78 -44.98 -14.09
CA VAL C 29 18.78 -45.88 -13.50
C VAL C 29 20.17 -45.22 -13.56
N CYS C 30 20.51 -44.67 -14.72
CA CYS C 30 21.81 -44.00 -14.91
C CYS C 30 21.95 -42.81 -13.97
N ALA C 31 20.89 -42.01 -13.84
CA ALA C 31 20.90 -40.86 -12.94
C ALA C 31 21.18 -41.33 -11.51
N ALA C 32 20.52 -42.40 -11.08
CA ALA C 32 20.70 -42.92 -9.72
C ALA C 32 22.13 -43.42 -9.50
N LYS C 33 22.71 -44.04 -10.53
CA LYS C 33 24.07 -44.56 -10.46
C LYS C 33 25.04 -43.43 -10.11
N PHE C 34 24.93 -42.32 -10.83
CA PHE C 34 25.90 -41.25 -10.68
C PHE C 34 25.53 -40.20 -9.65
N GLU C 35 24.28 -40.19 -9.20
CA GLU C 35 23.88 -39.34 -8.07
C GLU C 35 24.21 -39.98 -6.72
N SER C 36 23.87 -41.26 -6.57
CA SER C 36 23.96 -41.92 -5.26
C SER C 36 24.73 -43.23 -5.23
N ASN C 37 25.19 -43.69 -6.39
CA ASN C 37 25.74 -45.05 -6.52
C ASN C 37 24.74 -46.13 -6.04
N PHE C 38 23.45 -45.88 -6.34
CA PHE C 38 22.34 -46.79 -5.99
C PHE C 38 22.07 -46.92 -4.48
N ASN C 39 22.63 -46.02 -3.68
CA ASN C 39 22.48 -46.04 -2.22
C ASN C 39 21.33 -45.13 -1.74
N THR C 40 20.27 -45.74 -1.22
CA THR C 40 19.10 -45.00 -0.74
C THR C 40 19.42 -44.06 0.44
N GLN C 41 20.51 -44.33 1.13
CA GLN C 41 20.86 -43.55 2.31
C GLN C 41 21.88 -42.43 2.03
N ALA C 42 22.23 -42.24 0.77
CA ALA C 42 23.20 -41.21 0.38
C ALA C 42 22.71 -39.83 0.81
N THR C 43 23.55 -39.09 1.54
CA THR C 43 23.27 -37.71 1.93
C THR C 43 24.55 -36.91 1.75
N ASN C 44 24.43 -35.71 1.19
CA ASN C 44 25.59 -34.90 0.88
C ASN C 44 25.29 -33.42 1.10
N ARG C 45 26.04 -32.79 2.00
CA ARG C 45 25.82 -31.38 2.32
C ARG C 45 26.56 -30.50 1.34
N ASN C 46 25.86 -29.49 0.81
CA ASN C 46 26.46 -28.50 -0.08
C ASN C 46 26.91 -27.26 0.69
N THR C 47 27.75 -26.43 0.05
CA THR C 47 28.34 -25.25 0.70
C THR C 47 27.32 -24.14 0.99
N ASP C 48 26.14 -24.25 0.40
CA ASP C 48 25.08 -23.25 0.56
C ASP C 48 24.16 -23.54 1.75
N GLY C 49 24.50 -24.58 2.52
CA GLY C 49 23.67 -24.95 3.69
C GLY C 49 22.55 -25.94 3.36
N SER C 50 22.40 -26.26 2.08
CA SER C 50 21.41 -27.26 1.67
C SER C 50 22.07 -28.64 1.63
N THR C 51 21.24 -29.68 1.60
CA THR C 51 21.72 -31.07 1.58
C THR C 51 20.91 -31.86 0.54
N ASP C 52 21.59 -32.79 -0.13
CA ASP C 52 20.96 -33.67 -1.12
C ASP C 52 20.75 -35.05 -0.52
N TYR C 53 19.53 -35.58 -0.69
CA TYR C 53 19.10 -36.81 -0.01
C TYR C 53 18.66 -37.94 -0.92
N GLY C 54 19.17 -39.13 -0.62
CA GLY C 54 18.64 -40.36 -1.17
C GLY C 54 19.14 -40.77 -2.55
N ILE C 55 18.46 -41.77 -3.10
CA ILE C 55 18.80 -42.43 -4.36
C ILE C 55 18.94 -41.45 -5.54
N LEU C 56 18.16 -40.38 -5.51
CA LEU C 56 18.19 -39.36 -6.56
C LEU C 56 18.60 -37.98 -6.06
N GLN C 57 19.19 -37.94 -4.86
CA GLN C 57 19.89 -36.76 -4.35
C GLN C 57 19.05 -35.47 -4.46
N ILE C 58 17.87 -35.52 -3.86
CA ILE C 58 16.92 -34.43 -3.92
C ILE C 58 17.32 -33.34 -2.93
N ASN C 59 17.25 -32.09 -3.35
CA ASN C 59 17.82 -30.96 -2.60
C ASN C 59 16.86 -30.34 -1.58
N SER C 60 17.39 -29.93 -0.43
CA SER C 60 16.59 -29.45 0.70
C SER C 60 16.13 -27.98 0.65
N ARG C 61 16.56 -27.24 -0.38
CA ARG C 61 16.13 -25.84 -0.52
C ARG C 61 14.69 -25.72 -0.99
N TRP C 62 14.39 -26.27 -2.17
CA TRP C 62 13.05 -26.18 -2.75
C TRP C 62 12.19 -27.41 -2.57
N TRP C 63 12.81 -28.58 -2.41
CA TRP C 63 12.08 -29.84 -2.66
C TRP C 63 11.64 -30.65 -1.48
N CYS C 64 12.55 -30.94 -0.55
CA CYS C 64 12.16 -31.61 0.69
C CYS C 64 12.58 -30.78 1.89
N ASN C 65 11.96 -31.03 3.03
CA ASN C 65 12.26 -30.30 4.25
C ASN C 65 13.15 -31.08 5.21
N ASP C 66 14.34 -30.54 5.51
CA ASP C 66 15.21 -31.19 6.50
C ASP C 66 15.33 -30.43 7.82
N GLY C 67 14.54 -29.38 7.98
CA GLY C 67 14.51 -28.60 9.23
C GLY C 67 15.77 -27.82 9.57
N ARG C 68 16.70 -27.73 8.63
CA ARG C 68 17.95 -27.00 8.85
C ARG C 68 18.40 -26.12 7.69
N THR C 69 17.60 -26.07 6.63
CA THR C 69 17.94 -25.27 5.45
C THR C 69 17.10 -23.98 5.39
N PRO C 70 17.76 -22.81 5.46
CA PRO C 70 17.07 -21.52 5.33
C PRO C 70 16.37 -21.40 3.98
N GLY C 71 15.20 -20.77 3.97
CA GLY C 71 14.41 -20.56 2.75
C GLY C 71 13.78 -21.83 2.20
N SER C 72 13.48 -22.79 3.08
CA SER C 72 12.86 -24.06 2.69
C SER C 72 11.48 -23.86 2.08
N ARG C 73 11.27 -24.44 0.89
CA ARG C 73 9.98 -24.34 0.19
C ARG C 73 9.19 -25.64 0.23
N ASN C 74 9.87 -26.76 0.41
CA ASN C 74 9.24 -28.08 0.57
C ASN C 74 8.13 -28.35 -0.45
N LEU C 75 8.44 -28.18 -1.73
CA LEU C 75 7.44 -28.36 -2.79
C LEU C 75 6.97 -29.81 -2.93
N CYS C 76 7.80 -30.76 -2.48
CA CYS C 76 7.39 -32.17 -2.47
C CYS C 76 6.57 -32.55 -1.23
N ASN C 77 6.42 -31.61 -0.29
CA ASN C 77 5.65 -31.80 0.94
C ASN C 77 6.05 -33.08 1.68
N ILE C 78 7.35 -33.18 1.97
CA ILE C 78 7.92 -34.40 2.52
C ILE C 78 9.16 -34.05 3.33
N PRO C 79 9.37 -34.73 4.48
CA PRO C 79 10.64 -34.55 5.18
C PRO C 79 11.73 -35.26 4.40
N CYS C 80 12.93 -34.68 4.36
CA CYS C 80 14.03 -35.26 3.60
C CYS C 80 14.42 -36.65 4.10
N SER C 81 14.20 -36.90 5.38
CA SER C 81 14.45 -38.21 6.00
C SER C 81 13.67 -39.34 5.34
N ALA C 82 12.47 -39.03 4.85
CA ALA C 82 11.65 -40.02 4.15
C ALA C 82 12.25 -40.45 2.80
N LEU C 83 13.19 -39.64 2.29
CA LEU C 83 13.84 -39.96 1.02
C LEU C 83 15.01 -40.91 1.22
N LEU C 84 15.27 -41.30 2.46
CA LEU C 84 16.38 -42.19 2.79
C LEU C 84 15.93 -43.63 3.03
N SER C 85 14.64 -43.88 2.81
CA SER C 85 14.03 -45.19 2.99
C SER C 85 14.53 -46.21 1.98
N SER C 86 14.50 -47.49 2.35
CA SER C 86 14.82 -48.57 1.41
C SER C 86 13.70 -48.71 0.36
N ASP C 87 12.49 -48.26 0.73
CA ASP C 87 11.36 -48.15 -0.20
C ASP C 87 11.53 -46.84 -0.99
N ILE C 88 11.59 -46.93 -2.32
CA ILE C 88 11.88 -45.76 -3.15
C ILE C 88 10.67 -44.87 -3.48
N THR C 89 9.50 -45.23 -2.95
CA THR C 89 8.26 -44.48 -3.25
C THR C 89 8.39 -42.96 -3.12
N ALA C 90 8.86 -42.49 -1.96
CA ALA C 90 8.93 -41.06 -1.68
C ALA C 90 9.88 -40.33 -2.64
N SER C 91 11.04 -40.93 -2.91
CA SER C 91 11.98 -40.36 -3.87
C SER C 91 11.40 -40.29 -5.27
N VAL C 92 10.72 -41.35 -5.70
CA VAL C 92 10.07 -41.38 -7.02
C VAL C 92 9.01 -40.29 -7.14
N ASN C 93 8.16 -40.17 -6.11
CA ASN C 93 7.12 -39.13 -6.08
C ASN C 93 7.69 -37.73 -6.20
N CYS C 94 8.74 -37.44 -5.42
CA CYS C 94 9.40 -36.15 -5.48
C CYS C 94 10.16 -35.93 -6.79
N ALA C 95 10.82 -36.97 -7.29
CA ALA C 95 11.49 -36.93 -8.60
C ALA C 95 10.52 -36.60 -9.73
N LYS C 96 9.32 -37.16 -9.66
CA LYS C 96 8.27 -36.87 -10.64
C LYS C 96 7.87 -35.39 -10.63
N LYS C 97 7.83 -34.79 -9.44
CA LYS C 97 7.55 -33.35 -9.32
C LYS C 97 8.70 -32.53 -9.88
N ILE C 98 9.94 -32.89 -9.52
CA ILE C 98 11.14 -32.20 -9.99
C ILE C 98 11.25 -32.21 -11.53
N VAL C 99 11.09 -33.38 -12.13
CA VAL C 99 11.22 -33.53 -13.59
C VAL C 99 10.07 -32.86 -14.36
N SER C 100 9.01 -32.47 -13.64
CA SER C 100 7.86 -31.78 -14.22
C SER C 100 7.96 -30.26 -14.04
N ASP C 101 9.05 -29.81 -13.42
CA ASP C 101 9.22 -28.39 -13.09
C ASP C 101 9.49 -27.48 -14.29
N GLY C 102 9.75 -28.06 -15.45
CA GLY C 102 9.95 -27.26 -16.68
C GLY C 102 11.30 -27.45 -17.33
N ASN C 103 12.19 -28.19 -16.66
CA ASN C 103 13.54 -28.39 -17.15
C ASN C 103 13.93 -29.86 -17.35
N GLY C 104 12.93 -30.75 -17.34
CA GLY C 104 13.17 -32.17 -17.51
C GLY C 104 14.20 -32.71 -16.52
N MET C 105 15.04 -33.63 -16.98
CA MET C 105 16.04 -34.25 -16.10
C MET C 105 17.30 -33.39 -15.94
N ASN C 106 17.34 -32.21 -16.55
CA ASN C 106 18.45 -31.30 -16.35
C ASN C 106 18.57 -30.80 -14.90
N ALA C 107 17.53 -31.05 -14.12
CA ALA C 107 17.56 -30.79 -12.67
C ALA C 107 18.62 -31.64 -11.95
N TRP C 108 19.03 -32.75 -12.56
CA TRP C 108 20.07 -33.61 -12.00
C TRP C 108 21.39 -33.41 -12.67
N VAL C 109 22.34 -32.85 -11.93
CA VAL C 109 23.68 -32.61 -12.48
C VAL C 109 24.43 -33.91 -12.87
N ALA C 110 24.25 -34.99 -12.11
CA ALA C 110 24.93 -36.24 -12.47
C ALA C 110 24.37 -36.82 -13.76
N TRP C 111 23.07 -36.61 -13.99
CA TRP C 111 22.44 -37.05 -15.24
C TRP C 111 22.97 -36.26 -16.40
N ARG C 112 23.02 -34.93 -16.24
CA ARG C 112 23.60 -34.04 -17.26
C ARG C 112 25.02 -34.45 -17.61
N ASN C 113 25.83 -34.75 -16.58
CA ASN C 113 27.26 -34.99 -16.78
C ASN C 113 27.65 -36.39 -17.23
N ARG C 114 26.80 -37.37 -16.93
CA ARG C 114 27.18 -38.77 -17.15
C ARG C 114 26.19 -39.58 -17.99
N CYS C 115 24.97 -39.09 -18.13
CA CYS C 115 23.91 -39.88 -18.76
C CYS C 115 23.36 -39.24 -20.04
N LYS C 116 23.07 -37.94 -19.95
CA LYS C 116 22.47 -37.21 -21.06
C LYS C 116 23.28 -37.39 -22.33
N GLY C 117 22.59 -37.83 -23.38
CA GLY C 117 23.19 -38.02 -24.70
C GLY C 117 24.00 -39.29 -24.86
N THR C 118 24.00 -40.15 -23.84
CA THR C 118 24.70 -41.44 -23.93
C THR C 118 23.70 -42.56 -24.25
N ASP C 119 24.21 -43.77 -24.48
CA ASP C 119 23.34 -44.93 -24.68
C ASP C 119 22.74 -45.36 -23.33
N VAL C 120 21.75 -44.60 -22.85
CA VAL C 120 21.16 -44.83 -21.52
C VAL C 120 20.45 -46.17 -21.37
N GLN C 121 19.98 -46.74 -22.48
CA GLN C 121 19.30 -48.03 -22.49
C GLN C 121 20.22 -49.18 -22.01
N ALA C 122 21.54 -48.97 -22.12
CA ALA C 122 22.52 -49.93 -21.61
C ALA C 122 22.34 -50.19 -20.10
N TRP C 123 21.80 -49.20 -19.39
CA TRP C 123 21.57 -49.33 -17.94
C TRP C 123 20.43 -50.25 -17.59
N ILE C 124 19.60 -50.61 -18.58
CA ILE C 124 18.51 -51.58 -18.35
C ILE C 124 18.66 -52.86 -19.17
N ARG C 125 19.69 -52.93 -20.00
CA ARG C 125 19.92 -54.09 -20.86
C ARG C 125 20.23 -55.33 -20.02
N GLY C 126 19.60 -56.44 -20.39
CA GLY C 126 19.76 -57.70 -19.67
C GLY C 126 18.91 -57.86 -18.42
N CYS C 127 18.17 -56.81 -18.05
CA CYS C 127 17.35 -56.85 -16.84
C CYS C 127 15.98 -57.48 -17.06
N ARG C 128 15.54 -58.27 -16.10
CA ARG C 128 14.17 -58.81 -16.09
C ARG C 128 13.23 -57.68 -15.72
N LEU C 129 12.42 -57.25 -16.68
CA LEU C 129 11.49 -56.13 -16.50
C LEU C 129 10.09 -56.49 -16.94
N GLY D 3 34.53 1.34 -15.24
CA GLY D 3 34.64 0.52 -16.49
C GLY D 3 33.41 -0.33 -16.76
N SER D 4 32.71 -0.70 -15.69
CA SER D 4 31.54 -1.58 -15.75
C SER D 4 30.38 -0.98 -16.54
N VAL D 5 29.99 -1.67 -17.60
CA VAL D 5 28.81 -1.31 -18.40
C VAL D 5 28.13 -2.58 -18.93
N TYR D 6 26.80 -2.65 -18.80
CA TYR D 6 26.08 -3.83 -19.29
C TYR D 6 26.17 -3.93 -20.82
N PRO D 7 26.43 -5.15 -21.34
CA PRO D 7 26.67 -5.35 -22.77
C PRO D 7 25.43 -5.16 -23.61
N LYS D 8 25.66 -4.84 -24.88
CA LYS D 8 24.61 -4.69 -25.88
C LYS D 8 24.10 -6.06 -26.31
N LYS D 9 22.78 -6.19 -26.39
CA LYS D 9 22.12 -7.39 -26.89
C LYS D 9 22.65 -7.80 -28.27
N THR D 10 23.01 -9.06 -28.44
CA THR D 10 23.51 -9.53 -29.73
C THR D 10 22.48 -10.38 -30.48
N HIS D 11 21.65 -11.11 -29.73
CA HIS D 11 20.70 -12.07 -30.29
C HIS D 11 19.37 -12.00 -29.59
N TRP D 12 18.30 -12.14 -30.36
CA TRP D 12 16.98 -12.44 -29.82
C TRP D 12 16.98 -13.86 -29.31
N THR D 13 16.17 -14.14 -28.29
CA THR D 13 16.17 -15.48 -27.67
C THR D 13 15.88 -16.58 -28.68
N ALA D 14 15.03 -16.30 -29.67
CA ALA D 14 14.70 -17.25 -30.72
C ALA D 14 15.87 -17.56 -31.66
N GLU D 15 16.84 -16.66 -31.72
CA GLU D 15 18.04 -16.88 -32.51
C GLU D 15 19.05 -17.81 -31.85
N ILE D 16 18.85 -18.13 -30.57
CA ILE D 16 19.77 -19.03 -29.87
C ILE D 16 19.44 -20.46 -30.32
N THR D 17 20.21 -20.95 -31.29
CA THR D 17 19.99 -22.27 -31.88
C THR D 17 21.24 -23.13 -31.70
N PRO D 18 21.12 -24.46 -31.87
CA PRO D 18 22.26 -25.36 -31.69
C PRO D 18 23.49 -25.02 -32.53
N ASN D 19 23.29 -24.50 -33.75
CA ASN D 19 24.44 -24.14 -34.60
C ASN D 19 25.22 -22.90 -34.14
N LEU D 20 24.79 -22.31 -33.02
CA LEU D 20 25.58 -21.27 -32.36
C LEU D 20 26.51 -21.83 -31.29
N HIS D 21 26.56 -23.17 -31.20
CA HIS D 21 27.42 -23.82 -30.21
C HIS D 21 28.78 -23.20 -30.16
N GLY D 22 29.19 -22.75 -28.98
CA GLY D 22 30.51 -22.19 -28.78
C GLY D 22 30.63 -20.70 -29.01
N THR D 23 29.53 -20.06 -29.39
CA THR D 23 29.51 -18.62 -29.65
C THR D 23 29.13 -17.85 -28.39
N GLU D 24 29.86 -16.79 -28.10
CA GLU D 24 29.49 -15.87 -27.04
C GLU D 24 28.36 -14.95 -27.51
N VAL D 25 27.30 -14.86 -26.71
CA VAL D 25 26.12 -14.09 -27.09
C VAL D 25 25.67 -13.23 -25.91
N VAL D 26 24.88 -12.21 -26.23
CA VAL D 26 24.22 -11.42 -25.20
C VAL D 26 22.72 -11.44 -25.49
N VAL D 27 21.95 -11.97 -24.54
CA VAL D 27 20.50 -11.93 -24.61
C VAL D 27 19.96 -10.93 -23.59
N ALA D 28 18.81 -10.35 -23.90
CA ALA D 28 18.19 -9.36 -23.02
C ALA D 28 16.69 -9.53 -23.08
N GLY D 29 16.05 -9.47 -21.91
CA GLY D 29 14.61 -9.64 -21.79
C GLY D 29 14.24 -9.81 -20.34
N TRP D 30 13.19 -10.58 -20.08
CA TRP D 30 12.71 -10.79 -18.72
C TRP D 30 12.82 -12.22 -18.29
N VAL D 31 12.82 -12.45 -16.98
CA VAL D 31 12.87 -13.78 -16.41
C VAL D 31 11.52 -14.49 -16.60
N ALA D 32 11.51 -15.52 -17.42
CA ALA D 32 10.31 -16.32 -17.69
C ALA D 32 10.05 -17.31 -16.57
N SER D 33 11.11 -17.94 -16.07
CA SER D 33 11.02 -18.87 -14.97
C SER D 33 12.36 -19.07 -14.28
N LEU D 34 12.29 -19.62 -13.07
CA LEU D 34 13.47 -19.93 -12.28
C LEU D 34 13.35 -21.36 -11.80
N GLY D 35 14.47 -22.09 -11.83
CA GLY D 35 14.53 -23.45 -11.32
C GLY D 35 15.71 -23.59 -10.39
N ASP D 36 15.46 -24.06 -9.18
CA ASP D 36 16.53 -24.27 -8.21
C ASP D 36 16.51 -25.72 -7.73
N TYR D 37 17.49 -26.49 -8.20
CA TYR D 37 17.54 -27.92 -7.89
C TYR D 37 18.74 -28.27 -7.02
N GLY D 38 19.36 -27.24 -6.45
CA GLY D 38 20.57 -27.37 -5.65
C GLY D 38 21.80 -27.06 -6.48
N ARG D 39 22.51 -28.11 -6.88
CA ARG D 39 23.73 -27.99 -7.68
C ARG D 39 23.48 -27.38 -9.06
N VAL D 40 22.29 -27.60 -9.60
CA VAL D 40 21.88 -26.98 -10.86
C VAL D 40 20.80 -25.94 -10.58
N LYS D 41 21.02 -24.73 -11.10
CA LYS D 41 20.02 -23.68 -11.10
C LYS D 41 19.82 -23.19 -12.54
N ILE D 42 18.58 -22.88 -12.91
CA ILE D 42 18.27 -22.45 -14.28
C ILE D 42 17.40 -21.20 -14.30
N VAL D 43 17.78 -20.24 -15.11
CA VAL D 43 16.93 -19.10 -15.39
C VAL D 43 16.61 -19.10 -16.89
N LYS D 44 15.32 -18.98 -17.18
CA LYS D 44 14.84 -18.89 -18.55
C LYS D 44 14.52 -17.45 -18.86
N VAL D 45 15.03 -16.98 -19.99
CA VAL D 45 14.83 -15.59 -20.40
C VAL D 45 14.01 -15.55 -21.68
N SER D 46 13.00 -14.66 -21.71
CA SER D 46 12.18 -14.46 -22.90
C SER D 46 12.25 -13.00 -23.32
N ASP D 47 12.11 -12.74 -24.62
CA ASP D 47 12.05 -11.36 -25.10
C ASP D 47 10.84 -11.10 -26.00
N ARG D 48 9.95 -12.08 -26.10
CA ARG D 48 8.68 -11.95 -26.83
C ARG D 48 7.59 -12.65 -26.03
N GLU D 49 6.35 -12.21 -26.16
CA GLU D 49 5.23 -12.95 -25.61
C GLU D 49 4.96 -14.17 -26.49
N GLY D 50 4.72 -15.33 -25.86
CA GLY D 50 4.52 -16.59 -26.56
C GLY D 50 5.72 -17.00 -27.41
N GLY D 51 6.91 -16.65 -26.93
CA GLY D 51 8.15 -16.89 -27.68
C GLY D 51 9.03 -17.91 -26.97
N ALA D 52 10.30 -17.94 -27.37
CA ALA D 52 11.29 -18.81 -26.75
C ALA D 52 11.52 -18.40 -25.30
N ALA D 53 11.94 -19.37 -24.49
CA ALA D 53 12.44 -19.09 -23.16
C ALA D 53 13.78 -19.80 -23.09
N VAL D 54 14.86 -19.08 -23.39
CA VAL D 54 16.19 -19.69 -23.47
C VAL D 54 16.75 -20.00 -22.08
N SER D 55 17.27 -21.22 -21.93
CA SER D 55 17.75 -21.69 -20.64
C SER D 55 19.18 -21.25 -20.38
N VAL D 56 19.36 -20.57 -19.25
CA VAL D 56 20.68 -20.18 -18.76
C VAL D 56 21.01 -21.06 -17.56
N TYR D 57 22.06 -21.87 -17.70
CA TYR D 57 22.43 -22.87 -16.69
CA TYR D 57 22.42 -22.87 -16.68
C TYR D 57 23.56 -22.44 -15.77
N LEU D 58 23.35 -22.61 -14.48
CA LEU D 58 24.37 -22.38 -13.46
C LEU D 58 24.61 -23.73 -12.76
N GLU D 59 25.87 -24.14 -12.68
CA GLU D 59 26.21 -25.42 -12.11
C GLU D 59 27.32 -25.22 -11.09
N TYR D 60 27.11 -25.70 -9.87
CA TYR D 60 28.13 -25.53 -8.82
C TYR D 60 29.46 -26.10 -9.27
N GLY D 61 30.53 -25.34 -9.05
CA GLY D 61 31.89 -25.77 -9.38
C GLY D 61 32.29 -25.51 -10.82
N LYS D 62 31.35 -25.05 -11.62
CA LYS D 62 31.59 -24.72 -13.03
C LYS D 62 31.32 -23.23 -13.24
N THR D 63 30.13 -22.80 -12.82
CA THR D 63 29.71 -21.40 -12.86
C THR D 63 30.40 -20.58 -11.78
N PRO D 64 30.91 -19.38 -12.11
CA PRO D 64 31.53 -18.50 -11.11
C PRO D 64 30.58 -18.22 -9.95
N ASP D 65 31.10 -18.27 -8.73
CA ASP D 65 30.28 -18.17 -7.54
C ASP D 65 29.53 -16.86 -7.41
N HIS D 66 30.09 -15.76 -7.93
CA HIS D 66 29.40 -14.47 -7.88
C HIS D 66 28.10 -14.47 -8.65
N LEU D 67 28.01 -15.33 -9.65
CA LEU D 67 26.78 -15.48 -10.43
C LEU D 67 25.63 -16.13 -9.66
N PHE D 68 25.96 -17.03 -8.74
CA PHE D 68 24.94 -17.62 -7.87
C PHE D 68 24.33 -16.59 -6.93
N LYS D 69 25.15 -15.61 -6.52
CA LYS D 69 24.67 -14.49 -5.70
C LYS D 69 23.66 -13.65 -6.49
N VAL D 70 23.98 -13.36 -7.75
CA VAL D 70 23.03 -12.67 -8.64
C VAL D 70 21.76 -13.51 -8.81
N PHE D 71 21.92 -14.82 -8.97
CA PHE D 71 20.76 -15.72 -9.13
C PHE D 71 19.77 -15.59 -7.96
N ALA D 72 20.31 -15.56 -6.74
CA ALA D 72 19.51 -15.44 -5.52
C ALA D 72 18.68 -14.15 -5.47
N GLU D 73 19.10 -13.14 -6.20
CA GLU D 73 18.39 -11.87 -6.28
C GLU D 73 17.29 -11.85 -7.33
N LEU D 74 17.31 -12.85 -8.23
CA LEU D 74 16.37 -12.93 -9.35
C LEU D 74 14.94 -13.27 -8.95
N SER D 75 13.99 -12.59 -9.60
CA SER D 75 12.55 -12.90 -9.50
C SER D 75 11.96 -12.97 -10.90
N ARG D 76 10.85 -13.68 -11.06
CA ARG D 76 10.13 -13.68 -12.32
C ARG D 76 9.78 -12.25 -12.72
N GLU D 77 9.84 -11.98 -14.02
CA GLU D 77 9.56 -10.65 -14.61
C GLU D 77 10.69 -9.63 -14.50
N ASP D 78 11.73 -9.92 -13.70
CA ASP D 78 12.93 -9.06 -13.65
C ASP D 78 13.51 -8.89 -15.06
N VAL D 79 13.93 -7.67 -15.39
CA VAL D 79 14.53 -7.38 -16.69
C VAL D 79 16.04 -7.58 -16.56
N VAL D 80 16.58 -8.45 -17.41
CA VAL D 80 17.98 -8.86 -17.29
C VAL D 80 18.74 -8.78 -18.62
N VAL D 81 20.06 -8.75 -18.51
CA VAL D 81 20.96 -8.86 -19.64
C VAL D 81 21.96 -9.95 -19.24
N ILE D 82 22.09 -10.97 -20.09
CA ILE D 82 22.95 -12.09 -19.78
C ILE D 82 23.95 -12.30 -20.91
N LYS D 83 25.22 -12.37 -20.56
CA LYS D 83 26.27 -12.72 -21.51
C LYS D 83 26.75 -14.13 -21.19
N GLY D 84 26.96 -14.92 -22.23
CA GLY D 84 27.44 -16.29 -22.03
C GLY D 84 27.71 -17.03 -23.32
N ILE D 85 28.09 -18.30 -23.19
CA ILE D 85 28.45 -19.12 -24.34
C ILE D 85 27.33 -20.09 -24.66
N VAL D 86 26.92 -20.13 -25.91
CA VAL D 86 25.88 -21.07 -26.36
C VAL D 86 26.45 -22.49 -26.32
N GLU D 87 25.68 -23.40 -25.72
CA GLU D 87 26.02 -24.81 -25.72
C GLU D 87 24.84 -25.65 -26.20
N ALA D 88 25.04 -26.34 -27.31
CA ALA D 88 24.01 -27.23 -27.86
C ALA D 88 23.90 -28.48 -26.99
N SER D 89 22.66 -28.91 -26.74
CA SER D 89 22.38 -30.05 -25.86
C SER D 89 23.07 -31.33 -26.32
N LYS D 90 23.51 -32.12 -25.34
CA LYS D 90 24.17 -33.41 -25.60
C LYS D 90 23.18 -34.47 -26.08
N ALA D 91 21.91 -34.35 -25.65
CA ALA D 91 20.86 -35.30 -26.02
C ALA D 91 20.47 -35.19 -27.49
N GLY D 98 17.99 -29.05 -28.65
CA GLY D 98 18.20 -28.50 -27.31
C GLY D 98 19.38 -27.54 -27.28
N VAL D 99 19.21 -26.44 -26.55
CA VAL D 99 20.25 -25.42 -26.45
C VAL D 99 20.21 -24.72 -25.09
N GLU D 100 21.38 -24.30 -24.61
CA GLU D 100 21.54 -23.63 -23.33
C GLU D 100 22.59 -22.55 -23.43
N ILE D 101 22.61 -21.65 -22.46
CA ILE D 101 23.65 -20.64 -22.33
C ILE D 101 24.39 -20.81 -21.00
N PHE D 102 25.71 -20.89 -21.08
CA PHE D 102 26.56 -20.94 -19.88
C PHE D 102 27.03 -19.51 -19.64
N PRO D 103 26.52 -18.86 -18.58
CA PRO D 103 26.69 -17.42 -18.39
C PRO D 103 28.04 -17.01 -17.81
N SER D 104 28.55 -15.88 -18.26
CA SER D 104 29.69 -15.21 -17.64
C SER D 104 29.23 -13.94 -16.92
N GLU D 105 28.12 -13.36 -17.39
CA GLU D 105 27.57 -12.17 -16.75
C GLU D 105 26.06 -12.24 -16.62
N ILE D 106 25.54 -11.87 -15.46
CA ILE D 106 24.10 -11.67 -15.30
C ILE D 106 23.84 -10.29 -14.72
N TRP D 107 23.17 -9.44 -15.50
CA TRP D 107 22.87 -8.07 -15.11
C TRP D 107 21.40 -7.92 -14.87
N ILE D 108 21.03 -7.44 -13.69
CA ILE D 108 19.63 -7.10 -13.42
C ILE D 108 19.44 -5.62 -13.68
N LEU D 109 18.67 -5.29 -14.72
CA LEU D 109 18.40 -3.90 -15.10
C LEU D 109 17.33 -3.26 -14.23
N ASN D 110 16.28 -4.01 -13.92
CA ASN D 110 15.27 -3.60 -12.95
C ASN D 110 14.42 -4.76 -12.43
N LYS D 111 14.03 -4.68 -11.16
CA LYS D 111 13.22 -5.71 -10.53
C LYS D 111 11.73 -5.38 -10.57
N ALA D 112 10.90 -6.39 -10.28
CA ALA D 112 9.46 -6.22 -10.03
C ALA D 112 8.74 -5.31 -11.04
N LYS E 1 10.38 -1.71 43.40
CA LYS E 1 10.45 -2.82 42.40
C LYS E 1 11.23 -2.38 41.18
N VAL E 2 12.15 -3.23 40.72
CA VAL E 2 12.81 -3.04 39.44
C VAL E 2 12.16 -4.00 38.45
N PHE E 3 11.44 -3.45 37.48
CA PHE E 3 10.80 -4.23 36.43
C PHE E 3 11.83 -4.76 35.43
N GLY E 4 11.55 -5.92 34.85
CA GLY E 4 12.24 -6.32 33.63
C GLY E 4 11.54 -5.67 32.44
N ARG E 5 12.22 -5.65 31.30
CA ARG E 5 11.72 -4.98 30.10
C ARG E 5 10.36 -5.49 29.64
N CYS E 6 10.26 -6.79 29.40
CA CYS E 6 9.03 -7.39 28.89
C CYS E 6 7.93 -7.44 29.94
N GLU E 7 8.33 -7.56 31.20
CA GLU E 7 7.39 -7.47 32.33
C GLU E 7 6.69 -6.11 32.36
N LEU E 8 7.48 -5.04 32.24
CA LEU E 8 6.92 -3.70 32.18
C LEU E 8 6.08 -3.46 30.93
N ALA E 9 6.56 -3.96 29.79
CA ALA E 9 5.82 -3.86 28.53
C ALA E 9 4.41 -4.43 28.70
N ALA E 10 4.31 -5.62 29.28
CA ALA E 10 3.00 -6.24 29.52
C ALA E 10 2.13 -5.43 30.49
N ALA E 11 2.74 -4.91 31.55
CA ALA E 11 2.01 -4.11 32.55
C ALA E 11 1.50 -2.81 31.95
N MET E 12 2.35 -2.12 31.18
CA MET E 12 1.95 -0.88 30.50
C MET E 12 0.84 -1.12 29.47
N LYS E 13 0.91 -2.25 28.78
CA LYS E 13 -0.15 -2.68 27.85
C LYS E 13 -1.48 -2.88 28.61
N ARG E 14 -1.43 -3.57 29.74
CA ARG E 14 -2.61 -3.81 30.59
C ARG E 14 -3.24 -2.52 31.09
N HIS E 15 -2.40 -1.53 31.41
CA HIS E 15 -2.88 -0.24 31.91
C HIS E 15 -3.21 0.73 30.82
N GLY E 16 -3.22 0.25 29.58
CA GLY E 16 -3.73 0.99 28.44
C GLY E 16 -2.83 2.05 27.82
N LEU E 17 -1.53 1.88 27.91
CA LEU E 17 -0.60 2.86 27.35
C LEU E 17 -0.31 2.70 25.87
N ASP E 18 -0.53 1.50 25.33
CA ASP E 18 -0.26 1.25 23.92
C ASP E 18 -1.15 2.12 23.05
N ASN E 19 -0.51 2.97 22.24
CA ASN E 19 -1.19 3.95 21.41
C ASN E 19 -1.93 5.07 22.16
N TYR E 20 -1.65 5.24 23.44
CA TYR E 20 -2.24 6.36 24.18
C TYR E 20 -1.69 7.67 23.65
N ARG E 21 -2.59 8.58 23.27
CA ARG E 21 -2.25 9.84 22.58
C ARG E 21 -1.39 9.61 21.34
N GLY E 22 -1.57 8.46 20.70
CA GLY E 22 -0.83 8.12 19.49
C GLY E 22 0.57 7.56 19.70
N TYR E 23 0.94 7.30 20.95
CA TYR E 23 2.28 6.77 21.24
C TYR E 23 2.27 5.25 21.49
N SER E 24 2.90 4.52 20.56
CA SER E 24 3.00 3.06 20.67
C SER E 24 3.73 2.63 21.95
N LEU E 25 3.42 1.41 22.40
CA LEU E 25 3.93 0.88 23.67
C LEU E 25 5.44 1.02 23.85
N GLY E 26 6.20 0.83 22.79
CA GLY E 26 7.67 0.95 22.84
C GLY E 26 8.17 2.29 23.36
N ASN E 27 7.47 3.36 23.01
CA ASN E 27 7.77 4.70 23.54
C ASN E 27 7.77 4.75 25.06
N TRP E 28 6.75 4.14 25.67
CA TRP E 28 6.59 4.16 27.13
C TRP E 28 7.62 3.31 27.84
N VAL E 29 7.92 2.16 27.27
CA VAL E 29 8.95 1.27 27.84
C VAL E 29 10.32 1.96 27.75
N CYS E 30 10.63 2.52 26.58
CA CYS E 30 11.89 3.25 26.38
C CYS E 30 12.00 4.43 27.34
N ALA E 31 10.92 5.19 27.49
CA ALA E 31 10.90 6.33 28.40
C ALA E 31 11.23 5.89 29.82
N ALA E 32 10.60 4.82 30.28
CA ALA E 32 10.82 4.30 31.63
C ALA E 32 12.27 3.86 31.83
N LYS E 33 12.86 3.28 30.78
CA LYS E 33 14.25 2.82 30.85
C LYS E 33 15.19 3.98 31.14
N PHE E 34 15.03 5.09 30.40
CA PHE E 34 15.97 6.21 30.53
C PHE E 34 15.56 7.23 31.60
N GLU E 35 14.31 7.19 32.03
CA GLU E 35 13.88 8.00 33.18
C GLU E 35 14.27 7.38 34.53
N SER E 36 14.03 6.08 34.69
CA SER E 36 14.16 5.45 36.01
C SER E 36 14.97 4.15 36.03
N ASN E 37 15.40 3.72 34.85
CA ASN E 37 16.00 2.38 34.71
C ASN E 37 15.04 1.28 35.21
N PHE E 38 13.74 1.48 34.97
CA PHE E 38 12.67 0.51 35.34
C PHE E 38 12.43 0.37 36.85
N ASN E 39 12.94 1.33 37.62
CA ASN E 39 12.87 1.29 39.09
C ASN E 39 11.71 2.14 39.59
N THR E 40 10.68 1.50 40.16
CA THR E 40 9.49 2.20 40.66
C THR E 40 9.80 3.15 41.81
N GLN E 41 10.91 2.93 42.50
CA GLN E 41 11.26 3.73 43.67
C GLN E 41 12.23 4.87 43.36
N ALA E 42 12.54 5.06 42.08
CA ALA E 42 13.47 6.11 41.66
C ALA E 42 12.98 7.48 42.12
N THR E 43 13.83 8.21 42.83
CA THR E 43 13.52 9.54 43.32
C THR E 43 14.72 10.44 43.07
N ASN E 44 14.51 11.59 42.44
CA ASN E 44 15.60 12.51 42.14
C ASN E 44 15.26 13.98 42.36
N ARG E 45 15.98 14.62 43.27
CA ARG E 45 15.78 16.05 43.58
C ARG E 45 16.45 16.95 42.54
N ASN E 46 15.69 17.94 42.04
CA ASN E 46 16.24 18.94 41.14
C ASN E 46 16.70 20.19 41.90
N THR E 47 17.51 21.02 41.25
CA THR E 47 18.06 22.23 41.87
C THR E 47 17.02 23.32 42.17
N ASP E 48 15.83 23.17 41.58
CA ASP E 48 14.76 24.14 41.74
C ASP E 48 13.84 23.83 42.93
N GLY E 49 14.24 22.86 43.74
CA GLY E 49 13.45 22.45 44.91
C GLY E 49 12.38 21.41 44.62
N SER E 50 12.20 21.06 43.35
CA SER E 50 11.25 20.02 42.98
C SER E 50 11.94 18.66 42.92
N THR E 51 11.14 17.59 42.93
CA THR E 51 11.68 16.24 42.88
C THR E 51 10.90 15.42 41.84
N ASP E 52 11.60 14.50 41.17
CA ASP E 52 10.96 13.59 40.19
C ASP E 52 10.78 12.20 40.80
N TYR E 53 9.59 11.64 40.61
CA TYR E 53 9.17 10.44 41.34
C TYR E 53 8.79 9.26 40.45
N GLY E 54 9.37 8.11 40.76
CA GLY E 54 8.87 6.84 40.23
C GLY E 54 9.36 6.44 38.86
N ILE E 55 8.70 5.42 38.31
CA ILE E 55 9.11 4.78 37.06
C ILE E 55 9.12 5.73 35.85
N LEU E 56 8.27 6.76 35.87
CA LEU E 56 8.26 7.76 34.80
C LEU E 56 8.65 9.16 35.28
N GLN E 57 9.26 9.22 36.47
CA GLN E 57 9.89 10.44 36.99
C GLN E 57 9.02 11.68 36.91
N ILE E 58 7.85 11.60 37.55
CA ILE E 58 6.87 12.67 37.49
C ILE E 58 7.28 13.77 38.48
N ASN E 59 7.18 15.02 38.03
CA ASN E 59 7.72 16.16 38.76
C ASN E 59 6.77 16.75 39.80
N SER E 60 7.31 17.15 40.95
CA SER E 60 6.53 17.61 42.09
C SER E 60 6.00 19.07 42.01
N ARG E 61 6.33 19.79 40.94
CA ARG E 61 5.85 21.17 40.81
C ARG E 61 4.38 21.24 40.38
N TRP E 62 4.10 20.74 39.17
CA TRP E 62 2.75 20.77 38.60
C TRP E 62 1.93 19.54 38.85
N TRP E 63 2.59 18.39 39.04
CA TRP E 63 1.90 17.11 38.85
C TRP E 63 1.51 16.30 40.05
N CYS E 64 2.45 16.07 40.97
CA CYS E 64 2.15 15.37 42.22
C CYS E 64 2.55 16.22 43.43
N ASN E 65 1.96 15.94 44.59
CA ASN E 65 2.25 16.69 45.81
C ASN E 65 3.20 15.96 46.75
N ASP E 66 4.37 16.53 47.00
CA ASP E 66 5.30 15.93 47.95
C ASP E 66 5.45 16.69 49.26
N GLY E 67 4.63 17.72 49.43
CA GLY E 67 4.60 18.49 50.68
C GLY E 67 5.83 19.33 50.99
N ARG E 68 6.73 19.48 50.02
CA ARG E 68 7.95 20.27 50.21
C ARG E 68 8.31 21.14 49.01
N THR E 69 7.49 21.12 47.98
CA THR E 69 7.76 21.89 46.77
C THR E 69 6.88 23.13 46.69
N PRO E 70 7.50 24.33 46.73
CA PRO E 70 6.78 25.59 46.56
C PRO E 70 6.03 25.65 45.24
N GLY E 71 4.83 26.22 45.26
CA GLY E 71 4.02 26.38 44.06
C GLY E 71 3.42 25.09 43.53
N SER E 72 3.17 24.14 44.43
CA SER E 72 2.57 22.84 44.09
C SER E 72 1.17 23.02 43.50
N ARG E 73 0.95 22.47 42.32
CA ARG E 73 -0.37 22.49 41.68
C ARG E 73 -1.10 21.17 41.84
N ASN E 74 -0.35 20.09 42.04
CA ASN E 74 -0.91 18.74 42.19
C ASN E 74 -2.03 18.41 41.20
N LEU E 75 -1.76 18.61 39.91
CA LEU E 75 -2.77 18.36 38.86
C LEU E 75 -3.21 16.90 38.74
N CYS E 76 -2.36 15.96 39.15
CA CYS E 76 -2.73 14.55 39.18
C CYS E 76 -3.51 14.18 40.45
N ASN E 77 -3.65 15.14 41.37
CA ASN E 77 -4.32 14.94 42.66
C ASN E 77 -3.82 13.66 43.36
N ILE E 78 -2.51 13.59 43.54
CA ILE E 78 -1.88 12.39 44.08
C ILE E 78 -0.66 12.79 44.90
N PRO E 79 -0.46 12.13 46.07
CA PRO E 79 0.80 12.31 46.78
C PRO E 79 1.91 11.65 45.97
N CYS E 80 3.08 12.28 45.91
CA CYS E 80 4.19 11.77 45.10
C CYS E 80 4.64 10.39 45.61
N SER E 81 4.44 10.14 46.90
CA SER E 81 4.78 8.85 47.50
C SER E 81 4.01 7.68 46.87
N ALA E 82 2.79 7.96 46.39
CA ALA E 82 1.97 6.96 45.71
C ALA E 82 2.54 6.52 44.36
N LEU E 83 3.43 7.37 43.80
CA LEU E 83 4.06 7.05 42.52
C LEU E 83 5.30 6.18 42.72
N LEU E 84 5.54 5.74 43.95
CA LEU E 84 6.69 4.91 44.24
C LEU E 84 6.34 3.44 44.50
N SER E 85 5.08 3.06 44.32
CA SER E 85 4.64 1.70 44.61
C SER E 85 5.05 0.71 43.52
N SER E 86 5.02 -0.57 43.86
CA SER E 86 5.32 -1.64 42.90
C SER E 86 4.22 -1.77 41.84
N ASP E 87 3.02 -1.32 42.19
CA ASP E 87 1.89 -1.22 41.28
C ASP E 87 2.02 0.08 40.49
N ILE E 88 2.02 -0.01 39.17
CA ILE E 88 2.25 1.18 38.33
C ILE E 88 1.01 2.04 38.08
N THR E 89 -0.14 1.63 38.62
CA THR E 89 -1.41 2.31 38.36
C THR E 89 -1.33 3.84 38.52
N ALA E 90 -0.81 4.30 39.66
CA ALA E 90 -0.79 5.73 39.96
C ALA E 90 0.11 6.51 38.97
N SER E 91 1.28 5.97 38.67
CA SER E 91 2.18 6.58 37.68
C SER E 91 1.55 6.63 36.29
N VAL E 92 0.91 5.54 35.88
CA VAL E 92 0.25 5.50 34.57
C VAL E 92 -0.87 6.53 34.48
N ASN E 93 -1.71 6.61 35.52
CA ASN E 93 -2.82 7.57 35.56
C ASN E 93 -2.30 9.01 35.41
N CYS E 94 -1.24 9.33 36.15
CA CYS E 94 -0.65 10.66 36.10
C CYS E 94 0.08 10.91 34.78
N ALA E 95 0.81 9.91 34.29
CA ALA E 95 1.47 10.00 32.98
C ALA E 95 0.48 10.25 31.85
N LYS E 96 -0.69 9.60 31.94
CA LYS E 96 -1.77 9.85 30.99
C LYS E 96 -2.23 11.31 31.03
N LYS E 97 -2.29 11.92 32.22
CA LYS E 97 -2.63 13.34 32.34
C LYS E 97 -1.54 14.23 31.73
N ILE E 98 -0.29 13.95 32.08
CA ILE E 98 0.87 14.69 31.59
C ILE E 98 0.94 14.69 30.05
N VAL E 99 0.82 13.51 29.45
CA VAL E 99 0.93 13.36 27.99
C VAL E 99 -0.23 14.00 27.23
N SER E 100 -1.30 14.34 27.95
CA SER E 100 -2.46 14.98 27.36
C SER E 100 -2.44 16.50 27.57
N ASP E 101 -1.33 17.01 28.12
CA ASP E 101 -1.22 18.41 28.50
C ASP E 101 -1.04 19.38 27.31
N GLY E 102 -0.71 18.84 26.14
CA GLY E 102 -0.54 19.65 24.92
C GLY E 102 0.79 19.48 24.21
N ASN E 103 1.72 18.75 24.84
CA ASN E 103 3.06 18.57 24.27
C ASN E 103 3.47 17.11 24.11
N GLY E 104 2.50 16.20 24.16
CA GLY E 104 2.77 14.77 24.00
C GLY E 104 3.84 14.28 24.95
N MET E 105 4.69 13.39 24.46
CA MET E 105 5.72 12.77 25.29
C MET E 105 6.95 13.66 25.49
N ASN E 106 6.93 14.86 24.88
CA ASN E 106 8.00 15.84 25.05
C ASN E 106 8.13 16.34 26.48
N ALA E 107 7.14 16.06 27.31
CA ALA E 107 7.19 16.27 28.75
C ALA E 107 8.31 15.49 29.44
N TRP E 108 8.77 14.41 28.79
CA TRP E 108 9.83 13.57 29.33
C TRP E 108 11.14 13.81 28.63
N VAL E 109 12.09 14.40 29.35
CA VAL E 109 13.40 14.72 28.80
C VAL E 109 14.17 13.45 28.36
N ALA E 110 14.04 12.36 29.12
CA ALA E 110 14.76 11.13 28.77
C ALA E 110 14.19 10.51 27.50
N TRP E 111 12.88 10.62 27.31
CA TRP E 111 12.26 10.17 26.07
C TRP E 111 12.72 11.01 24.89
N ARG E 112 12.74 12.32 25.05
CA ARG E 112 13.26 13.23 24.02
C ARG E 112 14.70 12.89 23.63
N ASN E 113 15.54 12.63 24.63
CA ASN E 113 16.98 12.46 24.41
C ASN E 113 17.41 11.08 23.98
N ARG E 114 16.63 10.05 24.33
CA ARG E 114 17.05 8.68 24.12
C ARG E 114 16.07 7.83 23.30
N CYS E 115 14.83 8.31 23.16
CA CYS E 115 13.80 7.48 22.54
C CYS E 115 13.25 8.07 21.26
N LYS E 116 12.92 9.36 21.30
CA LYS E 116 12.27 10.05 20.19
C LYS E 116 13.06 9.86 18.91
N GLY E 117 12.39 9.40 17.86
CA GLY E 117 13.02 9.19 16.56
C GLY E 117 13.90 7.96 16.42
N THR E 118 13.89 7.10 17.44
CA THR E 118 14.61 5.83 17.35
C THR E 118 13.62 4.72 17.04
N ASP E 119 14.14 3.51 16.82
CA ASP E 119 13.33 2.31 16.64
C ASP E 119 12.77 1.87 18.00
N VAL E 120 11.78 2.62 18.50
CA VAL E 120 11.20 2.37 19.83
C VAL E 120 10.52 1.00 19.98
N GLN E 121 10.04 0.44 18.87
CA GLN E 121 9.44 -0.90 18.85
C GLN E 121 10.41 -2.00 19.32
N ALA E 122 11.70 -1.73 19.21
CA ALA E 122 12.74 -2.64 19.70
C ALA E 122 12.60 -2.92 21.19
N TRP E 123 12.00 -1.96 21.91
CA TRP E 123 11.78 -2.12 23.35
C TRP E 123 10.70 -3.10 23.72
N ILE E 124 9.86 -3.48 22.76
CA ILE E 124 8.82 -4.49 23.01
C ILE E 124 9.00 -5.76 22.17
N ARG E 125 10.01 -5.77 21.32
CA ARG E 125 10.34 -6.91 20.47
C ARG E 125 10.67 -8.14 21.32
N GLY E 126 10.06 -9.27 21.00
CA GLY E 126 10.27 -10.53 21.75
C GLY E 126 9.43 -10.68 23.00
N CYS E 127 8.65 -9.65 23.35
CA CYS E 127 7.84 -9.70 24.57
C CYS E 127 6.49 -10.37 24.34
N ARG E 128 6.07 -11.17 25.31
CA ARG E 128 4.73 -11.75 25.30
C ARG E 128 3.74 -10.66 25.73
N LEU E 129 2.85 -10.29 24.81
CA LEU E 129 1.90 -9.21 25.03
C LEU E 129 0.49 -9.63 24.63
N ALA F 1 9.77 47.59 28.71
CA ALA F 1 10.10 47.38 27.26
C ALA F 1 10.84 48.57 26.66
N MET F 2 10.54 49.77 27.15
CA MET F 2 11.09 51.02 26.62
C MET F 2 12.60 51.13 26.87
N GLY F 3 13.38 51.11 25.78
CA GLY F 3 14.83 51.23 25.84
C GLY F 3 15.60 49.94 26.08
N SER F 4 14.87 48.84 26.28
CA SER F 4 15.48 47.54 26.52
C SER F 4 15.97 46.90 25.21
N VAL F 5 17.05 46.13 25.31
CA VAL F 5 17.80 45.67 24.13
C VAL F 5 17.36 44.29 23.59
N TYR F 6 16.05 44.07 23.50
CA TYR F 6 15.54 42.88 22.82
C TYR F 6 15.84 42.98 21.32
N PRO F 7 16.15 41.84 20.66
CA PRO F 7 16.48 41.90 19.23
C PRO F 7 15.24 42.08 18.34
N LYS F 8 15.49 42.45 17.07
CA LYS F 8 14.42 42.63 16.10
C LYS F 8 13.98 41.27 15.56
N LYS F 9 12.67 41.10 15.41
CA LYS F 9 12.08 39.90 14.83
C LYS F 9 12.64 39.59 13.44
N THR F 10 12.99 38.32 13.21
CA THR F 10 13.49 37.88 11.90
C THR F 10 12.48 37.02 11.13
N HIS F 11 11.61 36.33 11.85
CA HIS F 11 10.68 35.36 11.25
C HIS F 11 9.34 35.42 11.92
N TRP F 12 8.29 35.27 11.12
CA TRP F 12 6.95 34.99 11.63
C TRP F 12 6.91 33.58 12.12
N THR F 13 6.06 33.29 13.11
CA THR F 13 5.99 31.93 13.66
C THR F 13 5.64 30.89 12.58
N ALA F 14 4.82 31.28 11.61
CA ALA F 14 4.47 30.39 10.48
C ALA F 14 5.64 30.05 9.56
N GLU F 15 6.67 30.88 9.58
CA GLU F 15 7.89 30.61 8.82
C GLU F 15 8.81 29.58 9.48
N ILE F 16 8.57 29.24 10.75
CA ILE F 16 9.43 28.27 11.44
C ILE F 16 9.07 26.86 11.01
N THR F 17 9.86 26.32 10.10
CA THR F 17 9.58 25.02 9.50
C THR F 17 10.79 24.09 9.70
N PRO F 18 10.58 22.75 9.63
CA PRO F 18 11.69 21.80 9.83
C PRO F 18 12.92 22.06 8.96
N ASN F 19 12.72 22.53 7.73
CA ASN F 19 13.86 22.80 6.86
C ASN F 19 14.65 24.06 7.23
N LEU F 20 14.27 24.71 8.33
CA LEU F 20 15.09 25.76 8.93
C LEU F 20 16.02 25.24 10.04
N HIS F 21 16.07 23.92 10.20
CA HIS F 21 16.92 23.30 11.22
C HIS F 21 18.30 23.93 11.21
N GLY F 22 18.74 24.44 12.37
CA GLY F 22 20.07 25.03 12.48
C GLY F 22 20.16 26.53 12.26
N THR F 23 19.04 27.16 11.91
CA THR F 23 19.01 28.60 11.67
C THR F 23 18.70 29.38 12.96
N GLU F 24 19.50 30.42 13.20
CA GLU F 24 19.22 31.34 14.30
C GLU F 24 18.08 32.27 13.91
N VAL F 25 17.05 32.31 14.75
CA VAL F 25 15.87 33.13 14.47
C VAL F 25 15.50 34.03 15.65
N VAL F 26 14.75 35.08 15.36
CA VAL F 26 14.10 35.87 16.39
C VAL F 26 12.60 35.88 16.09
N VAL F 27 11.81 35.37 17.03
CA VAL F 27 10.36 35.43 16.92
C VAL F 27 9.80 36.37 17.98
N ALA F 28 8.67 36.99 17.66
CA ALA F 28 7.98 37.89 18.58
C ALA F 28 6.47 37.68 18.49
N GLY F 29 5.81 37.58 19.65
CA GLY F 29 4.37 37.41 19.70
C GLY F 29 3.92 37.23 21.13
N TRP F 30 2.78 36.56 21.31
CA TRP F 30 2.21 36.32 22.63
C TRP F 30 2.31 34.88 23.04
N VAL F 31 2.31 34.64 24.34
CA VAL F 31 2.34 33.29 24.90
C VAL F 31 0.98 32.61 24.71
N ALA F 32 0.96 31.59 23.86
CA ALA F 32 -0.25 30.80 23.62
C ALA F 32 -0.53 29.78 24.74
N SER F 33 0.53 29.12 25.19
CA SER F 33 0.43 28.16 26.30
C SER F 33 1.78 27.95 26.98
N LEU F 34 1.73 27.37 28.17
CA LEU F 34 2.91 27.07 28.96
C LEU F 34 2.82 25.63 29.47
N GLY F 35 3.96 24.95 29.46
CA GLY F 35 4.06 23.60 29.99
C GLY F 35 5.24 23.53 30.92
N ASP F 36 5.03 23.01 32.12
CA ASP F 36 6.11 22.84 33.09
C ASP F 36 6.13 21.38 33.56
N TYR F 37 7.13 20.65 33.09
CA TYR F 37 7.22 19.21 33.37
C TYR F 37 8.44 18.90 34.23
N GLY F 38 9.00 19.95 34.83
CA GLY F 38 10.20 19.84 35.64
C GLY F 38 11.43 20.17 34.80
N ARG F 39 12.15 19.13 34.38
CA ARG F 39 13.35 19.26 33.56
C ARG F 39 13.10 19.86 32.18
N VAL F 40 11.91 19.61 31.62
CA VAL F 40 11.49 20.25 30.37
C VAL F 40 10.39 21.27 30.67
N LYS F 41 10.58 22.48 30.15
CA LYS F 41 9.53 23.51 30.16
C LYS F 41 9.32 23.98 28.72
N ILE F 42 8.07 24.28 28.37
CA ILE F 42 7.72 24.64 26.99
C ILE F 42 6.87 25.92 26.96
N VAL F 43 7.29 26.87 26.14
CA VAL F 43 6.50 28.07 25.87
C VAL F 43 6.09 28.01 24.41
N LYS F 44 4.80 28.08 24.15
CA LYS F 44 4.33 28.22 22.78
C LYS F 44 3.99 29.67 22.45
N VAL F 45 4.46 30.12 21.29
CA VAL F 45 4.36 31.53 20.88
C VAL F 45 3.60 31.66 19.55
N SER F 46 2.64 32.59 19.52
CA SER F 46 1.90 32.92 18.29
C SER F 46 2.01 34.42 17.98
N ASP F 47 1.93 34.76 16.71
CA ASP F 47 1.95 36.16 16.28
C ASP F 47 0.84 36.45 15.28
N ARG F 48 0.00 35.45 15.07
CA ARG F 48 -1.11 35.58 14.14
C ARG F 48 -2.32 34.88 14.73
N GLU F 49 -3.49 35.51 14.61
CA GLU F 49 -4.75 34.90 15.04
C GLU F 49 -5.10 33.72 14.13
N GLY F 50 -5.45 32.60 14.77
CA GLY F 50 -5.74 31.36 14.07
C GLY F 50 -4.51 30.85 13.33
N GLY F 51 -3.34 31.12 13.90
CA GLY F 51 -2.08 30.81 13.24
C GLY F 51 -1.28 29.76 13.98
N ALA F 52 0.00 29.66 13.63
CA ALA F 52 0.93 28.74 14.28
C ALA F 52 1.16 29.06 15.75
N ALA F 53 1.58 28.06 16.52
CA ALA F 53 2.08 28.27 17.87
C ALA F 53 3.41 27.52 17.98
N VAL F 54 4.51 28.25 17.81
CA VAL F 54 5.83 27.62 17.76
C VAL F 54 6.31 27.24 19.16
N SER F 55 6.82 26.02 19.30
CA SER F 55 7.28 25.51 20.58
C SER F 55 8.70 25.94 20.89
N VAL F 56 8.86 26.59 22.04
CA VAL F 56 10.17 26.97 22.55
C VAL F 56 10.45 26.10 23.76
N TYR F 57 11.51 25.30 23.67
N TYR F 57 11.48 25.25 23.69
CA TYR F 57 11.86 24.33 24.72
CA TYR F 57 11.72 24.30 24.76
C TYR F 57 12.95 24.82 25.64
C TYR F 57 12.94 24.65 25.61
N LEU F 58 12.73 24.65 26.93
CA LEU F 58 13.79 24.82 27.91
C LEU F 58 14.07 23.45 28.51
N GLU F 59 15.35 23.14 28.66
CA GLU F 59 15.78 21.83 29.16
C GLU F 59 16.94 22.00 30.12
N TYR F 60 16.75 21.57 31.36
CA TYR F 60 17.79 21.73 32.36
C TYR F 60 19.10 21.09 31.88
N GLY F 61 20.19 21.84 32.02
CA GLY F 61 21.52 21.39 31.60
C GLY F 61 21.87 21.78 30.17
N LYS F 62 20.86 22.16 29.39
CA LYS F 62 21.05 22.49 27.98
C LYS F 62 20.83 23.99 27.74
N THR F 63 19.65 24.48 28.12
CA THR F 63 19.34 25.91 27.99
C THR F 63 19.92 26.69 29.18
N PRO F 64 20.37 27.94 28.95
CA PRO F 64 20.93 28.77 30.01
C PRO F 64 20.02 28.90 31.21
N ASP F 65 20.61 28.79 32.40
CA ASP F 65 19.87 28.79 33.66
C ASP F 65 19.06 30.05 33.92
N HIS F 66 19.55 31.19 33.47
CA HIS F 66 18.82 32.45 33.66
C HIS F 66 17.49 32.47 32.95
N LEU F 67 17.35 31.65 31.91
CA LEU F 67 16.10 31.55 31.15
C LEU F 67 14.98 30.91 31.96
N PHE F 68 15.33 30.07 32.93
CA PHE F 68 14.34 29.47 33.82
C PHE F 68 13.68 30.49 34.75
N LYS F 69 14.43 31.48 35.19
CA LYS F 69 13.90 32.59 35.99
C LYS F 69 12.85 33.38 35.20
N VAL F 70 13.18 33.73 33.95
CA VAL F 70 12.22 34.43 33.11
C VAL F 70 11.01 33.54 32.79
N PHE F 71 11.22 32.24 32.58
CA PHE F 71 10.09 31.32 32.38
C PHE F 71 9.08 31.37 33.53
N ALA F 72 9.58 31.40 34.77
CA ALA F 72 8.74 31.46 35.97
C ALA F 72 7.86 32.72 36.01
N GLU F 73 8.29 33.76 35.29
CA GLU F 73 7.54 35.02 35.24
C GLU F 73 6.44 35.04 34.17
N LEU F 74 6.45 34.04 33.29
CA LEU F 74 5.53 34.02 32.16
C LEU F 74 4.09 33.65 32.52
N SER F 75 3.15 34.31 31.86
CA SER F 75 1.73 33.96 31.89
C SER F 75 1.21 33.91 30.47
N ARG F 76 0.13 33.18 30.24
CA ARG F 76 -0.55 33.20 28.94
C ARG F 76 -0.89 34.64 28.56
N GLU F 77 -0.77 34.95 27.27
CA GLU F 77 -1.05 36.29 26.73
C GLU F 77 0.10 37.31 26.85
N ASP F 78 1.12 37.01 27.66
CA ASP F 78 2.31 37.85 27.74
C ASP F 78 2.94 38.03 26.37
N VAL F 79 3.43 39.23 26.09
CA VAL F 79 4.11 39.53 24.84
C VAL F 79 5.62 39.31 25.04
N VAL F 80 6.19 38.48 24.18
CA VAL F 80 7.59 38.07 24.33
C VAL F 80 8.38 38.26 23.04
N VAL F 81 9.70 38.31 23.18
CA VAL F 81 10.62 38.23 22.04
C VAL F 81 11.57 37.10 22.40
N ILE F 82 11.76 36.18 21.45
CA ILE F 82 12.58 34.98 21.70
C ILE F 82 13.64 34.78 20.61
N LYS F 83 14.90 34.68 21.03
CA LYS F 83 16.01 34.39 20.13
C LYS F 83 16.49 32.97 20.39
N GLY F 84 16.69 32.20 19.32
CA GLY F 84 17.19 30.83 19.42
C GLY F 84 17.46 30.15 18.10
N ILE F 85 17.75 28.85 18.16
CA ILE F 85 18.05 28.07 16.97
C ILE F 85 16.91 27.11 16.68
N VAL F 86 16.48 27.07 15.43
CA VAL F 86 15.45 26.15 14.98
C VAL F 86 15.98 24.72 15.02
N GLU F 87 15.21 23.83 15.61
CA GLU F 87 15.55 22.41 15.67
C GLU F 87 14.36 21.60 15.20
N ALA F 88 14.56 20.84 14.13
CA ALA F 88 13.55 19.94 13.62
C ALA F 88 13.39 18.76 14.57
N SER F 89 12.15 18.36 14.81
CA SER F 89 11.83 17.22 15.67
C SER F 89 12.56 15.97 15.19
N LYS F 90 13.05 15.19 16.17
CA LYS F 90 13.76 13.94 15.88
C LYS F 90 12.86 12.85 15.31
N ALA F 91 11.57 12.92 15.62
CA ALA F 91 10.60 11.87 15.25
C ALA F 91 10.15 11.95 13.79
N ALA F 92 9.69 13.14 13.38
CA ALA F 92 9.14 13.40 12.03
C ALA F 92 7.94 12.51 11.70
N GLY F 98 6.88 18.62 15.13
CA GLY F 98 7.63 18.75 13.88
C GLY F 98 8.84 19.67 13.98
N VAL F 99 8.68 20.78 14.69
CA VAL F 99 9.73 21.82 14.79
C VAL F 99 9.72 22.53 16.15
N GLU F 100 10.89 22.98 16.59
CA GLU F 100 10.99 23.75 17.83
C GLU F 100 12.12 24.77 17.81
N ILE F 101 12.17 25.59 18.85
CA ILE F 101 13.23 26.57 19.03
C ILE F 101 13.94 26.31 20.35
N PHE F 102 15.27 26.25 20.25
CA PHE F 102 16.17 26.11 21.39
C PHE F 102 16.63 27.55 21.70
N PRO F 103 16.08 28.17 22.76
CA PRO F 103 16.27 29.60 22.95
C PRO F 103 17.59 29.97 23.61
N SER F 104 18.16 31.10 23.20
CA SER F 104 19.26 31.72 23.93
C SER F 104 18.77 32.96 24.70
N GLU F 105 17.71 33.60 24.20
CA GLU F 105 17.14 34.79 24.82
C GLU F 105 15.62 34.72 24.91
N ILE F 106 15.07 35.08 26.08
CA ILE F 106 13.63 35.31 26.22
C ILE F 106 13.39 36.66 26.91
N TRP F 107 12.74 37.56 26.19
CA TRP F 107 12.40 38.90 26.72
C TRP F 107 10.92 39.03 26.88
N ILE F 108 10.48 39.49 28.05
CA ILE F 108 9.06 39.80 28.27
C ILE F 108 8.87 41.29 28.04
N LEU F 109 8.10 41.65 27.01
CA LEU F 109 7.86 43.05 26.66
C LEU F 109 6.76 43.68 27.51
N ASN F 110 5.66 42.96 27.69
CA ASN F 110 4.60 43.37 28.61
C ASN F 110 3.74 42.19 29.04
N LYS F 111 3.24 42.27 30.27
CA LYS F 111 2.44 41.19 30.84
C LYS F 111 0.95 41.42 30.62
N ALA F 112 0.17 40.34 30.67
CA ALA F 112 -1.25 40.33 30.30
C ALA F 112 -2.06 41.50 30.87
N LYS F 113 -2.25 42.54 30.05
CA LYS F 113 -3.01 43.72 30.43
C LYS F 113 -4.23 43.92 29.54
N LYS G 1 16.70 12.17 0.59
CA LYS G 1 16.57 13.21 1.65
C LYS G 1 16.71 14.61 1.07
N VAL G 2 15.80 15.50 1.43
CA VAL G 2 15.93 16.91 1.08
C VAL G 2 16.44 17.68 2.30
N PHE G 3 17.69 18.14 2.22
CA PHE G 3 18.31 18.93 3.29
C PHE G 3 17.73 20.33 3.35
N GLY G 4 17.67 20.88 4.56
CA GLY G 4 17.51 22.31 4.74
C GLY G 4 18.87 22.98 4.56
N ARG G 5 18.87 24.28 4.32
CA ARG G 5 20.09 25.05 4.01
C ARG G 5 21.13 24.94 5.13
N CYS G 6 20.74 25.30 6.34
CA CYS G 6 21.68 25.31 7.48
C CYS G 6 22.04 23.91 7.92
N GLU G 7 21.12 22.96 7.72
CA GLU G 7 21.41 21.55 7.97
C GLU G 7 22.54 21.05 7.06
N LEU G 8 22.43 21.37 5.77
CA LEU G 8 23.47 20.98 4.81
C LEU G 8 24.79 21.70 5.08
N ALA G 9 24.70 22.99 5.38
CA ALA G 9 25.88 23.78 5.77
C ALA G 9 26.67 23.11 6.89
N ALA G 10 25.98 22.69 7.95
CA ALA G 10 26.62 22.02 9.09
C ALA G 10 27.23 20.69 8.69
N ALA G 11 26.50 19.91 7.90
CA ALA G 11 26.98 18.61 7.43
C ALA G 11 28.21 18.76 6.54
N MET G 12 28.19 19.75 5.65
CA MET G 12 29.32 19.99 4.75
C MET G 12 30.57 20.44 5.52
N LYS G 13 30.37 21.20 6.59
CA LYS G 13 31.48 21.62 7.46
C LYS G 13 32.09 20.42 8.19
N ARG G 14 31.25 19.57 8.78
CA ARG G 14 31.73 18.36 9.46
C ARG G 14 32.51 17.44 8.51
N HIS G 15 32.14 17.46 7.23
CA HIS G 15 32.82 16.68 6.21
C HIS G 15 33.99 17.39 5.58
N GLY G 16 34.31 18.58 6.10
CA GLY G 16 35.55 19.26 5.76
C GLY G 16 35.61 20.02 4.45
N LEU G 17 34.46 20.46 3.95
CA LEU G 17 34.43 21.20 2.69
C LEU G 17 34.75 22.68 2.83
N ASP G 18 34.66 23.22 4.05
CA ASP G 18 34.94 24.64 4.27
C ASP G 18 36.39 24.95 3.95
N ASN G 19 36.59 25.84 2.98
CA ASN G 19 37.90 26.18 2.44
C ASN G 19 38.69 25.06 1.75
N TYR G 20 38.00 23.96 1.41
CA TYR G 20 38.63 22.88 0.67
C TYR G 20 38.95 23.37 -0.74
N ARG G 21 40.22 23.21 -1.13
CA ARG G 21 40.79 23.80 -2.35
C ARG G 21 40.54 25.31 -2.45
N GLY G 22 40.45 25.98 -1.31
CA GLY G 22 40.26 27.42 -1.26
C GLY G 22 38.83 27.90 -1.43
N TYR G 23 37.87 26.98 -1.42
CA TYR G 23 36.47 27.35 -1.57
C TYR G 23 35.72 27.35 -0.24
N SER G 24 35.30 28.54 0.20
CA SER G 24 34.57 28.69 1.45
C SER G 24 33.25 27.90 1.44
N LEU G 25 32.74 27.59 2.64
CA LEU G 25 31.57 26.74 2.82
C LEU G 25 30.35 27.18 2.00
N GLY G 26 30.14 28.50 1.89
CA GLY G 26 29.06 29.07 1.09
C GLY G 26 29.00 28.61 -0.36
N ASN G 27 30.16 28.49 -1.00
CA ASN G 27 30.25 27.97 -2.36
C ASN G 27 29.62 26.58 -2.51
N TRP G 28 29.87 25.72 -1.53
CA TRP G 28 29.38 24.33 -1.56
C TRP G 28 27.90 24.22 -1.34
N VAL G 29 27.39 25.01 -0.40
CA VAL G 29 25.94 25.08 -0.14
C VAL G 29 25.20 25.64 -1.36
N CYS G 30 25.70 26.75 -1.89
CA CYS G 30 25.11 27.36 -3.10
C CYS G 30 25.13 26.38 -4.29
N ALA G 31 26.25 25.68 -4.47
CA ALA G 31 26.35 24.71 -5.55
C ALA G 31 25.28 23.62 -5.45
N ALA G 32 25.10 23.08 -4.23
CA ALA G 32 24.09 22.04 -4.00
C ALA G 32 22.68 22.55 -4.26
N LYS G 33 22.42 23.81 -3.89
CA LYS G 33 21.12 24.43 -4.14
C LYS G 33 20.74 24.39 -5.61
N PHE G 34 21.65 24.84 -6.47
CA PHE G 34 21.33 24.97 -7.88
C PHE G 34 21.63 23.72 -8.71
N GLU G 35 22.41 22.80 -8.15
CA GLU G 35 22.61 21.49 -8.77
C GLU G 35 21.45 20.54 -8.48
N SER G 36 21.05 20.46 -7.22
CA SER G 36 20.08 19.43 -6.81
C SER G 36 18.87 19.95 -6.03
N ASN G 37 18.86 21.23 -5.70
CA ASN G 37 17.86 21.79 -4.78
C ASN G 37 17.90 21.08 -3.42
N PHE G 38 19.11 20.73 -2.99
CA PHE G 38 19.38 20.08 -1.70
C PHE G 38 18.85 18.64 -1.59
N ASN G 39 18.50 18.04 -2.73
CA ASN G 39 17.91 16.71 -2.77
C ASN G 39 18.97 15.64 -3.06
N THR G 40 19.29 14.82 -2.06
CA THR G 40 20.30 13.76 -2.21
C THR G 40 19.93 12.72 -3.28
N GLN G 41 18.65 12.63 -3.62
CA GLN G 41 18.19 11.61 -4.55
C GLN G 41 18.06 12.12 -5.98
N ALA G 42 18.41 13.38 -6.20
CA ALA G 42 18.30 13.99 -7.53
C ALA G 42 19.13 13.20 -8.55
N THR G 43 18.48 12.82 -9.65
CA THR G 43 19.10 12.03 -10.72
C THR G 43 18.64 12.59 -12.06
N ASN G 44 19.60 12.94 -12.93
CA ASN G 44 19.26 13.55 -14.21
C ASN G 44 20.05 12.99 -15.37
N ARG G 45 19.35 12.45 -16.36
CA ARG G 45 19.97 11.85 -17.53
C ARG G 45 20.31 12.92 -18.56
N ASN G 46 21.55 12.93 -19.04
CA ASN G 46 21.99 13.84 -20.10
C ASN G 46 21.87 13.17 -21.49
N THR G 47 21.91 13.96 -22.56
CA THR G 47 21.74 13.46 -23.94
C THR G 47 22.87 12.55 -24.44
N ASP G 48 24.00 12.58 -23.75
CA ASP G 48 25.19 11.82 -24.16
C ASP G 48 25.24 10.41 -23.55
N GLY G 49 24.18 10.00 -22.86
CA GLY G 49 24.15 8.67 -22.25
C GLY G 49 24.65 8.63 -20.81
N SER G 50 25.19 9.75 -20.33
CA SER G 50 25.63 9.85 -18.94
C SER G 50 24.51 10.39 -18.05
N THR G 51 24.67 10.21 -16.75
CA THR G 51 23.68 10.67 -15.78
C THR G 51 24.39 11.39 -14.62
N ASP G 52 23.72 12.42 -14.09
CA ASP G 52 24.22 13.19 -12.95
C ASP G 52 23.50 12.74 -11.67
N TYR G 53 24.27 12.45 -10.62
CA TYR G 53 23.73 11.84 -9.40
C TYR G 53 23.93 12.64 -8.13
N GLY G 54 22.85 12.78 -7.37
CA GLY G 54 22.93 13.23 -5.98
C GLY G 54 23.00 14.72 -5.74
N ILE G 55 23.34 15.06 -4.51
CA ILE G 55 23.30 16.43 -4.01
C ILE G 55 24.22 17.38 -4.78
N LEU G 56 25.30 16.84 -5.35
CA LEU G 56 26.21 17.66 -6.18
C LEU G 56 26.28 17.19 -7.62
N GLN G 57 25.31 16.38 -8.03
CA GLN G 57 25.10 16.02 -9.43
C GLN G 57 26.38 15.56 -10.13
N ILE G 58 27.00 14.54 -9.55
CA ILE G 58 28.26 14.00 -10.04
C ILE G 58 28.01 13.12 -11.27
N ASN G 59 28.84 13.29 -12.30
CA ASN G 59 28.60 12.66 -13.59
C ASN G 59 29.14 11.24 -13.74
N SER G 60 28.38 10.39 -14.45
CA SER G 60 28.69 8.96 -14.58
C SER G 60 29.74 8.59 -15.64
N ARG G 61 30.23 9.56 -16.41
CA ARG G 61 31.27 9.26 -17.40
C ARG G 61 32.63 9.02 -16.73
N TRP G 62 33.12 10.02 -15.98
CA TRP G 62 34.45 9.94 -15.39
C TRP G 62 34.46 9.56 -13.93
N TRP G 63 33.40 9.88 -13.20
CA TRP G 63 33.51 9.95 -11.74
C TRP G 63 32.90 8.85 -10.94
N CYS G 64 31.64 8.51 -11.21
CA CYS G 64 31.02 7.35 -10.56
C CYS G 64 30.56 6.31 -11.60
N ASN G 65 30.43 5.06 -11.17
CA ASN G 65 30.00 3.99 -12.06
C ASN G 65 28.51 3.67 -11.92
N ASP G 66 27.74 3.83 -12.99
CA ASP G 66 26.32 3.45 -12.93
C ASP G 66 25.96 2.23 -13.79
N GLY G 67 26.97 1.60 -14.38
CA GLY G 67 26.79 0.36 -15.12
C GLY G 67 26.01 0.47 -16.42
N ARG G 68 25.75 1.71 -16.86
CA ARG G 68 25.02 1.93 -18.10
C ARG G 68 25.65 3.00 -19.02
N THR G 69 26.73 3.62 -18.54
CA THR G 69 27.41 4.69 -19.29
C THR G 69 28.65 4.15 -20.01
N PRO G 70 28.64 4.19 -21.36
CA PRO G 70 29.83 3.81 -22.13
C PRO G 70 31.03 4.69 -21.80
N GLY G 71 32.21 4.09 -21.75
CA GLY G 71 33.44 4.81 -21.47
C GLY G 71 33.61 5.22 -20.02
N SER G 72 33.04 4.43 -19.11
CA SER G 72 33.12 4.70 -17.67
C SER G 72 34.55 4.62 -17.15
N ARG G 73 34.96 5.64 -16.42
CA ARG G 73 36.30 5.68 -15.83
C ARG G 73 36.30 5.54 -14.30
N ASN G 74 35.16 5.85 -13.68
CA ASN G 74 34.96 5.64 -12.24
C ASN G 74 36.15 6.12 -11.39
N LEU G 75 36.59 7.35 -11.61
CA LEU G 75 37.75 7.90 -10.91
C LEU G 75 37.52 8.05 -9.40
N CYS G 76 36.25 8.12 -8.98
CA CYS G 76 35.93 8.14 -7.57
C CYS G 76 35.80 6.72 -6.98
N ASN G 77 35.94 5.71 -7.83
CA ASN G 77 35.85 4.30 -7.41
C ASN G 77 34.62 4.03 -6.53
N ILE G 78 33.46 4.45 -7.03
CA ILE G 78 32.20 4.34 -6.28
CA ILE G 78 32.20 4.30 -6.29
C ILE G 78 31.03 4.08 -7.25
N PRO G 79 30.04 3.25 -6.84
CA PRO G 79 28.87 3.19 -7.72
C PRO G 79 28.02 4.45 -7.54
N CYS G 80 27.35 4.89 -8.62
CA CYS G 80 26.59 6.13 -8.56
C CYS G 80 25.44 6.09 -7.56
N SER G 81 24.90 4.88 -7.32
CA SER G 81 23.83 4.66 -6.35
C SER G 81 24.22 5.10 -4.94
N ALA G 82 25.51 4.98 -4.62
CA ALA G 82 26.05 5.41 -3.32
C ALA G 82 26.00 6.92 -3.14
N LEU G 83 25.89 7.64 -4.26
CA LEU G 83 25.78 9.10 -4.22
C LEU G 83 24.34 9.56 -4.00
N LEU G 84 23.40 8.62 -3.90
CA LEU G 84 22.00 8.96 -3.68
C LEU G 84 21.58 8.78 -2.22
N SER G 85 22.55 8.46 -1.37
CA SER G 85 22.32 8.22 0.06
C SER G 85 21.94 9.50 0.82
N SER G 86 21.21 9.32 1.93
CA SER G 86 20.90 10.41 2.85
C SER G 86 22.16 10.91 3.57
N ASP G 87 23.13 10.02 3.72
CA ASP G 87 24.45 10.35 4.24
C ASP G 87 25.28 10.90 3.08
N ILE G 88 25.81 12.12 3.23
CA ILE G 88 26.52 12.80 2.13
C ILE G 88 28.00 12.44 1.97
N THR G 89 28.50 11.54 2.83
CA THR G 89 29.91 11.16 2.82
C THR G 89 30.47 10.83 1.43
N ALA G 90 29.80 9.93 0.71
CA ALA G 90 30.26 9.50 -0.61
C ALA G 90 30.28 10.65 -1.62
N SER G 91 29.24 11.48 -1.61
CA SER G 91 29.18 12.65 -2.49
C SER G 91 30.30 13.65 -2.18
N VAL G 92 30.52 13.91 -0.89
CA VAL G 92 31.61 14.79 -0.45
C VAL G 92 32.97 14.24 -0.88
N ASN G 93 33.19 12.95 -0.65
CA ASN G 93 34.46 12.30 -1.03
C ASN G 93 34.74 12.43 -2.53
N CYS G 94 33.73 12.19 -3.35
CA CYS G 94 33.87 12.31 -4.80
C CYS G 94 33.99 13.77 -5.24
N ALA G 95 33.22 14.66 -4.62
CA ALA G 95 33.32 16.10 -4.88
C ALA G 95 34.73 16.63 -4.60
N LYS G 96 35.36 16.12 -3.55
CA LYS G 96 36.74 16.49 -3.22
C LYS G 96 37.73 16.12 -4.34
N LYS G 97 37.53 14.95 -4.95
CA LYS G 97 38.33 14.52 -6.11
C LYS G 97 38.09 15.43 -7.31
N ILE G 98 36.83 15.69 -7.63
CA ILE G 98 36.47 16.56 -8.76
C ILE G 98 37.09 17.96 -8.64
N VAL G 99 36.93 18.59 -7.49
CA VAL G 99 37.44 19.94 -7.27
C VAL G 99 38.99 20.01 -7.23
N SER G 100 39.63 18.84 -7.12
CA SER G 100 41.08 18.73 -7.16
C SER G 100 41.62 18.41 -8.56
N ASP G 101 40.72 18.31 -9.54
CA ASP G 101 41.10 17.85 -10.88
C ASP G 101 41.87 18.86 -11.73
N GLY G 102 41.91 20.11 -11.27
CA GLY G 102 42.65 21.17 -11.97
C GLY G 102 41.83 22.38 -12.35
N ASN G 103 40.51 22.29 -12.17
CA ASN G 103 39.61 23.37 -12.59
C ASN G 103 38.73 23.92 -11.47
N GLY G 104 39.07 23.59 -10.23
CA GLY G 104 38.30 24.04 -9.07
C GLY G 104 36.82 23.71 -9.19
N MET G 105 35.97 24.61 -8.72
CA MET G 105 34.53 24.41 -8.76
C MET G 105 33.89 24.68 -10.13
N ASN G 106 34.69 25.06 -11.12
CA ASN G 106 34.19 25.23 -12.49
C ASN G 106 33.67 23.92 -13.11
N ALA G 107 34.00 22.82 -12.46
CA ALA G 107 33.44 21.51 -12.79
C ALA G 107 31.92 21.44 -12.63
N TRP G 108 31.35 22.35 -11.84
CA TRP G 108 29.89 22.42 -11.64
C TRP G 108 29.28 23.58 -12.38
N VAL G 109 28.49 23.26 -13.40
CA VAL G 109 27.85 24.30 -14.21
C VAL G 109 26.87 25.18 -13.41
N ALA G 110 26.17 24.59 -12.43
CA ALA G 110 25.24 25.38 -11.62
C ALA G 110 25.98 26.38 -10.74
N TRP G 111 27.14 25.98 -10.23
CA TRP G 111 27.99 26.89 -9.45
C TRP G 111 28.50 28.01 -10.32
N ARG G 112 28.97 27.68 -11.52
CA ARG G 112 29.41 28.69 -12.47
C ARG G 112 28.31 29.72 -12.79
N ASN G 113 27.09 29.24 -12.99
CA ASN G 113 25.99 30.11 -13.44
C ASN G 113 25.27 30.87 -12.34
N ARG G 114 25.26 30.31 -11.13
CA ARG G 114 24.44 30.88 -10.06
C ARG G 114 25.20 31.31 -8.81
N CYS G 115 26.43 30.84 -8.65
CA CYS G 115 27.18 31.05 -7.40
C CYS G 115 28.46 31.84 -7.58
N LYS G 116 29.25 31.47 -8.61
CA LYS G 116 30.54 32.08 -8.87
C LYS G 116 30.43 33.60 -8.94
N GLY G 117 31.24 34.27 -8.13
CA GLY G 117 31.26 35.73 -8.12
C GLY G 117 30.12 36.40 -7.37
N THR G 118 29.31 35.62 -6.68
CA THR G 118 28.21 36.20 -5.88
C THR G 118 28.61 36.20 -4.41
N ASP G 119 27.76 36.79 -3.57
CA ASP G 119 27.94 36.76 -2.13
C ASP G 119 27.58 35.36 -1.59
N VAL G 120 28.48 34.40 -1.81
CA VAL G 120 28.23 33.00 -1.45
C VAL G 120 28.09 32.77 0.05
N GLN G 121 28.69 33.64 0.85
CA GLN G 121 28.58 33.57 2.31
C GLN G 121 27.15 33.73 2.81
N ALA G 122 26.29 34.36 2.00
CA ALA G 122 24.87 34.50 2.32
C ALA G 122 24.21 33.13 2.51
N TRP G 123 24.75 32.10 1.86
CA TRP G 123 24.22 30.75 1.98
C TRP G 123 24.50 30.07 3.30
N ILE G 124 25.43 30.61 4.08
CA ILE G 124 25.70 30.07 5.42
C ILE G 124 25.38 31.05 6.54
N ARG G 125 24.93 32.25 6.17
CA ARG G 125 24.58 33.29 7.13
C ARG G 125 23.43 32.84 8.02
N GLY G 126 23.60 33.01 9.33
CA GLY G 126 22.56 32.64 10.30
C GLY G 126 22.54 31.17 10.71
N CYS G 127 23.42 30.37 10.11
CA CYS G 127 23.50 28.95 10.43
C CYS G 127 24.38 28.68 11.65
N ARG G 128 23.94 27.72 12.47
CA ARG G 128 24.75 27.20 13.56
C ARG G 128 25.82 26.28 12.96
N LEU G 129 27.08 26.68 13.11
CA LEU G 129 28.21 26.00 12.50
C LEU G 129 29.30 25.69 13.52
N SER H 4 43.27 20.88 -43.04
CA SER H 4 42.01 21.46 -43.60
C SER H 4 41.91 22.96 -43.41
N VAL H 5 40.68 23.47 -43.39
CA VAL H 5 40.42 24.90 -43.23
C VAL H 5 40.31 25.29 -41.75
N TYR H 6 41.48 25.42 -41.11
CA TYR H 6 41.56 25.96 -39.76
C TYR H 6 42.18 27.36 -39.83
N PRO H 7 41.74 28.27 -38.95
CA PRO H 7 42.20 29.67 -39.01
C PRO H 7 43.65 29.88 -38.54
N LYS H 8 44.20 31.02 -38.92
CA LYS H 8 45.56 31.41 -38.54
C LYS H 8 45.57 31.91 -37.10
N LYS H 9 46.58 31.51 -36.33
CA LYS H 9 46.76 31.92 -34.94
C LYS H 9 46.83 33.44 -34.79
N THR H 10 46.13 33.98 -33.78
CA THR H 10 46.12 35.43 -33.54
C THR H 10 46.87 35.82 -32.27
N HIS H 11 46.87 34.93 -31.28
CA HIS H 11 47.43 35.21 -29.97
C HIS H 11 48.15 34.03 -29.41
N TRP H 12 49.24 34.29 -28.69
CA TRP H 12 49.87 33.28 -27.86
C TRP H 12 49.01 33.06 -26.64
N THR H 13 49.07 31.86 -26.06
CA THR H 13 48.23 31.55 -24.90
C THR H 13 48.49 32.52 -23.74
N ALA H 14 49.74 32.97 -23.58
CA ALA H 14 50.10 33.91 -22.51
C ALA H 14 49.50 35.31 -22.70
N GLU H 15 49.14 35.63 -23.94
CA GLU H 15 48.50 36.92 -24.25
C GLU H 15 47.01 36.94 -23.90
N ILE H 16 46.43 35.78 -23.61
CA ILE H 16 45.02 35.72 -23.20
C ILE H 16 44.88 36.18 -21.74
N THR H 17 44.55 37.45 -21.58
CA THR H 17 44.41 38.08 -20.26
C THR H 17 42.98 38.60 -20.09
N PRO H 18 42.53 38.84 -18.83
CA PRO H 18 41.16 39.33 -18.60
C PRO H 18 40.77 40.57 -19.42
N ASN H 19 41.72 41.47 -19.66
CA ASN H 19 41.42 42.68 -20.42
C ASN H 19 41.19 42.46 -21.92
N LEU H 20 41.29 41.21 -22.38
CA LEU H 20 40.87 40.86 -23.74
C LEU H 20 39.40 40.40 -23.79
N HIS H 21 38.69 40.56 -22.68
CA HIS H 21 37.27 40.20 -22.60
C HIS H 21 36.51 40.68 -23.80
N GLY H 22 35.79 39.75 -24.45
CA GLY H 22 34.98 40.08 -25.62
C GLY H 22 35.69 40.03 -26.96
N THR H 23 36.99 39.72 -26.95
CA THR H 23 37.78 39.65 -28.18
C THR H 23 37.76 38.24 -28.78
N GLU H 24 37.52 38.18 -30.10
CA GLU H 24 37.65 36.93 -30.83
C GLU H 24 39.12 36.63 -31.07
N VAL H 25 39.54 35.42 -30.70
CA VAL H 25 40.93 35.02 -30.84
C VAL H 25 41.08 33.64 -31.46
N VAL H 26 42.27 33.37 -31.97
CA VAL H 26 42.64 32.02 -32.38
C VAL H 26 43.91 31.63 -31.66
N VAL H 27 43.84 30.54 -30.92
CA VAL H 27 45.01 29.99 -30.25
C VAL H 27 45.36 28.65 -30.90
N ALA H 28 46.65 28.34 -30.91
CA ALA H 28 47.15 27.07 -31.44
C ALA H 28 48.25 26.54 -30.53
N GLY H 29 48.22 25.23 -30.27
CA GLY H 29 49.21 24.59 -29.40
C GLY H 29 48.81 23.16 -29.11
N TRP H 30 49.25 22.63 -27.98
CA TRP H 30 48.94 21.27 -27.58
C TRP H 30 48.03 21.20 -26.38
N VAL H 31 47.34 20.07 -26.23
CA VAL H 31 46.45 19.85 -25.10
C VAL H 31 47.28 19.56 -23.84
N ALA H 32 47.23 20.48 -22.89
CA ALA H 32 47.93 20.34 -21.61
C ALA H 32 47.17 19.41 -20.67
N SER H 33 45.84 19.57 -20.63
CA SER H 33 44.99 18.69 -19.83
C SER H 33 43.55 18.73 -20.31
N LEU H 34 42.78 17.74 -19.85
CA LEU H 34 41.37 17.61 -20.19
C LEU H 34 40.56 17.37 -18.93
N GLY H 35 39.43 18.06 -18.83
CA GLY H 35 38.50 17.85 -17.74
C GLY H 35 37.14 17.53 -18.31
N ASP H 36 36.56 16.42 -17.88
CA ASP H 36 35.21 16.04 -18.30
C ASP H 36 34.33 15.82 -17.07
N TYR H 37 33.44 16.77 -16.82
CA TYR H 37 32.60 16.76 -15.63
C TYR H 37 31.13 16.58 -15.98
N GLY H 38 30.89 16.18 -17.23
CA GLY H 38 29.53 16.00 -17.76
C GLY H 38 29.10 17.22 -18.55
N ARG H 39 28.29 18.07 -17.94
CA ARG H 39 27.79 19.28 -18.58
C ARG H 39 28.90 20.31 -18.87
N VAL H 40 29.93 20.29 -18.05
CA VAL H 40 31.11 21.13 -18.26
C VAL H 40 32.27 20.27 -18.74
N LYS H 41 32.89 20.68 -19.84
CA LYS H 41 34.12 20.06 -20.32
C LYS H 41 35.18 21.14 -20.56
N ILE H 42 36.42 20.89 -20.15
CA ILE H 42 37.48 21.89 -20.28
C ILE H 42 38.73 21.32 -20.95
N VAL H 43 39.25 22.06 -21.93
CA VAL H 43 40.53 21.76 -22.55
C VAL H 43 41.47 22.90 -22.22
N LYS H 44 42.63 22.57 -21.66
CA LYS H 44 43.66 23.57 -21.45
C LYS H 44 44.71 23.43 -22.54
N VAL H 45 45.09 24.56 -23.12
CA VAL H 45 45.99 24.57 -24.27
C VAL H 45 47.24 25.39 -23.96
N SER H 46 48.41 24.82 -24.30
CA SER H 46 49.69 25.50 -24.13
C SER H 46 50.43 25.57 -25.46
N ASP H 47 51.22 26.63 -25.65
CA ASP H 47 52.05 26.76 -26.84
C ASP H 47 53.51 27.07 -26.48
N ARG H 48 53.81 27.05 -25.18
CA ARG H 48 55.16 27.28 -24.70
C ARG H 48 55.48 26.31 -23.56
N GLU H 49 56.73 25.83 -23.55
CA GLU H 49 57.19 24.95 -22.48
C GLU H 49 57.31 25.71 -21.16
N GLY H 50 56.74 25.13 -20.11
CA GLY H 50 56.66 25.78 -18.80
C GLY H 50 55.90 27.09 -18.85
N GLY H 51 54.93 27.17 -19.77
CA GLY H 51 54.14 28.38 -19.98
C GLY H 51 52.71 28.26 -19.49
N ALA H 52 51.90 29.24 -19.89
CA ALA H 52 50.47 29.28 -19.55
C ALA H 52 49.68 28.11 -20.14
N ALA H 53 48.56 27.80 -19.51
CA ALA H 53 47.63 26.85 -20.11
C ALA H 53 46.25 27.50 -20.11
N VAL H 54 45.85 28.03 -21.26
CA VAL H 54 44.57 28.75 -21.38
C VAL H 54 43.37 27.77 -21.36
N SER H 55 42.37 28.11 -20.56
CA SER H 55 41.21 27.23 -20.42
C SER H 55 40.18 27.50 -21.50
N VAL H 56 39.84 26.44 -22.24
CA VAL H 56 38.80 26.49 -23.26
C VAL H 56 37.60 25.74 -22.67
N TYR H 57 36.53 26.49 -22.46
CA TYR H 57 35.35 26.03 -21.73
CA TYR H 57 35.36 25.98 -21.75
C TYR H 57 34.23 25.58 -22.66
N LEU H 58 33.78 24.34 -22.50
CA LEU H 58 32.61 23.80 -23.20
C LEU H 58 31.47 23.56 -22.21
N GLU H 59 30.28 24.06 -22.53
CA GLU H 59 29.11 23.89 -21.68
C GLU H 59 27.90 23.46 -22.49
N TYR H 60 27.30 22.34 -22.12
CA TYR H 60 26.09 21.88 -22.81
C TYR H 60 25.01 22.96 -22.78
N GLY H 61 24.39 23.20 -23.93
CA GLY H 61 23.35 24.22 -24.06
C GLY H 61 23.89 25.55 -24.55
N LYS H 62 25.17 25.80 -24.33
CA LYS H 62 25.79 27.07 -24.71
C LYS H 62 26.79 26.89 -25.86
N THR H 63 27.65 25.89 -25.74
CA THR H 63 28.62 25.52 -26.78
C THR H 63 27.91 24.74 -27.91
N PRO H 64 28.27 25.02 -29.18
CA PRO H 64 27.74 24.23 -30.30
C PRO H 64 27.94 22.72 -30.09
N ASP H 65 26.91 21.94 -30.39
CA ASP H 65 26.91 20.49 -30.14
C ASP H 65 28.03 19.72 -30.85
N HIS H 66 28.40 20.15 -32.06
CA HIS H 66 29.45 19.47 -32.81
C HIS H 66 30.79 19.53 -32.13
N LEU H 67 31.00 20.56 -31.31
CA LEU H 67 32.25 20.72 -30.55
C LEU H 67 32.46 19.64 -29.49
N PHE H 68 31.38 19.08 -28.95
CA PHE H 68 31.50 17.97 -28.01
C PHE H 68 32.01 16.69 -28.66
N LYS H 69 31.67 16.50 -29.94
CA LYS H 69 32.18 15.37 -30.72
C LYS H 69 33.71 15.47 -30.90
N VAL H 70 34.20 16.65 -31.27
CA VAL H 70 35.65 16.85 -31.36
C VAL H 70 36.34 16.72 -29.99
N PHE H 71 35.72 17.25 -28.94
CA PHE H 71 36.24 17.05 -27.57
C PHE H 71 36.45 15.58 -27.26
N ALA H 72 35.48 14.75 -27.64
CA ALA H 72 35.54 13.29 -27.43
C ALA H 72 36.74 12.63 -28.11
N GLU H 73 37.26 13.27 -29.16
CA GLU H 73 38.41 12.77 -29.91
C GLU H 73 39.76 13.23 -29.32
N LEU H 74 39.71 14.19 -28.41
CA LEU H 74 40.91 14.81 -27.84
C LEU H 74 41.72 13.91 -26.90
N SER H 75 43.03 13.97 -27.03
CA SER H 75 43.96 13.32 -26.10
C SER H 75 44.99 14.33 -25.65
N ARG H 76 45.57 14.11 -24.47
CA ARG H 76 46.71 14.90 -24.01
C ARG H 76 47.78 14.93 -25.10
N GLU H 77 48.41 16.09 -25.27
CA GLU H 77 49.51 16.29 -26.25
C GLU H 77 49.06 16.49 -27.71
N ASP H 78 47.78 16.24 -28.00
CA ASP H 78 47.22 16.52 -29.33
C ASP H 78 47.46 17.97 -29.69
N VAL H 79 47.79 18.21 -30.95
CA VAL H 79 47.97 19.57 -31.47
C VAL H 79 46.63 20.09 -31.97
N VAL H 80 46.24 21.28 -31.49
CA VAL H 80 44.92 21.83 -31.78
C VAL H 80 44.97 23.30 -32.21
N VAL H 81 43.93 23.73 -32.92
CA VAL H 81 43.67 25.14 -33.17
C VAL H 81 42.27 25.42 -32.66
N ILE H 82 42.11 26.52 -31.93
CA ILE H 82 40.83 26.85 -31.30
C ILE H 82 40.47 28.32 -31.55
N LYS H 83 39.28 28.53 -32.10
CA LYS H 83 38.77 29.88 -32.32
C LYS H 83 37.64 30.12 -31.33
N GLY H 84 37.63 31.30 -30.71
CA GLY H 84 36.59 31.63 -29.74
C GLY H 84 36.67 33.04 -29.19
N ILE H 85 35.81 33.33 -28.21
CA ILE H 85 35.75 34.65 -27.59
C ILE H 85 36.34 34.59 -26.19
N VAL H 86 37.18 35.57 -25.86
CA VAL H 86 37.76 35.66 -24.53
C VAL H 86 36.68 36.11 -23.54
N GLU H 87 36.61 35.42 -22.40
CA GLU H 87 35.69 35.79 -21.33
C GLU H 87 36.41 35.81 -19.99
N ALA H 88 36.42 36.97 -19.35
CA ALA H 88 37.03 37.13 -18.04
C ALA H 88 36.16 36.45 -16.99
N SER H 89 36.78 35.74 -16.05
CA SER H 89 36.06 34.96 -15.03
C SER H 89 35.24 35.85 -14.11
N LYS H 90 34.16 35.28 -13.56
CA LYS H 90 33.35 35.94 -12.55
C LYS H 90 33.92 35.66 -11.16
N GLY H 98 41.07 35.44 -13.40
CA GLY H 98 40.63 34.29 -14.17
C GLY H 98 40.21 34.67 -15.58
N VAL H 99 40.56 33.82 -16.55
CA VAL H 99 40.20 34.05 -17.95
C VAL H 99 39.89 32.73 -18.68
N GLU H 100 38.96 32.78 -19.62
CA GLU H 100 38.56 31.60 -20.38
C GLU H 100 38.34 31.96 -21.85
N ILE H 101 38.32 30.94 -22.69
CA ILE H 101 37.89 31.09 -24.08
C ILE H 101 36.61 30.29 -24.29
N PHE H 102 35.58 30.95 -24.80
CA PHE H 102 34.36 30.31 -25.27
C PHE H 102 34.52 29.94 -26.74
N PRO H 103 34.70 28.64 -27.06
CA PRO H 103 35.08 28.27 -28.42
C PRO H 103 33.91 28.21 -29.40
N SER H 104 34.19 28.60 -30.65
CA SER H 104 33.27 28.37 -31.75
C SER H 104 33.79 27.26 -32.66
N GLU H 105 35.11 27.09 -32.68
CA GLU H 105 35.78 26.10 -33.53
C GLU H 105 36.93 25.42 -32.80
N ILE H 106 37.00 24.09 -32.92
CA ILE H 106 38.14 23.31 -32.41
C ILE H 106 38.62 22.35 -33.50
N TRP H 107 39.86 22.53 -33.95
CA TRP H 107 40.46 21.68 -34.98
C TRP H 107 41.58 20.85 -34.42
N ILE H 108 41.57 19.54 -34.69
CA ILE H 108 42.67 18.66 -34.31
C ILE H 108 43.62 18.50 -35.50
N LEU H 109 44.85 18.99 -35.36
CA LEU H 109 45.84 18.94 -36.44
C LEU H 109 46.64 17.64 -36.44
N ASN H 110 47.18 17.29 -35.28
CA ASN H 110 48.01 16.09 -35.13
C ASN H 110 47.73 15.43 -33.79
N LYS H 111 47.44 14.14 -33.82
CA LYS H 111 47.12 13.39 -32.60
C LYS H 111 48.34 12.79 -31.92
N LYS I 1 -26.08 39.39 38.04
CA LYS I 1 -25.73 38.32 37.05
C LYS I 1 -26.31 36.97 37.48
N VAL I 2 -26.92 36.26 36.53
CA VAL I 2 -27.34 34.88 36.75
C VAL I 2 -26.32 33.96 36.06
N PHE I 3 -25.57 33.21 36.87
CA PHE I 3 -24.57 32.27 36.35
C PHE I 3 -25.24 31.05 35.74
N GLY I 4 -24.61 30.49 34.71
CA GLY I 4 -24.91 29.13 34.29
C GLY I 4 -24.17 28.19 35.22
N ARG I 5 -24.64 26.95 35.31
CA ARG I 5 -24.07 25.95 36.23
C ARG I 5 -22.57 25.75 36.06
N CYS I 6 -22.14 25.41 34.84
CA CYS I 6 -20.73 25.12 34.58
C CYS I 6 -19.85 26.37 34.61
N GLU I 7 -20.43 27.51 34.26
CA GLU I 7 -19.75 28.79 34.39
C GLU I 7 -19.43 29.07 35.86
N LEU I 8 -20.40 28.83 36.74
CA LEU I 8 -20.17 29.02 38.17
C LEU I 8 -19.18 28.00 38.72
N ALA I 9 -19.29 26.75 38.28
CA ALA I 9 -18.35 25.70 38.70
C ALA I 9 -16.92 26.13 38.42
N ALA I 10 -16.68 26.65 37.21
CA ALA I 10 -15.35 27.14 36.83
C ALA I 10 -14.88 28.33 37.68
N ALA I 11 -15.77 29.30 37.91
CA ALA I 11 -15.45 30.47 38.73
C ALA I 11 -15.13 30.07 40.17
N MET I 12 -15.92 29.17 40.73
CA MET I 12 -15.69 28.69 42.09
C MET I 12 -14.39 27.89 42.20
N LYS I 13 -14.05 27.14 41.15
CA LYS I 13 -12.77 26.41 41.10
C LYS I 13 -11.58 27.39 41.11
N ARG I 14 -11.66 28.45 40.32
CA ARG I 14 -10.61 29.48 40.27
C ARG I 14 -10.43 30.19 41.60
N HIS I 15 -11.53 30.40 42.31
CA HIS I 15 -11.52 31.08 43.60
C HIS I 15 -11.18 30.17 44.75
N GLY I 16 -10.77 28.95 44.43
CA GLY I 16 -10.24 28.02 45.42
C GLY I 16 -11.22 27.29 46.32
N LEU I 17 -12.45 27.08 45.83
CA LEU I 17 -13.46 26.40 46.64
C LEU I 17 -13.41 24.87 46.60
N ASP I 18 -12.81 24.31 45.55
CA ASP I 18 -12.78 22.85 45.41
C ASP I 18 -11.97 22.24 46.56
N ASN I 19 -12.65 21.43 47.37
CA ASN I 19 -12.10 20.84 48.59
C ASN I 19 -11.69 21.80 49.71
N TYR I 20 -12.21 23.03 49.66
CA TYR I 20 -12.00 23.96 50.76
C TYR I 20 -12.73 23.43 52.00
N ARG I 21 -11.98 23.27 53.09
CA ARG I 21 -12.48 22.67 54.34
C ARG I 21 -13.04 21.26 54.13
N GLY I 22 -12.51 20.57 53.12
CA GLY I 22 -12.92 19.20 52.79
C GLY I 22 -14.17 19.09 51.94
N TYR I 23 -14.70 20.20 51.44
CA TYR I 23 -15.93 20.19 50.64
C TYR I 23 -15.64 20.30 49.14
N SER I 24 -15.91 19.23 48.42
CA SER I 24 -15.69 19.17 46.97
C SER I 24 -16.53 20.22 46.25
N LEU I 25 -16.10 20.58 45.05
CA LEU I 25 -16.68 21.68 44.27
C LEU I 25 -18.19 21.60 44.10
N GLY I 26 -18.69 20.39 43.87
CA GLY I 26 -20.13 20.15 43.71
C GLY I 26 -20.99 20.67 44.85
N ASN I 27 -20.50 20.55 46.08
CA ASN I 27 -21.19 21.10 47.26
C ASN I 27 -21.46 22.59 47.13
N TRP I 28 -20.48 23.33 46.63
CA TRP I 28 -20.56 24.78 46.50
C TRP I 28 -21.49 25.20 45.40
N VAL I 29 -21.43 24.48 44.29
CA VAL I 29 -22.31 24.75 43.15
C VAL I 29 -23.75 24.43 43.55
N CYS I 30 -23.96 23.26 44.18
CA CYS I 30 -25.28 22.87 44.66
C CYS I 30 -25.84 23.88 45.68
N ALA I 31 -24.99 24.33 46.61
CA ALA I 31 -25.38 25.33 47.60
C ALA I 31 -25.92 26.60 46.93
N ALA I 32 -25.16 27.11 45.96
CA ALA I 32 -25.53 28.32 45.22
C ALA I 32 -26.86 28.12 44.46
N LYS I 33 -27.03 26.95 43.86
CA LYS I 33 -28.27 26.62 43.15
C LYS I 33 -29.48 26.79 44.06
N PHE I 34 -29.41 26.22 45.25
CA PHE I 34 -30.57 26.23 46.12
C PHE I 34 -30.66 27.41 47.08
N GLU I 35 -29.57 28.16 47.24
CA GLU I 35 -29.61 29.40 47.99
C GLU I 35 -30.11 30.57 47.15
N SER I 36 -29.60 30.69 45.94
CA SER I 36 -29.84 31.88 45.13
C SER I 36 -30.32 31.61 43.71
N ASN I 37 -30.39 30.33 43.32
CA ASN I 37 -30.63 29.96 41.91
C ASN I 37 -29.59 30.60 40.98
N PHE I 38 -28.34 30.64 41.46
CA PHE I 38 -27.18 31.21 40.73
C PHE I 38 -27.24 32.72 40.50
N ASN I 39 -28.14 33.41 41.20
CA ASN I 39 -28.31 34.86 41.03
C ASN I 39 -27.47 35.67 42.03
N THR I 40 -26.47 36.39 41.51
CA THR I 40 -25.56 37.17 42.36
C THR I 40 -26.26 38.31 43.08
N GLN I 41 -27.39 38.75 42.56
CA GLN I 41 -28.13 39.87 43.14
C GLN I 41 -29.24 39.44 44.10
N ALA I 42 -29.36 38.13 44.36
CA ALA I 42 -30.40 37.62 45.25
C ALA I 42 -30.31 38.24 46.64
N THR I 43 -31.43 38.78 47.12
CA THR I 43 -31.51 39.31 48.48
C THR I 43 -32.86 38.94 49.06
N ASN I 44 -32.85 38.45 50.29
CA ASN I 44 -34.07 38.01 50.95
C ASN I 44 -34.09 38.42 52.42
N ARG I 45 -35.11 39.19 52.79
CA ARG I 45 -35.28 39.66 54.16
C ARG I 45 -35.93 38.58 55.01
N ASN I 46 -35.36 38.34 56.19
CA ASN I 46 -35.94 37.40 57.15
C ASN I 46 -36.79 38.14 58.17
N THR I 47 -37.64 37.41 58.89
CA THR I 47 -38.57 38.01 59.85
C THR I 47 -37.88 38.58 61.10
N ASP I 48 -36.60 38.25 61.26
CA ASP I 48 -35.81 38.75 62.41
C ASP I 48 -35.15 40.10 62.11
N GLY I 49 -35.43 40.66 60.94
CA GLY I 49 -34.88 41.95 60.53
C GLY I 49 -33.53 41.85 59.82
N SER I 50 -33.00 40.63 59.72
CA SER I 50 -31.78 40.39 58.98
C SER I 50 -32.10 40.07 57.51
N THR I 51 -31.07 40.14 56.66
CA THR I 51 -31.23 39.88 55.25
C THR I 51 -30.08 38.98 54.76
N ASP I 52 -30.40 38.10 53.82
CA ASP I 52 -29.41 37.21 53.19
C ASP I 52 -29.06 37.75 51.82
N TYR I 53 -27.76 37.84 51.54
CA TYR I 53 -27.24 38.56 50.37
C TYR I 53 -26.44 37.67 49.43
N GLY I 54 -26.78 37.75 48.15
CA GLY I 54 -25.93 37.24 47.08
C GLY I 54 -26.03 35.76 46.76
N ILE I 55 -25.08 35.31 45.95
CA ILE I 55 -25.06 33.96 45.39
C ILE I 55 -25.06 32.84 46.46
N LEU I 56 -24.48 33.14 47.63
CA LEU I 56 -24.47 32.18 48.74
C LEU I 56 -25.24 32.68 49.96
N GLN I 57 -26.07 33.71 49.75
CA GLN I 57 -27.06 34.16 50.75
C GLN I 57 -26.47 34.35 52.15
N ILE I 58 -25.44 35.18 52.24
CA ILE I 58 -24.75 35.43 53.50
C ILE I 58 -25.59 36.38 54.37
N ASN I 59 -25.73 36.02 55.65
CA ASN I 59 -26.61 36.73 56.58
C ASN I 59 -26.02 37.99 57.22
N SER I 60 -26.86 39.00 57.37
CA SER I 60 -26.45 40.32 57.84
C SER I 60 -26.27 40.47 59.36
N ARG I 61 -26.60 39.44 60.12
CA ARG I 61 -26.43 39.53 61.58
C ARG I 61 -24.96 39.41 62.00
N TRP I 62 -24.31 38.30 61.64
CA TRP I 62 -22.93 38.09 62.04
C TRP I 62 -21.91 38.41 60.98
N TRP I 63 -22.30 38.32 59.71
CA TRP I 63 -21.29 38.17 58.66
C TRP I 63 -20.95 39.36 57.81
N CYS I 64 -21.96 40.07 57.33
CA CYS I 64 -21.73 41.30 56.56
C CYS I 64 -22.55 42.43 57.17
N ASN I 65 -22.16 43.67 56.89
CA ASN I 65 -22.87 44.83 57.43
C ASN I 65 -23.83 45.47 56.44
N ASP I 66 -25.12 45.52 56.80
CA ASP I 66 -26.12 46.24 56.01
C ASP I 66 -26.73 47.46 56.74
N GLY I 67 -26.27 47.72 57.95
CA GLY I 67 -26.72 48.86 58.74
C GLY I 67 -28.18 48.86 59.14
N ARG I 68 -28.87 47.76 58.86
CA ARG I 68 -30.30 47.63 59.16
C ARG I 68 -30.56 46.57 60.25
N THR I 69 -29.52 45.82 60.59
CA THR I 69 -29.67 44.62 61.41
C THR I 69 -29.12 44.77 62.82
N PRO I 70 -29.99 44.63 63.86
CA PRO I 70 -29.54 44.74 65.24
C PRO I 70 -28.55 43.63 65.62
N GLY I 71 -27.57 43.96 66.47
CA GLY I 71 -26.55 43.01 66.90
C GLY I 71 -25.56 42.63 65.81
N SER I 72 -25.33 43.55 64.87
CA SER I 72 -24.41 43.34 63.76
C SER I 72 -22.96 43.15 64.22
N ARG I 73 -22.32 42.08 63.76
CA ARG I 73 -20.92 41.79 64.13
C ARG I 73 -19.94 41.98 62.96
N ASN I 74 -20.46 41.93 61.73
CA ASN I 74 -19.65 42.10 60.52
C ASN I 74 -18.32 41.33 60.53
N LEU I 75 -18.41 40.01 60.76
CA LEU I 75 -17.21 39.17 60.87
C LEU I 75 -16.42 39.04 59.57
N CYS I 76 -17.09 39.19 58.43
CA CYS I 76 -16.38 39.22 57.15
C CYS I 76 -15.80 40.60 56.84
N ASN I 77 -16.15 41.59 57.66
CA ASN I 77 -15.67 42.97 57.50
C ASN I 77 -15.91 43.50 56.08
N ILE I 78 -17.17 43.42 55.65
CA ILE I 78 -17.60 43.95 54.34
C ILE I 78 -19.03 44.45 54.40
N PRO I 79 -19.36 45.46 53.55
CA PRO I 79 -20.77 45.80 53.42
C PRO I 79 -21.49 44.69 52.66
N CYS I 80 -22.73 44.40 53.04
CA CYS I 80 -23.50 43.35 52.39
C CYS I 80 -23.71 43.63 50.90
N SER I 81 -23.69 44.92 50.54
CA SER I 81 -23.82 45.34 49.15
C SER I 81 -22.71 44.79 48.25
N ALA I 82 -21.51 44.63 48.81
CA ALA I 82 -20.38 44.05 48.06
C ALA I 82 -20.60 42.58 47.68
N LEU I 83 -21.57 41.94 48.33
CA LEU I 83 -21.89 40.54 48.06
C LEU I 83 -22.86 40.38 46.89
N LEU I 84 -23.18 41.49 46.22
CA LEU I 84 -24.16 41.49 45.13
C LEU I 84 -23.55 41.71 43.75
N SER I 85 -22.23 41.81 43.69
CA SER I 85 -21.54 42.05 42.43
C SER I 85 -21.51 40.82 41.53
N SER I 86 -21.27 41.05 40.24
CA SER I 86 -21.15 39.96 39.28
C SER I 86 -19.85 39.18 39.49
N ASP I 87 -18.87 39.83 40.12
CA ASP I 87 -17.64 39.18 40.52
C ASP I 87 -17.90 38.50 41.87
N ILE I 88 -17.68 37.19 41.94
CA ILE I 88 -18.01 36.42 43.15
C ILE I 88 -16.96 36.48 44.28
N THR I 89 -15.86 37.18 44.03
CA THR I 89 -14.74 37.29 44.98
C THR I 89 -15.18 37.50 46.44
N ALA I 90 -15.97 38.54 46.67
CA ALA I 90 -16.41 38.92 48.01
C ALA I 90 -17.23 37.81 48.67
N SER I 91 -18.15 37.23 47.92
CA SER I 91 -18.99 36.12 48.42
C SER I 91 -18.13 34.91 48.77
N VAL I 92 -17.16 34.58 47.91
CA VAL I 92 -16.24 33.46 48.15
C VAL I 92 -15.41 33.68 49.42
N ASN I 93 -14.83 34.87 49.56
CA ASN I 93 -14.02 35.20 50.75
C ASN I 93 -14.83 35.07 52.04
N CYS I 94 -16.05 35.58 52.04
CA CYS I 94 -16.90 35.50 53.23
C CYS I 94 -17.40 34.07 53.47
N ALA I 95 -17.74 33.35 52.41
CA ALA I 95 -18.10 31.92 52.53
C ALA I 95 -16.96 31.10 53.13
N LYS I 96 -15.73 31.44 52.75
CA LYS I 96 -14.54 30.78 53.30
C LYS I 96 -14.43 30.97 54.82
N LYS I 97 -14.75 32.17 55.30
CA LYS I 97 -14.80 32.43 56.74
C LYS I 97 -15.92 31.64 57.41
N ILE I 98 -17.11 31.68 56.80
CA ILE I 98 -18.29 31.01 57.35
C ILE I 98 -18.08 29.51 57.52
N VAL I 99 -17.59 28.85 56.46
CA VAL I 99 -17.36 27.41 56.45
C VAL I 99 -16.23 26.97 57.41
N SER I 100 -15.42 27.93 57.84
CA SER I 100 -14.33 27.69 58.80
C SER I 100 -14.75 27.98 60.24
N ASP I 101 -16.02 28.35 60.45
CA ASP I 101 -16.50 28.80 61.76
C ASP I 101 -16.68 27.67 62.78
N GLY I 102 -16.66 26.42 62.33
CA GLY I 102 -16.76 25.27 63.22
C GLY I 102 -17.86 24.29 62.89
N ASN I 103 -18.71 24.65 61.93
CA ASN I 103 -19.85 23.81 61.55
C ASN I 103 -19.87 23.43 60.07
N GLY I 104 -18.76 23.67 59.38
CA GLY I 104 -18.67 23.34 57.95
C GLY I 104 -19.76 24.01 57.16
N MET I 105 -20.28 23.31 56.15
CA MET I 105 -21.33 23.86 55.27
C MET I 105 -22.74 23.82 55.87
N ASN I 106 -22.86 23.31 57.10
CA ASN I 106 -24.15 23.32 57.83
C ASN I 106 -24.64 24.72 58.10
N ALA I 107 -23.76 25.70 57.92
CA ALA I 107 -24.12 27.12 57.94
C ALA I 107 -25.15 27.50 56.88
N TRP I 108 -25.27 26.70 55.82
CA TRP I 108 -26.23 26.96 54.73
C TRP I 108 -27.39 26.02 54.77
N VAL I 109 -28.57 26.58 55.06
CA VAL I 109 -29.79 25.77 55.18
C VAL I 109 -30.18 25.10 53.85
N ALA I 110 -29.96 25.79 52.74
CA ALA I 110 -30.28 25.21 51.44
C ALA I 110 -29.34 24.04 51.13
N TRP I 111 -28.09 24.15 51.56
CA TRP I 111 -27.14 23.04 51.40
C TRP I 111 -27.55 21.85 52.24
N ARG I 112 -27.91 22.11 53.50
CA ARG I 112 -28.38 21.05 54.41
C ARG I 112 -29.60 20.32 53.83
N ASN I 113 -30.56 21.08 53.32
CA ASN I 113 -31.83 20.53 52.87
C ASN I 113 -31.84 19.92 51.47
N ARG I 114 -30.95 20.39 50.59
CA ARG I 114 -30.99 19.97 49.18
C ARG I 114 -29.71 19.33 48.65
N CYS I 115 -28.60 19.50 49.35
CA CYS I 115 -27.31 19.04 48.84
C CYS I 115 -26.65 17.97 49.71
N LYS I 116 -26.64 18.19 51.02
CA LYS I 116 -25.94 17.31 51.95
C LYS I 116 -26.40 15.87 51.79
N GLY I 117 -25.46 14.95 51.62
CA GLY I 117 -25.76 13.54 51.48
C GLY I 117 -26.24 13.09 50.10
N THR I 118 -26.30 14.02 49.15
CA THR I 118 -26.67 13.69 47.77
C THR I 118 -25.43 13.53 46.91
N ASP I 119 -25.63 13.10 45.67
CA ASP I 119 -24.55 13.02 44.69
C ASP I 119 -24.19 14.43 44.22
N VAL I 120 -23.47 15.18 45.05
CA VAL I 120 -23.18 16.58 44.76
C VAL I 120 -22.27 16.78 43.55
N GLN I 121 -21.47 15.77 43.22
CA GLN I 121 -20.57 15.89 42.07
C GLN I 121 -21.33 15.98 40.75
N ALA I 122 -22.61 15.58 40.76
CA ALA I 122 -23.50 15.76 39.62
C ALA I 122 -23.59 17.22 39.18
N TRP I 123 -23.42 18.13 40.13
CA TRP I 123 -23.47 19.57 39.85
C TRP I 123 -22.28 20.10 39.08
N ILE I 124 -21.19 19.33 39.01
CA ILE I 124 -20.03 19.72 38.22
C ILE I 124 -19.76 18.74 37.06
N ARG I 125 -20.59 17.71 36.97
CA ARG I 125 -20.44 16.71 35.90
C ARG I 125 -20.66 17.35 34.53
N GLY I 126 -19.74 17.06 33.61
CA GLY I 126 -19.79 17.60 32.25
C GLY I 126 -19.18 18.99 32.08
N CYS I 127 -18.77 19.61 33.19
CA CYS I 127 -18.19 20.95 33.15
C CYS I 127 -16.71 20.95 32.80
N ARG I 128 -16.32 21.89 31.95
CA ARG I 128 -14.92 22.15 31.66
C ARG I 128 -14.30 22.90 32.84
N LEU I 129 -13.33 22.26 33.48
CA LEU I 129 -12.73 22.79 34.71
C LEU I 129 -11.20 22.75 34.63
N ALA J 1 -31.65 25.82 93.31
CA ALA J 1 -33.11 25.51 93.31
C ALA J 1 -33.94 26.76 93.00
N MET J 2 -34.17 27.00 91.71
CA MET J 2 -34.96 28.15 91.26
C MET J 2 -36.41 27.79 90.95
N GLY J 3 -36.79 26.53 91.23
CA GLY J 3 -38.12 26.03 90.91
C GLY J 3 -38.17 25.47 89.51
N SER J 4 -38.54 26.33 88.55
CA SER J 4 -38.57 26.01 87.11
C SER J 4 -39.38 24.75 86.73
N VAL J 5 -39.17 24.26 85.52
CA VAL J 5 -39.78 23.01 85.04
C VAL J 5 -38.99 22.41 83.87
N TYR J 6 -37.67 22.57 83.90
CA TYR J 6 -36.79 21.90 82.95
C TYR J 6 -36.81 20.38 83.23
N PRO J 7 -36.72 19.55 82.17
CA PRO J 7 -36.77 18.10 82.39
C PRO J 7 -35.46 17.51 82.92
N LYS J 8 -35.51 16.27 83.37
CA LYS J 8 -34.32 15.57 83.86
C LYS J 8 -33.49 15.07 82.69
N LYS J 9 -32.17 15.18 82.82
CA LYS J 9 -31.21 14.67 81.83
C LYS J 9 -31.42 13.17 81.60
N THR J 10 -31.43 12.77 80.33
CA THR J 10 -31.57 11.35 79.97
C THR J 10 -30.27 10.76 79.44
N HIS J 11 -29.43 11.60 78.84
CA HIS J 11 -28.22 11.15 78.15
C HIS J 11 -27.07 12.08 78.40
N TRP J 12 -25.89 11.51 78.58
CA TRP J 12 -24.64 12.28 78.53
C TRP J 12 -24.38 12.64 77.09
N THR J 13 -23.69 13.76 76.87
CA THR J 13 -23.44 14.22 75.49
C THR J 13 -22.70 13.17 74.66
N ALA J 14 -21.78 12.44 75.29
CA ALA J 14 -21.03 11.36 74.65
C ALA J 14 -21.90 10.18 74.19
N GLU J 15 -23.07 10.03 74.81
CA GLU J 15 -24.01 8.98 74.43
C GLU J 15 -24.82 9.33 73.19
N ILE J 16 -24.78 10.59 72.75
CA ILE J 16 -25.54 10.99 71.56
C ILE J 16 -24.80 10.52 70.31
N THR J 17 -25.26 9.41 69.76
CA THR J 17 -24.58 8.77 68.64
C THR J 17 -25.56 8.63 67.47
N PRO J 18 -25.05 8.50 66.23
CA PRO J 18 -25.94 8.40 65.07
C PRO J 18 -27.00 7.30 65.18
N ASN J 19 -26.67 6.19 65.83
CA ASN J 19 -27.66 5.11 65.98
C ASN J 19 -28.79 5.40 66.98
N LEU J 20 -28.75 6.60 67.59
CA LEU J 20 -29.89 7.10 68.35
C LEU J 20 -30.85 7.95 67.51
N HIS J 21 -30.61 7.99 66.19
CA HIS J 21 -31.52 8.70 65.27
C HIS J 21 -32.98 8.44 65.56
N GLY J 22 -33.76 9.52 65.71
CA GLY J 22 -35.18 9.40 66.00
C GLY J 22 -35.56 9.30 67.47
N THR J 23 -34.56 9.28 68.37
CA THR J 23 -34.81 9.15 69.80
C THR J 23 -34.92 10.52 70.49
N GLU J 24 -35.96 10.69 71.32
CA GLU J 24 -36.09 11.89 72.13
C GLU J 24 -35.16 11.82 73.33
N VAL J 25 -34.34 12.86 73.50
CA VAL J 25 -33.35 12.86 74.57
C VAL J 25 -33.40 14.18 75.36
N VAL J 26 -32.83 14.15 76.56
CA VAL J 26 -32.58 15.38 77.30
C VAL J 26 -31.10 15.41 77.66
N VAL J 27 -30.41 16.43 77.17
CA VAL J 27 -29.01 16.66 77.52
C VAL J 27 -28.90 17.89 78.43
N ALA J 28 -27.89 17.90 79.28
CA ALA J 28 -27.65 19.02 80.17
C ALA J 28 -26.16 19.26 80.32
N GLY J 29 -25.77 20.52 80.29
CA GLY J 29 -24.38 20.92 80.43
C GLY J 29 -24.21 22.40 80.14
N TRP J 30 -23.03 22.77 79.63
CA TRP J 30 -22.75 24.17 79.33
C TRP J 30 -22.59 24.40 77.85
N VAL J 31 -22.82 25.65 77.44
CA VAL J 31 -22.65 26.06 76.05
C VAL J 31 -21.16 26.12 75.68
N ALA J 32 -20.74 25.22 74.80
CA ALA J 32 -19.35 25.15 74.35
C ALA J 32 -19.08 26.20 73.27
N SER J 33 -20.04 26.37 72.36
CA SER J 33 -19.96 27.39 71.33
C SER J 33 -21.33 27.72 70.75
N LEU J 34 -21.38 28.86 70.07
CA LEU J 34 -22.58 29.34 69.41
C LEU J 34 -22.23 29.72 67.98
N GLY J 35 -23.12 29.42 67.05
CA GLY J 35 -22.97 29.82 65.66
C GLY J 35 -24.26 30.39 65.15
N ASP J 36 -24.21 31.61 64.61
CA ASP J 36 -25.41 32.24 64.06
C ASP J 36 -25.19 32.55 62.59
N TYR J 37 -25.88 31.81 61.73
CA TYR J 37 -25.72 31.94 60.28
C TYR J 37 -26.97 32.46 59.60
N GLY J 38 -27.88 33.01 60.42
CA GLY J 38 -29.16 33.51 59.95
C GLY J 38 -30.25 32.47 60.12
N ARG J 39 -30.64 31.84 59.02
CA ARG J 39 -31.66 30.79 59.03
C ARG J 39 -31.27 29.55 59.83
N VAL J 40 -29.97 29.26 59.90
CA VAL J 40 -29.44 28.20 60.76
C VAL J 40 -28.69 28.80 61.94
N LYS J 41 -29.03 28.35 63.14
CA LYS J 41 -28.25 28.68 64.34
C LYS J 41 -27.89 27.38 65.06
N ILE J 42 -26.68 27.32 65.61
CA ILE J 42 -26.17 26.10 66.24
C ILE J 42 -25.63 26.40 67.64
N VAL J 43 -26.07 25.61 68.60
CA VAL J 43 -25.49 25.65 69.94
C VAL J 43 -24.87 24.29 70.26
N LYS J 44 -23.60 24.30 70.64
CA LYS J 44 -22.93 23.05 71.03
C LYS J 44 -22.86 22.96 72.55
N VAL J 45 -23.24 21.80 73.08
CA VAL J 45 -23.31 21.59 74.52
C VAL J 45 -22.34 20.49 74.95
N SER J 46 -21.60 20.75 76.02
CA SER J 46 -20.72 19.75 76.63
C SER J 46 -21.10 19.52 78.09
N ASP J 47 -20.81 18.33 78.59
CA ASP J 47 -21.05 18.02 80.00
C ASP J 47 -19.84 17.35 80.64
N ARG J 48 -18.75 17.27 79.88
CA ARG J 48 -17.47 16.77 80.37
C ARG J 48 -16.37 17.69 79.86
N GLU J 49 -15.38 17.94 80.71
CA GLU J 49 -14.17 18.60 80.26
C GLU J 49 -13.39 17.67 79.35
N GLY J 50 -12.96 18.20 78.20
CA GLY J 50 -12.30 17.41 77.18
C GLY J 50 -13.22 16.34 76.61
N GLY J 51 -14.51 16.63 76.56
CA GLY J 51 -15.51 15.67 76.11
C GLY J 51 -16.17 16.05 74.81
N ALA J 52 -17.32 15.44 74.54
CA ALA J 52 -18.13 15.74 73.36
C ALA J 52 -18.68 17.16 73.41
N ALA J 53 -19.00 17.72 72.24
CA ALA J 53 -19.79 18.93 72.15
C ALA J 53 -20.89 18.70 71.12
N VAL J 54 -22.06 18.27 71.61
CA VAL J 54 -23.15 17.86 70.73
C VAL J 54 -23.83 19.08 70.10
N SER J 55 -24.05 19.03 68.78
CA SER J 55 -24.62 20.14 68.02
C SER J 55 -26.14 20.15 68.13
N VAL J 56 -26.67 21.25 68.63
CA VAL J 56 -28.10 21.47 68.68
C VAL J 56 -28.43 22.49 67.61
N TYR J 57 -29.30 22.08 66.69
CA TYR J 57 -29.54 22.82 65.47
CA TYR J 57 -29.54 22.84 65.47
C TYR J 57 -30.91 23.53 65.49
N LEU J 58 -30.90 24.83 65.23
CA LEU J 58 -32.14 25.60 65.09
C LEU J 58 -32.26 26.07 63.64
N GLU J 59 -33.45 25.91 63.06
CA GLU J 59 -33.68 26.25 61.65
C GLU J 59 -35.02 26.94 61.47
N TYR J 60 -35.00 28.13 60.86
CA TYR J 60 -36.24 28.87 60.69
C TYR J 60 -37.27 28.06 59.89
N GLY J 61 -38.51 28.07 60.37
CA GLY J 61 -39.61 27.35 59.71
C GLY J 61 -39.73 25.91 60.16
N LYS J 62 -38.75 25.45 60.93
CA LYS J 62 -38.71 24.07 61.40
C LYS J 62 -38.70 24.02 62.93
N THR J 63 -37.78 24.76 63.53
CA THR J 63 -37.70 24.91 64.98
C THR J 63 -38.78 25.89 65.43
N PRO J 64 -39.47 25.59 66.55
CA PRO J 64 -40.44 26.54 67.11
C PRO J 64 -39.82 27.92 67.32
N ASP J 65 -40.56 28.96 66.93
CA ASP J 65 -40.04 30.34 66.95
C ASP J 65 -39.55 30.84 68.30
N HIS J 66 -40.20 30.39 69.37
CA HIS J 66 -39.85 30.85 70.72
C HIS J 66 -38.46 30.44 71.12
N LEU J 67 -37.96 29.35 70.53
CA LEU J 67 -36.60 28.88 70.78
C LEU J 67 -35.52 29.84 70.27
N PHE J 68 -35.83 30.59 69.21
CA PHE J 68 -34.90 31.61 68.70
C PHE J 68 -34.71 32.76 69.69
N LYS J 69 -35.77 33.10 70.42
CA LYS J 69 -35.68 34.10 71.49
C LYS J 69 -34.73 33.60 72.58
N VAL J 70 -34.84 32.32 72.94
CA VAL J 70 -33.93 31.69 73.91
C VAL J 70 -32.49 31.72 73.39
N PHE J 71 -32.31 31.40 72.10
CA PHE J 71 -30.99 31.39 71.49
C PHE J 71 -30.29 32.75 71.64
N ALA J 72 -31.04 33.83 71.43
CA ALA J 72 -30.52 35.19 71.53
C ALA J 72 -30.02 35.54 72.94
N GLU J 73 -30.52 34.84 73.94
CA GLU J 73 -30.11 35.02 75.34
C GLU J 73 -28.82 34.27 75.71
N LEU J 74 -28.40 33.34 74.86
CA LEU J 74 -27.27 32.44 75.15
C LEU J 74 -25.88 33.10 75.07
N SER J 75 -25.00 32.70 75.99
CA SER J 75 -23.57 33.00 75.90
C SER J 75 -22.80 31.71 76.13
N ARG J 76 -21.54 31.66 75.69
CA ARG J 76 -20.65 30.55 76.02
C ARG J 76 -20.62 30.40 77.53
N GLU J 77 -20.56 29.14 77.98
CA GLU J 77 -20.47 28.80 79.42
C GLU J 77 -21.81 28.84 80.18
N ASP J 78 -22.87 29.36 79.56
CA ASP J 78 -24.21 29.27 80.16
C ASP J 78 -24.55 27.80 80.40
N VAL J 79 -25.21 27.52 81.52
CA VAL J 79 -25.68 26.18 81.84
C VAL J 79 -27.08 26.01 81.27
N VAL J 80 -27.26 24.93 80.50
CA VAL J 80 -28.50 24.72 79.76
C VAL J 80 -29.03 23.29 79.91
N VAL J 81 -30.32 23.13 79.64
CA VAL J 81 -30.96 21.83 79.52
C VAL J 81 -31.70 21.85 78.19
N ILE J 82 -31.46 20.83 77.36
CA ILE J 82 -32.07 20.77 76.02
C ILE J 82 -32.77 19.43 75.78
N LYS J 83 -34.05 19.51 75.42
CA LYS J 83 -34.81 18.33 75.01
C LYS J 83 -35.03 18.42 73.50
N GLY J 84 -34.82 17.30 72.82
CA GLY J 84 -35.01 17.24 71.37
C GLY J 84 -34.85 15.83 70.84
N ILE J 85 -34.90 15.70 69.52
CA ILE J 85 -34.80 14.42 68.84
C ILE J 85 -33.42 14.32 68.18
N VAL J 86 -32.77 13.18 68.38
CA VAL J 86 -31.47 12.92 67.76
C VAL J 86 -31.68 12.71 66.26
N GLU J 87 -30.88 13.39 65.46
CA GLU J 87 -30.92 13.23 64.02
C GLU J 87 -29.51 12.95 63.51
N ALA J 88 -29.37 11.81 62.85
CA ALA J 88 -28.10 11.44 62.25
C ALA J 88 -27.87 12.31 61.02
N SER J 89 -26.61 12.75 60.85
CA SER J 89 -26.20 13.54 59.70
C SER J 89 -26.54 12.84 58.39
N LYS J 90 -26.94 13.63 57.40
CA LYS J 90 -27.22 13.10 56.06
C LYS J 90 -25.95 12.66 55.33
N ALA J 91 -24.80 13.21 55.71
CA ALA J 91 -23.53 12.94 55.03
C ALA J 91 -22.92 11.61 55.47
N GLY J 98 -21.66 14.33 62.25
CA GLY J 98 -22.21 12.97 62.27
C GLY J 98 -23.56 12.85 62.95
N VAL J 99 -23.80 13.69 63.96
CA VAL J 99 -25.04 13.64 64.77
C VAL J 99 -25.48 15.04 65.26
N GLU J 100 -26.80 15.24 65.32
CA GLU J 100 -27.39 16.50 65.72
C GLU J 100 -28.59 16.28 66.64
N ILE J 101 -28.99 17.33 67.35
CA ILE J 101 -30.24 17.31 68.09
C ILE J 101 -31.12 18.43 67.54
N PHE J 102 -32.36 18.06 67.20
CA PHE J 102 -33.39 18.99 66.76
C PHE J 102 -34.26 19.29 67.98
N PRO J 103 -34.11 20.49 68.57
CA PRO J 103 -34.65 20.76 69.89
C PRO J 103 -36.13 21.13 69.89
N SER J 104 -36.83 20.70 70.94
CA SER J 104 -38.16 21.22 71.22
C SER J 104 -38.11 22.18 72.42
N GLU J 105 -37.16 21.95 73.33
CA GLU J 105 -37.01 22.81 74.52
C GLU J 105 -35.56 23.24 74.75
N ILE J 106 -35.37 24.50 75.10
CA ILE J 106 -34.07 24.98 75.58
C ILE J 106 -34.26 25.81 76.86
N TRP J 107 -33.70 25.32 77.97
CA TRP J 107 -33.78 25.99 79.26
C TRP J 107 -32.43 26.47 79.69
N ILE J 108 -32.36 27.74 80.10
CA ILE J 108 -31.12 28.29 80.65
C ILE J 108 -31.20 28.29 82.18
N LEU J 109 -30.37 27.48 82.81
CA LEU J 109 -30.37 27.36 84.28
C LEU J 109 -29.63 28.51 84.95
N ASN J 110 -28.51 28.92 84.36
CA ASN J 110 -27.81 30.13 84.78
C ASN J 110 -26.82 30.65 83.74
N LYS J 111 -26.66 31.97 83.71
CA LYS J 111 -25.67 32.62 82.88
C LYS J 111 -24.35 32.63 83.66
N ALA J 112 -23.24 32.50 82.93
CA ALA J 112 -21.92 32.54 83.56
C ALA J 112 -21.55 33.98 83.95
N LYS J 113 -20.75 34.11 85.02
CA LYS J 113 -20.32 35.41 85.51
C LYS J 113 -19.14 35.93 84.70
N LYS K 1 9.85 1.69 -39.78
CA LYS K 1 9.52 2.88 -38.95
C LYS K 1 9.17 2.46 -37.53
N VAL K 2 9.72 3.19 -36.55
CA VAL K 2 9.33 3.02 -35.15
C VAL K 2 8.43 4.19 -34.76
N PHE K 3 7.15 3.89 -34.54
CA PHE K 3 6.16 4.91 -34.15
C PHE K 3 6.35 5.37 -32.72
N GLY K 4 6.04 6.63 -32.45
CA GLY K 4 5.81 7.10 -31.09
C GLY K 4 4.41 6.69 -30.67
N ARG K 5 4.17 6.60 -29.37
CA ARG K 5 2.88 6.16 -28.83
C ARG K 5 1.69 6.95 -29.37
N CYS K 6 1.74 8.28 -29.24
CA CYS K 6 0.60 9.11 -29.65
C CYS K 6 0.48 9.24 -31.16
N GLU K 7 1.62 9.20 -31.86
CA GLU K 7 1.64 9.13 -33.32
C GLU K 7 0.88 7.88 -33.82
N LEU K 8 1.16 6.73 -33.21
CA LEU K 8 0.46 5.50 -33.56
C LEU K 8 -1.03 5.54 -33.19
N ALA K 9 -1.33 6.09 -32.02
CA ALA K 9 -2.72 6.28 -31.58
C ALA K 9 -3.51 7.05 -32.63
N ALA K 10 -2.94 8.15 -33.11
CA ALA K 10 -3.57 8.96 -34.15
C ALA K 10 -3.74 8.21 -35.48
N ALA K 11 -2.71 7.48 -35.91
CA ALA K 11 -2.78 6.72 -37.15
C ALA K 11 -3.81 5.58 -37.06
N MET K 12 -3.80 4.86 -35.94
CA MET K 12 -4.77 3.78 -35.73
C MET K 12 -6.21 4.31 -35.67
N LYS K 13 -6.37 5.52 -35.12
CA LYS K 13 -7.67 6.19 -35.09
C LYS K 13 -8.15 6.53 -36.51
N ARG K 14 -7.28 7.13 -37.31
CA ARG K 14 -7.59 7.46 -38.69
C ARG K 14 -7.96 6.23 -39.51
N HIS K 15 -7.35 5.09 -39.17
CA HIS K 15 -7.59 3.83 -39.86
C HIS K 15 -8.80 3.07 -39.36
N GLY K 16 -9.52 3.66 -38.41
CA GLY K 16 -10.80 3.11 -37.96
C GLY K 16 -10.73 1.99 -36.94
N LEU K 17 -9.66 1.95 -36.14
CA LEU K 17 -9.52 0.90 -35.14
C LEU K 17 -10.23 1.18 -33.83
N ASP K 18 -10.54 2.43 -33.55
CA ASP K 18 -11.20 2.77 -32.29
C ASP K 18 -12.58 2.14 -32.25
N ASN K 19 -12.78 1.26 -31.28
CA ASN K 19 -14.04 0.52 -31.09
C ASN K 19 -14.38 -0.48 -32.19
N TYR K 20 -13.40 -0.83 -33.01
CA TYR K 20 -13.57 -1.88 -33.99
C TYR K 20 -13.76 -3.21 -33.26
N ARG K 21 -14.85 -3.91 -33.58
CA ARG K 21 -15.26 -5.13 -32.89
C ARG K 21 -15.40 -4.93 -31.38
N GLY K 22 -15.70 -3.69 -30.99
CA GLY K 22 -15.90 -3.33 -29.59
C GLY K 22 -14.63 -3.02 -28.81
N TYR K 23 -13.48 -2.99 -29.50
CA TYR K 23 -12.20 -2.75 -28.84
C TYR K 23 -11.75 -1.29 -28.94
N SER K 24 -11.74 -0.60 -27.82
CA SER K 24 -11.30 0.80 -27.77
C SER K 24 -9.85 0.93 -28.23
N LEU K 25 -9.52 2.13 -28.72
CA LEU K 25 -8.23 2.42 -29.34
C LEU K 25 -7.02 1.99 -28.50
N GLY K 26 -7.11 2.19 -27.19
CA GLY K 26 -6.03 1.82 -26.26
C GLY K 26 -5.61 0.37 -26.36
N ASN K 27 -6.58 -0.52 -26.60
CA ASN K 27 -6.28 -1.93 -26.83
C ASN K 27 -5.31 -2.15 -27.99
N TRP K 28 -5.53 -1.40 -29.07
CA TRP K 28 -4.74 -1.54 -30.30
C TRP K 28 -3.34 -0.99 -30.14
N VAL K 29 -3.25 0.15 -29.47
CA VAL K 29 -1.94 0.75 -29.17
C VAL K 29 -1.14 -0.16 -28.23
N CYS K 30 -1.78 -0.64 -27.17
CA CYS K 30 -1.14 -1.54 -26.22
C CYS K 30 -0.70 -2.84 -26.91
N ALA K 31 -1.53 -3.39 -27.77
CA ALA K 31 -1.18 -4.62 -28.49
C ALA K 31 0.09 -4.40 -29.32
N ALA K 32 0.14 -3.28 -30.04
CA ALA K 32 1.29 -2.93 -30.88
C ALA K 32 2.55 -2.76 -30.05
N LYS K 33 2.42 -2.12 -28.88
CA LYS K 33 3.55 -1.91 -27.98
C LYS K 33 4.20 -3.24 -27.61
N PHE K 34 3.38 -4.21 -27.20
CA PHE K 34 3.91 -5.47 -26.69
C PHE K 34 4.14 -6.55 -27.75
N GLU K 35 3.55 -6.39 -28.94
CA GLU K 35 3.84 -7.27 -30.08
C GLU K 35 5.13 -6.87 -30.79
N SER K 36 5.28 -5.58 -31.07
CA SER K 36 6.36 -5.09 -31.94
C SER K 36 7.22 -3.96 -31.37
N ASN K 37 6.86 -3.46 -30.18
CA ASN K 37 7.45 -2.22 -29.64
C ASN K 37 7.32 -1.05 -30.62
N PHE K 38 6.17 -1.00 -31.30
CA PHE K 38 5.83 0.06 -32.27
C PHE K 38 6.68 0.05 -33.56
N ASN K 39 7.39 -1.03 -33.82
CA ASN K 39 8.28 -1.15 -34.98
C ASN K 39 7.59 -1.87 -36.15
N THR K 40 7.33 -1.11 -37.23
CA THR K 40 6.64 -1.65 -38.40
C THR K 40 7.41 -2.78 -39.10
N GLN K 41 8.71 -2.84 -38.87
CA GLN K 41 9.57 -3.80 -39.57
C GLN K 41 9.88 -5.05 -38.75
N ALA K 42 9.27 -5.15 -37.57
CA ALA K 42 9.50 -6.30 -36.69
C ALA K 42 9.11 -7.61 -37.37
N THR K 43 10.02 -8.57 -37.37
CA THR K 43 9.72 -9.91 -37.87
C THR K 43 10.34 -10.90 -36.91
N ASN K 44 9.58 -11.96 -36.58
CA ASN K 44 10.02 -12.95 -35.62
C ASN K 44 9.61 -14.35 -36.06
N ARG K 45 10.60 -15.22 -36.25
CA ARG K 45 10.36 -16.59 -36.72
C ARG K 45 10.03 -17.49 -35.54
N ASN K 46 8.99 -18.30 -35.69
CA ASN K 46 8.61 -19.27 -34.65
C ASN K 46 9.19 -20.64 -34.95
N THR K 47 9.20 -21.52 -33.94
CA THR K 47 9.79 -22.86 -34.07
C THR K 47 9.00 -23.80 -35.00
N ASP K 48 7.77 -23.43 -35.33
CA ASP K 48 6.93 -24.20 -36.24
C ASP K 48 7.18 -23.84 -37.71
N GLY K 49 8.14 -22.96 -37.95
CA GLY K 49 8.48 -22.55 -39.31
C GLY K 49 7.69 -21.38 -39.84
N SER K 50 6.75 -20.88 -39.03
CA SER K 50 6.00 -19.68 -39.37
C SER K 50 6.71 -18.45 -38.82
N THR K 51 6.34 -17.28 -39.34
CA THR K 51 6.93 -16.02 -38.90
C THR K 51 5.83 -15.00 -38.64
N ASP K 52 6.06 -14.14 -37.65
CA ASP K 52 5.14 -13.05 -37.32
C ASP K 52 5.66 -11.73 -37.89
N TYR K 53 4.80 -10.98 -38.57
CA TYR K 53 5.23 -9.83 -39.35
C TYR K 53 4.59 -8.51 -38.94
N GLY K 54 5.43 -7.48 -38.79
CA GLY K 54 4.95 -6.10 -38.70
C GLY K 54 4.49 -5.62 -37.34
N ILE K 55 3.82 -4.47 -37.35
CA ILE K 55 3.47 -3.74 -36.14
C ILE K 55 2.53 -4.54 -35.22
N LEU K 56 1.75 -5.44 -35.80
CA LEU K 56 0.83 -6.30 -35.04
C LEU K 56 1.11 -7.79 -35.21
N GLN K 57 2.32 -8.09 -35.70
CA GLN K 57 2.89 -9.43 -35.64
C GLN K 57 1.93 -10.51 -36.14
N ILE K 58 1.48 -10.33 -37.38
CA ILE K 58 0.52 -11.22 -38.02
C ILE K 58 1.24 -12.46 -38.53
N ASN K 59 0.62 -13.62 -38.30
CA ASN K 59 1.29 -14.91 -38.48
C ASN K 59 1.13 -15.46 -39.89
N SER K 60 2.19 -16.12 -40.38
CA SER K 60 2.25 -16.58 -41.77
C SER K 60 1.53 -17.92 -42.03
N ARG K 61 0.99 -18.57 -41.01
CA ARG K 61 0.30 -19.86 -41.22
C ARG K 61 -1.04 -19.67 -41.91
N TRP K 62 -1.89 -18.83 -41.32
CA TRP K 62 -3.25 -18.60 -41.81
C TRP K 62 -3.46 -17.29 -42.49
N TRP K 63 -2.70 -16.26 -42.11
CA TRP K 63 -3.11 -14.88 -42.40
C TRP K 63 -2.42 -14.19 -43.54
N CYS K 64 -1.10 -14.25 -43.60
CA CYS K 64 -0.38 -13.69 -44.75
C CYS K 64 0.53 -14.76 -45.36
N ASN K 65 0.86 -14.58 -46.64
CA ASN K 65 1.73 -15.52 -47.34
C ASN K 65 3.18 -15.04 -47.39
N ASP K 66 4.08 -15.83 -46.81
CA ASP K 66 5.52 -15.56 -46.89
C ASP K 66 6.27 -16.59 -47.75
N GLY K 67 5.52 -17.53 -48.34
CA GLY K 67 6.07 -18.53 -49.23
C GLY K 67 7.03 -19.54 -48.62
N ARG K 68 7.15 -19.55 -47.29
CA ARG K 68 8.05 -20.49 -46.63
C ARG K 68 7.39 -21.29 -45.51
N THR K 69 6.09 -21.06 -45.33
CA THR K 69 5.33 -21.67 -44.24
C THR K 69 4.41 -22.77 -44.78
N PRO K 70 4.61 -24.02 -44.34
CA PRO K 70 3.76 -25.15 -44.77
C PRO K 70 2.31 -24.94 -44.35
N GLY K 71 1.37 -25.34 -45.20
CA GLY K 71 -0.06 -25.22 -44.92
C GLY K 71 -0.61 -23.79 -44.92
N SER K 72 0.01 -22.93 -45.71
CA SER K 72 -0.36 -21.51 -45.79
C SER K 72 -1.77 -21.29 -46.33
N ARG K 73 -2.57 -20.50 -45.61
CA ARG K 73 -3.95 -20.23 -46.02
C ARG K 73 -4.15 -18.84 -46.60
N ASN K 74 -3.25 -17.92 -46.25
CA ASN K 74 -3.31 -16.53 -46.74
C ASN K 74 -4.71 -15.91 -46.71
N LEU K 75 -5.34 -15.94 -45.55
CA LEU K 75 -6.71 -15.44 -45.43
C LEU K 75 -6.85 -13.93 -45.61
N CYS K 76 -5.76 -13.20 -45.40
CA CYS K 76 -5.76 -11.75 -45.63
C CYS K 76 -5.48 -11.39 -47.09
N ASN K 77 -5.15 -12.40 -47.90
CA ASN K 77 -4.85 -12.21 -49.32
C ASN K 77 -3.79 -11.12 -49.55
N ILE K 78 -2.65 -11.28 -48.88
CA ILE K 78 -1.51 -10.37 -49.00
C ILE K 78 -0.18 -11.07 -48.70
N PRO K 79 0.90 -10.67 -49.40
CA PRO K 79 2.21 -11.15 -48.98
C PRO K 79 2.60 -10.53 -47.65
N CYS K 80 3.25 -11.31 -46.79
CA CYS K 80 3.65 -10.82 -45.47
C CYS K 80 4.56 -9.59 -45.54
N SER K 81 5.28 -9.45 -46.66
CA SER K 81 6.17 -8.30 -46.88
C SER K 81 5.42 -6.96 -46.87
N ALA K 82 4.17 -6.97 -47.34
CA ALA K 82 3.32 -5.78 -47.34
C ALA K 82 2.98 -5.31 -45.92
N LEU K 83 3.21 -6.17 -44.93
CA LEU K 83 2.94 -5.84 -43.54
C LEU K 83 4.14 -5.17 -42.86
N LEU K 84 5.21 -4.93 -43.61
CA LEU K 84 6.42 -4.34 -43.06
C LEU K 84 6.58 -2.86 -43.44
N SER K 85 5.58 -2.32 -44.12
CA SER K 85 5.56 -0.93 -44.58
C SER K 85 5.46 0.08 -43.45
N SER K 86 5.95 1.30 -43.69
CA SER K 86 5.82 2.41 -42.74
C SER K 86 4.38 2.89 -42.62
N ASP K 87 3.62 2.70 -43.69
CA ASP K 87 2.19 2.96 -43.71
C ASP K 87 1.48 1.70 -43.19
N ILE K 88 0.60 1.87 -42.20
CA ILE K 88 0.03 0.72 -41.47
C ILE K 88 -1.24 0.12 -42.09
N THR K 89 -1.66 0.66 -43.23
CA THR K 89 -2.90 0.24 -43.91
C THR K 89 -3.07 -1.29 -44.01
N ALA K 90 -2.07 -1.97 -44.57
CA ALA K 90 -2.13 -3.42 -44.80
C ALA K 90 -2.26 -4.20 -43.49
N SER K 91 -1.47 -3.81 -42.49
CA SER K 91 -1.53 -4.44 -41.17
C SER K 91 -2.89 -4.23 -40.53
N VAL K 92 -3.41 -3.02 -40.63
CA VAL K 92 -4.75 -2.69 -40.11
C VAL K 92 -5.83 -3.54 -40.81
N ASN K 93 -5.77 -3.62 -42.13
CA ASN K 93 -6.77 -4.41 -42.87
C ASN K 93 -6.75 -5.88 -42.47
N CYS K 94 -5.56 -6.46 -42.34
CA CYS K 94 -5.43 -7.83 -41.91
C CYS K 94 -5.83 -8.04 -40.44
N ALA K 95 -5.46 -7.08 -39.58
CA ALA K 95 -5.86 -7.11 -38.17
C ALA K 95 -7.38 -7.09 -38.03
N LYS K 96 -8.04 -6.30 -38.87
CA LYS K 96 -9.50 -6.24 -38.87
C LYS K 96 -10.13 -7.59 -39.22
N LYS K 97 -9.54 -8.31 -40.17
CA LYS K 97 -10.01 -9.67 -40.47
C LYS K 97 -9.74 -10.64 -39.32
N ILE K 98 -8.54 -10.57 -38.75
CA ILE K 98 -8.16 -11.43 -37.62
C ILE K 98 -9.10 -11.27 -36.42
N VAL K 99 -9.35 -10.01 -36.03
CA VAL K 99 -10.16 -9.71 -34.86
C VAL K 99 -11.65 -10.05 -35.07
N SER K 100 -12.00 -10.29 -36.33
CA SER K 100 -13.37 -10.67 -36.74
C SER K 100 -13.52 -12.18 -36.90
N ASP K 101 -12.45 -12.93 -36.68
CA ASP K 101 -12.44 -14.38 -36.86
C ASP K 101 -13.27 -15.16 -35.83
N GLY K 102 -13.72 -14.47 -34.79
CA GLY K 102 -14.58 -15.07 -33.78
C GLY K 102 -13.99 -15.11 -32.38
N ASN K 103 -12.74 -14.68 -32.26
CA ASN K 103 -12.05 -14.73 -30.97
C ASN K 103 -11.59 -13.37 -30.47
N GLY K 104 -12.06 -12.31 -31.14
CA GLY K 104 -11.70 -10.94 -30.77
C GLY K 104 -10.18 -10.78 -30.75
N MET K 105 -9.69 -9.98 -29.80
CA MET K 105 -8.26 -9.69 -29.72
C MET K 105 -7.44 -10.80 -29.06
N ASN K 106 -8.10 -11.89 -28.68
CA ASN K 106 -7.38 -13.03 -28.10
C ASN K 106 -6.46 -13.69 -29.12
N ALA K 107 -6.58 -13.28 -30.38
CA ALA K 107 -5.65 -13.69 -31.43
C ALA K 107 -4.22 -13.18 -31.18
N TRP K 108 -4.10 -12.12 -30.38
CA TRP K 108 -2.79 -11.56 -30.03
C TRP K 108 -2.34 -11.94 -28.64
N VAL K 109 -1.30 -12.77 -28.58
CA VAL K 109 -0.78 -13.26 -27.31
C VAL K 109 -0.21 -12.15 -26.43
N ALA K 110 0.43 -11.15 -27.05
CA ALA K 110 0.94 -10.01 -26.29
C ALA K 110 -0.19 -9.18 -25.71
N TRP K 111 -1.30 -9.07 -26.44
CA TRP K 111 -2.49 -8.39 -25.92
C TRP K 111 -3.06 -9.14 -24.76
N ARG K 112 -3.21 -10.47 -24.91
CA ARG K 112 -3.71 -11.32 -23.82
C ARG K 112 -2.86 -11.19 -22.56
N ASN K 113 -1.54 -11.20 -22.75
CA ASN K 113 -0.61 -11.25 -21.63
C ASN K 113 -0.28 -9.91 -20.98
N ARG K 114 -0.37 -8.81 -21.74
CA ARG K 114 0.05 -7.50 -21.22
C ARG K 114 -1.01 -6.40 -21.23
N CYS K 115 -2.11 -6.62 -21.95
CA CYS K 115 -3.10 -5.56 -22.15
C CYS K 115 -4.47 -5.92 -21.58
N LYS K 116 -4.94 -7.12 -21.90
CA LYS K 116 -6.28 -7.57 -21.53
C LYS K 116 -6.49 -7.41 -20.01
N GLY K 117 -7.54 -6.68 -19.65
CA GLY K 117 -7.90 -6.50 -18.24
C GLY K 117 -7.10 -5.45 -17.49
N THR K 118 -6.25 -4.70 -18.21
CA THR K 118 -5.53 -3.57 -17.64
C THR K 118 -6.23 -2.28 -18.05
N ASP K 119 -5.72 -1.15 -17.57
CA ASP K 119 -6.26 0.15 -17.95
C ASP K 119 -5.69 0.52 -19.32
N VAL K 120 -6.26 -0.06 -20.38
CA VAL K 120 -5.75 0.12 -21.74
C VAL K 120 -5.86 1.56 -22.25
N GLN K 121 -6.86 2.30 -21.78
CA GLN K 121 -7.04 3.68 -22.23
C GLN K 121 -5.87 4.58 -21.81
N ALA K 122 -5.08 4.12 -20.84
CA ALA K 122 -3.82 4.79 -20.46
C ALA K 122 -2.87 4.89 -21.65
N TRP K 123 -2.97 3.96 -22.60
CA TRP K 123 -2.13 3.98 -23.80
C TRP K 123 -2.45 5.09 -24.78
N ILE K 124 -3.62 5.71 -24.63
CA ILE K 124 -3.98 6.86 -25.46
C ILE K 124 -4.16 8.16 -24.66
N ARG K 125 -4.01 8.06 -23.34
CA ARG K 125 -4.11 9.22 -22.45
C ARG K 125 -3.08 10.26 -22.82
N GLY K 126 -3.53 11.50 -23.03
CA GLY K 126 -2.65 12.61 -23.37
C GLY K 126 -2.40 12.81 -24.87
N CYS K 127 -2.90 11.88 -25.68
CA CYS K 127 -2.68 11.94 -27.13
C CYS K 127 -3.69 12.84 -27.83
N ARG K 128 -3.17 13.61 -28.80
CA ARG K 128 -4.00 14.43 -29.66
C ARG K 128 -4.67 13.52 -30.67
N LEU K 129 -5.98 13.39 -30.55
CA LEU K 129 -6.80 12.50 -31.36
C LEU K 129 -7.95 13.26 -32.01
N MET L 2 -1.06 -47.79 -14.47
CA MET L 2 -0.86 -47.67 -15.95
C MET L 2 -2.19 -47.62 -16.70
N GLY L 3 -2.13 -47.23 -17.98
CA GLY L 3 -3.29 -47.25 -18.87
C GLY L 3 -4.09 -45.96 -18.95
N SER L 4 -3.72 -45.10 -19.91
CA SER L 4 -4.42 -43.84 -20.13
C SER L 4 -5.80 -44.09 -20.74
N VAL L 5 -6.82 -43.47 -20.15
CA VAL L 5 -8.22 -43.60 -20.59
C VAL L 5 -8.82 -42.20 -20.65
N TYR L 6 -9.64 -41.91 -21.65
CA TYR L 6 -10.28 -40.59 -21.73
C TYR L 6 -11.24 -40.35 -20.55
N PRO L 7 -11.17 -39.15 -19.95
CA PRO L 7 -11.89 -38.91 -18.71
C PRO L 7 -13.38 -38.70 -18.91
N LYS L 8 -14.14 -38.88 -17.84
CA LYS L 8 -15.59 -38.67 -17.88
C LYS L 8 -15.88 -37.18 -17.84
N LYS L 9 -16.82 -36.76 -18.69
CA LYS L 9 -17.33 -35.40 -18.70
C LYS L 9 -17.79 -34.95 -17.31
N THR L 10 -17.33 -33.77 -16.87
CA THR L 10 -17.73 -33.25 -15.57
C THR L 10 -18.72 -32.09 -15.66
N HIS L 11 -18.65 -31.35 -16.78
CA HIS L 11 -19.44 -30.14 -16.95
C HIS L 11 -19.94 -30.03 -18.36
N TRP L 12 -21.18 -29.59 -18.50
CA TRP L 12 -21.72 -29.15 -19.79
C TRP L 12 -21.08 -27.84 -20.12
N THR L 13 -20.93 -27.54 -21.41
CA THR L 13 -20.23 -26.31 -21.81
C THR L 13 -20.84 -25.04 -21.20
N ALA L 14 -22.17 -25.03 -21.08
CA ALA L 14 -22.91 -23.92 -20.47
C ALA L 14 -22.60 -23.73 -18.98
N GLU L 15 -22.12 -24.77 -18.33
CA GLU L 15 -21.74 -24.70 -16.92
C GLU L 15 -20.37 -24.06 -16.72
N ILE L 16 -19.60 -23.88 -17.80
CA ILE L 16 -18.29 -23.25 -17.69
C ILE L 16 -18.48 -21.74 -17.51
N THR L 17 -18.44 -21.29 -16.26
CA THR L 17 -18.73 -19.91 -15.90
C THR L 17 -17.51 -19.27 -15.23
N PRO L 18 -17.43 -17.92 -15.23
CA PRO L 18 -16.28 -17.25 -14.62
C PRO L 18 -16.00 -17.66 -13.17
N ASN L 19 -17.04 -17.98 -12.40
CA ASN L 19 -16.84 -18.35 -11.00
C ASN L 19 -16.24 -19.75 -10.79
N LEU L 20 -15.98 -20.44 -11.91
CA LEU L 20 -15.21 -21.70 -11.87
C LEU L 20 -13.70 -21.50 -12.07
N HIS L 21 -13.26 -20.25 -12.15
CA HIS L 21 -11.84 -19.93 -12.25
C HIS L 21 -10.98 -20.79 -11.35
N GLY L 22 -10.00 -21.48 -11.95
CA GLY L 22 -9.07 -22.32 -11.21
C GLY L 22 -9.50 -23.75 -10.99
N THR L 23 -10.66 -24.12 -11.52
CA THR L 23 -11.22 -25.46 -11.36
C THR L 23 -10.88 -26.33 -12.55
N GLU L 24 -10.44 -27.55 -12.29
CA GLU L 24 -10.22 -28.52 -13.35
C GLU L 24 -11.55 -29.12 -13.78
N VAL L 25 -11.80 -29.10 -15.08
CA VAL L 25 -13.06 -29.58 -15.64
C VAL L 25 -12.79 -30.53 -16.80
N VAL L 26 -13.79 -31.33 -17.13
CA VAL L 26 -13.76 -32.13 -18.34
C VAL L 26 -15.00 -31.80 -19.15
N VAL L 27 -14.81 -31.25 -20.34
CA VAL L 27 -15.91 -30.98 -21.26
C VAL L 27 -15.86 -31.98 -22.40
N ALA L 28 -17.03 -32.28 -22.96
CA ALA L 28 -17.15 -33.28 -24.03
C ALA L 28 -18.19 -32.80 -25.03
N GLY L 29 -17.85 -32.88 -26.30
CA GLY L 29 -18.75 -32.49 -27.37
C GLY L 29 -18.02 -32.42 -28.70
N TRP L 30 -18.46 -31.52 -29.56
CA TRP L 30 -17.85 -31.42 -30.88
C TRP L 30 -17.16 -30.11 -31.09
N VAL L 31 -16.22 -30.09 -32.04
CA VAL L 31 -15.50 -28.88 -32.39
C VAL L 31 -16.41 -27.92 -33.15
N ALA L 32 -16.71 -26.80 -32.52
CA ALA L 32 -17.57 -25.78 -33.12
C ALA L 32 -16.78 -24.89 -34.08
N SER L 33 -15.55 -24.55 -33.70
CA SER L 33 -14.65 -23.78 -34.57
C SER L 33 -13.19 -23.93 -34.17
N LEU L 34 -12.30 -23.57 -35.09
CA LEU L 34 -10.87 -23.57 -34.86
C LEU L 34 -10.30 -22.22 -35.28
N GLY L 35 -9.35 -21.71 -34.51
CA GLY L 35 -8.67 -20.46 -34.82
C GLY L 35 -7.18 -20.66 -34.64
N ASP L 36 -6.39 -20.34 -35.67
CA ASP L 36 -4.94 -20.48 -35.60
C ASP L 36 -4.32 -19.12 -35.89
N TYR L 37 -3.75 -18.52 -34.86
CA TYR L 37 -3.19 -17.17 -34.97
C TYR L 37 -1.67 -17.19 -34.79
N GLY L 38 -1.12 -18.39 -34.85
CA GLY L 38 0.31 -18.59 -34.64
C GLY L 38 0.58 -19.03 -33.21
N ARG L 39 1.06 -18.09 -32.40
CA ARG L 39 1.39 -18.37 -31.00
C ARG L 39 0.17 -18.74 -30.15
N VAL L 40 -1.00 -18.23 -30.52
CA VAL L 40 -2.27 -18.60 -29.90
C VAL L 40 -3.12 -19.41 -30.88
N LYS L 41 -3.65 -20.53 -30.39
CA LYS L 41 -4.62 -21.33 -31.13
C LYS L 41 -5.81 -21.59 -30.22
N ILE L 42 -7.01 -21.56 -30.80
CA ILE L 42 -8.25 -21.74 -30.02
C ILE L 42 -9.15 -22.77 -30.67
N VAL L 43 -9.61 -23.73 -29.87
CA VAL L 43 -10.67 -24.64 -30.30
C VAL L 43 -11.92 -24.35 -29.46
N LYS L 44 -13.05 -24.13 -30.13
CA LYS L 44 -14.31 -23.96 -29.42
C LYS L 44 -15.09 -25.27 -29.43
N VAL L 45 -15.59 -25.66 -28.25
CA VAL L 45 -16.33 -26.92 -28.10
C VAL L 45 -17.79 -26.63 -27.75
N SER L 46 -18.71 -27.31 -28.42
CA SER L 46 -20.14 -27.21 -28.11
C SER L 46 -20.71 -28.59 -27.77
N ASP L 47 -21.75 -28.61 -26.95
CA ASP L 47 -22.44 -29.86 -26.65
C ASP L 47 -23.96 -29.75 -26.80
N ARG L 48 -24.43 -28.61 -27.30
CA ARG L 48 -25.83 -28.41 -27.67
C ARG L 48 -25.88 -27.60 -28.96
N GLU L 49 -26.93 -27.77 -29.74
CA GLU L 49 -27.20 -26.82 -30.83
C GLU L 49 -27.70 -25.51 -30.24
N GLY L 50 -27.25 -24.38 -30.80
CA GLY L 50 -27.65 -23.05 -30.31
C GLY L 50 -27.22 -22.82 -28.88
N GLY L 51 -26.09 -23.43 -28.50
CA GLY L 51 -25.63 -23.36 -27.13
C GLY L 51 -24.30 -22.65 -27.00
N ALA L 52 -23.63 -22.86 -25.88
CA ALA L 52 -22.31 -22.30 -25.65
C ALA L 52 -21.30 -22.89 -26.63
N ALA L 53 -20.27 -22.11 -26.94
CA ALA L 53 -19.08 -22.62 -27.61
C ALA L 53 -17.90 -22.21 -26.74
N VAL L 54 -17.51 -23.07 -25.81
CA VAL L 54 -16.47 -22.74 -24.84
C VAL L 54 -15.06 -22.75 -25.48
N SER L 55 -14.30 -21.70 -25.19
CA SER L 55 -12.98 -21.50 -25.78
C SER L 55 -11.91 -22.27 -25.03
N VAL L 56 -11.19 -23.12 -25.77
CA VAL L 56 -10.04 -23.82 -25.23
C VAL L 56 -8.82 -23.21 -25.90
N TYR L 57 -7.93 -22.61 -25.11
N TYR L 57 -7.92 -22.64 -25.09
CA TYR L 57 -6.80 -21.92 -25.72
CA TYR L 57 -6.76 -21.91 -25.60
C TYR L 57 -5.46 -22.65 -25.56
C TYR L 57 -5.47 -22.70 -25.56
N LEU L 58 -4.67 -22.59 -26.63
CA LEU L 58 -3.33 -23.16 -26.65
C LEU L 58 -2.37 -22.02 -26.93
N GLU L 59 -1.31 -21.94 -26.13
CA GLU L 59 -0.36 -20.84 -26.19
C GLU L 59 1.05 -21.37 -26.18
N TYR L 60 1.83 -21.01 -27.20
CA TYR L 60 3.21 -21.51 -27.32
C TYR L 60 4.01 -21.18 -26.06
N GLY L 61 4.76 -22.16 -25.57
CA GLY L 61 5.61 -21.99 -24.40
C GLY L 61 4.89 -22.20 -23.08
N LYS L 62 3.57 -22.31 -23.15
CA LYS L 62 2.74 -22.49 -21.96
C LYS L 62 2.03 -23.84 -22.06
N THR L 63 1.35 -24.04 -23.19
CA THR L 63 0.67 -25.28 -23.52
C THR L 63 1.72 -26.36 -23.89
N PRO L 64 1.61 -27.58 -23.31
CA PRO L 64 2.53 -28.66 -23.68
C PRO L 64 2.52 -28.93 -25.19
N ASP L 65 3.70 -29.19 -25.75
CA ASP L 65 3.85 -29.36 -27.19
C ASP L 65 3.02 -30.49 -27.79
N HIS L 66 2.79 -31.55 -27.02
CA HIS L 66 1.99 -32.68 -27.51
C HIS L 66 0.56 -32.30 -27.78
N LEU L 67 0.07 -31.28 -27.08
CA LEU L 67 -1.29 -30.77 -27.31
C LEU L 67 -1.40 -30.02 -28.64
N PHE L 68 -0.31 -29.39 -29.08
CA PHE L 68 -0.29 -28.75 -30.41
C PHE L 68 -0.37 -29.77 -31.54
N LYS L 69 0.25 -30.94 -31.33
CA LYS L 69 0.15 -32.05 -32.29
C LYS L 69 -1.31 -32.52 -32.43
N VAL L 70 -1.99 -32.66 -31.29
CA VAL L 70 -3.41 -33.01 -31.31
C VAL L 70 -4.24 -31.92 -31.98
N PHE L 71 -3.93 -30.66 -31.68
CA PHE L 71 -4.65 -29.54 -32.29
C PHE L 71 -4.56 -29.60 -33.82
N ALA L 72 -3.37 -29.92 -34.33
CA ALA L 72 -3.14 -30.05 -35.77
C ALA L 72 -4.00 -31.13 -36.43
N GLU L 73 -4.47 -32.10 -35.65
CA GLU L 73 -5.35 -33.18 -36.14
C GLU L 73 -6.83 -32.80 -36.21
N LEU L 74 -7.20 -31.70 -35.53
CA LEU L 74 -8.59 -31.32 -35.34
C LEU L 74 -9.27 -30.75 -36.58
N SER L 75 -10.53 -31.12 -36.80
CA SER L 75 -11.39 -30.48 -37.80
C SER L 75 -12.71 -30.12 -37.14
N ARG L 76 -13.44 -29.19 -37.71
CA ARG L 76 -14.80 -28.90 -37.28
C ARG L 76 -15.63 -30.19 -37.25
N GLU L 77 -16.48 -30.32 -36.23
CA GLU L 77 -17.37 -31.47 -36.04
C GLU L 77 -16.72 -32.73 -35.45
N ASP L 78 -15.39 -32.73 -35.32
CA ASP L 78 -14.73 -33.81 -34.58
C ASP L 78 -15.29 -33.88 -33.17
N VAL L 79 -15.48 -35.10 -32.67
CA VAL L 79 -15.96 -35.34 -31.31
C VAL L 79 -14.77 -35.42 -30.36
N VAL L 80 -14.75 -34.55 -29.35
CA VAL L 80 -13.60 -34.43 -28.45
C VAL L 80 -13.97 -34.53 -26.96
N VAL L 81 -12.95 -34.83 -26.15
CA VAL L 81 -13.03 -34.73 -24.71
C VAL L 81 -11.80 -33.92 -24.31
N ILE L 82 -12.03 -32.83 -23.58
CA ILE L 82 -10.94 -31.95 -23.16
C ILE L 82 -10.95 -31.75 -21.65
N LYS L 83 -9.81 -32.02 -21.02
CA LYS L 83 -9.59 -31.75 -19.62
C LYS L 83 -8.70 -30.51 -19.51
N GLY L 84 -9.09 -29.58 -18.65
CA GLY L 84 -8.30 -28.37 -18.46
C GLY L 84 -8.76 -27.54 -17.29
N ILE L 85 -8.06 -26.44 -17.04
CA ILE L 85 -8.38 -25.55 -15.91
C ILE L 85 -9.17 -24.36 -16.45
N VAL L 86 -10.30 -24.05 -15.79
CA VAL L 86 -11.10 -22.90 -16.16
C VAL L 86 -10.36 -21.63 -15.77
N GLU L 87 -10.28 -20.67 -16.70
CA GLU L 87 -9.68 -19.39 -16.43
CA GLU L 87 -9.68 -19.37 -16.43
C GLU L 87 -10.65 -18.26 -16.82
N ALA L 88 -11.01 -17.44 -15.84
CA ALA L 88 -11.94 -16.34 -16.07
C ALA L 88 -11.20 -15.20 -16.75
N SER L 89 -11.88 -14.51 -17.67
CA SER L 89 -11.28 -13.41 -18.43
C SER L 89 -10.80 -12.30 -17.50
N LYS L 90 -9.67 -11.68 -17.86
CA LYS L 90 -9.14 -10.53 -17.13
C LYS L 90 -9.96 -9.28 -17.42
N ALA L 91 -10.51 -9.21 -18.64
CA ALA L 91 -11.35 -8.09 -19.06
C ALA L 91 -12.69 -8.11 -18.33
N ALA L 92 -13.29 -9.29 -18.20
CA ALA L 92 -14.58 -9.49 -17.52
C ALA L 92 -15.66 -8.53 -18.01
N GLY L 98 -16.26 -13.23 -19.49
CA GLY L 98 -15.45 -14.07 -20.38
C GLY L 98 -14.84 -15.25 -19.65
N VAL L 99 -14.77 -16.39 -20.33
CA VAL L 99 -14.26 -17.62 -19.75
C VAL L 99 -13.53 -18.44 -20.81
N GLU L 100 -12.53 -19.20 -20.38
CA GLU L 100 -11.80 -20.10 -21.25
C GLU L 100 -11.21 -21.26 -20.46
N ILE L 101 -10.70 -22.25 -21.20
CA ILE L 101 -10.10 -23.42 -20.60
C ILE L 101 -8.66 -23.58 -21.10
N PHE L 102 -7.75 -23.75 -20.14
CA PHE L 102 -6.37 -24.06 -20.42
CA PHE L 102 -6.36 -24.07 -20.43
C PHE L 102 -6.21 -25.59 -20.32
N PRO L 103 -6.05 -26.27 -21.47
CA PRO L 103 -6.12 -27.73 -21.51
C PRO L 103 -4.88 -28.47 -21.02
N SER L 104 -5.11 -29.60 -20.35
CA SER L 104 -4.04 -30.55 -20.09
C SER L 104 -4.17 -31.79 -20.98
N GLU L 105 -5.38 -32.08 -21.43
CA GLU L 105 -5.64 -33.24 -22.28
C GLU L 105 -6.63 -32.89 -23.39
N ILE L 106 -6.33 -33.34 -24.60
CA ILE L 106 -7.28 -33.25 -25.71
C ILE L 106 -7.37 -34.61 -26.38
N TRP L 107 -8.55 -35.23 -26.28
CA TRP L 107 -8.79 -36.55 -26.85
C TRP L 107 -9.73 -36.42 -27.99
N ILE L 108 -9.37 -36.99 -29.14
CA ILE L 108 -10.27 -37.04 -30.27
C ILE L 108 -10.96 -38.41 -30.27
N LEU L 109 -12.27 -38.42 -30.07
CA LEU L 109 -13.03 -39.68 -30.01
C LEU L 109 -13.37 -40.20 -31.38
N ASN L 110 -13.74 -39.30 -32.29
CA ASN L 110 -13.88 -39.63 -33.71
C ASN L 110 -13.86 -38.40 -34.61
N LYS L 111 -13.39 -38.61 -35.83
CA LYS L 111 -13.26 -37.56 -36.83
C LYS L 111 -14.55 -37.42 -37.62
N ALA L 112 -14.81 -36.21 -38.11
CA ALA L 112 -15.97 -35.91 -38.94
C ALA L 112 -15.89 -36.56 -40.32
N LYS L 113 -14.73 -36.44 -40.97
CA LYS L 113 -14.51 -37.00 -42.30
C LYS L 113 -13.50 -38.14 -42.29
N LYS M 1 -7.01 -54.16 -44.64
CA LYS M 1 -6.63 -55.16 -45.69
C LYS M 1 -7.18 -56.55 -45.36
N VAL M 2 -7.76 -57.19 -46.37
CA VAL M 2 -8.15 -58.59 -46.22
C VAL M 2 -7.06 -59.43 -46.88
N PHE M 3 -6.33 -60.18 -46.08
CA PHE M 3 -5.30 -61.11 -46.60
C PHE M 3 -5.95 -62.31 -47.26
N GLY M 4 -5.29 -62.83 -48.30
CA GLY M 4 -5.60 -64.16 -48.81
C GLY M 4 -4.90 -65.18 -47.94
N ARG M 5 -5.35 -66.44 -47.97
CA ARG M 5 -4.81 -67.51 -47.11
C ARG M 5 -3.28 -67.69 -47.24
N CYS M 6 -2.81 -67.94 -48.46
CA CYS M 6 -1.39 -68.21 -48.68
C CYS M 6 -0.53 -66.95 -48.51
N GLU M 7 -1.13 -65.79 -48.78
CA GLU M 7 -0.46 -64.52 -48.57
C GLU M 7 -0.16 -64.33 -47.09
N LEU M 8 -1.14 -64.61 -46.25
CA LEU M 8 -0.97 -64.48 -44.80
C LEU M 8 0.00 -65.51 -44.25
N ALA M 9 -0.09 -66.74 -44.72
CA ALA M 9 0.84 -67.81 -44.34
C ALA M 9 2.28 -67.37 -44.57
N ALA M 10 2.54 -66.82 -45.76
CA ALA M 10 3.86 -66.31 -46.12
C ALA M 10 4.32 -65.17 -45.21
N ALA M 11 3.41 -64.24 -44.91
CA ALA M 11 3.70 -63.12 -44.03
C ALA M 11 4.00 -63.58 -42.60
N MET M 12 3.18 -64.49 -42.10
CA MET M 12 3.36 -65.04 -40.75
C MET M 12 4.66 -65.84 -40.62
N LYS M 13 5.02 -66.56 -41.68
CA LYS M 13 6.30 -67.29 -41.73
C LYS M 13 7.48 -66.31 -41.70
N ARG M 14 7.38 -65.27 -42.53
CA ARG M 14 8.35 -64.17 -42.57
C ARG M 14 8.52 -63.51 -41.19
N HIS M 15 7.42 -63.43 -40.43
CA HIS M 15 7.44 -62.81 -39.11
C HIS M 15 7.80 -63.74 -37.98
N GLY M 16 8.19 -64.96 -38.33
CA GLY M 16 8.75 -65.91 -37.37
C GLY M 16 7.75 -66.66 -36.50
N LEU M 17 6.52 -66.82 -37.00
CA LEU M 17 5.48 -67.48 -36.20
C LEU M 17 5.48 -69.00 -36.30
N ASP M 18 6.06 -69.53 -37.36
CA ASP M 18 6.13 -70.98 -37.55
C ASP M 18 6.92 -71.61 -36.40
N ASN M 19 6.22 -72.45 -35.64
CA ASN M 19 6.76 -73.15 -34.47
C ASN M 19 7.09 -72.23 -33.30
N TYR M 20 6.56 -71.01 -33.31
CA TYR M 20 6.74 -70.11 -32.19
C TYR M 20 5.99 -70.66 -30.98
N ARG M 21 6.70 -70.83 -29.87
CA ARG M 21 6.17 -71.49 -28.67
C ARG M 21 5.67 -72.90 -28.99
N GLY M 22 6.23 -73.51 -30.03
CA GLY M 22 5.86 -74.87 -30.44
C GLY M 22 4.58 -74.97 -31.26
N TYR M 23 4.05 -73.83 -31.71
CA TYR M 23 2.84 -73.82 -32.55
C TYR M 23 3.17 -73.67 -34.02
N SER M 24 2.89 -74.71 -34.80
CA SER M 24 3.16 -74.71 -36.24
C SER M 24 2.40 -73.59 -36.96
N LEU M 25 2.93 -73.16 -38.10
CA LEU M 25 2.37 -72.05 -38.88
C LEU M 25 0.87 -72.15 -39.12
N GLY M 26 0.39 -73.37 -39.38
CA GLY M 26 -1.02 -73.64 -39.63
C GLY M 26 -1.95 -73.19 -38.53
N ASN M 27 -1.53 -73.37 -37.28
CA ASN M 27 -2.26 -72.86 -36.10
C ASN M 27 -2.55 -71.37 -36.20
N TRP M 28 -1.54 -70.61 -36.64
CA TRP M 28 -1.62 -69.15 -36.71
C TRP M 28 -2.52 -68.66 -37.81
N VAL M 29 -2.44 -69.29 -38.98
CA VAL M 29 -3.32 -68.98 -40.10
C VAL M 29 -4.77 -69.32 -39.72
N CYS M 30 -4.97 -70.51 -39.14
CA CYS M 30 -6.30 -70.93 -38.70
C CYS M 30 -6.90 -69.98 -37.65
N ALA M 31 -6.10 -69.56 -36.68
CA ALA M 31 -6.55 -68.62 -35.66
C ALA M 31 -7.04 -67.33 -36.29
N ALA M 32 -6.26 -66.80 -37.22
CA ALA M 32 -6.60 -65.57 -37.94
C ALA M 32 -7.89 -65.73 -38.74
N LYS M 33 -8.07 -66.89 -39.36
CA LYS M 33 -9.28 -67.16 -40.14
C LYS M 33 -10.53 -67.03 -39.26
N PHE M 34 -10.51 -67.67 -38.10
CA PHE M 34 -11.70 -67.71 -37.27
C PHE M 34 -11.79 -66.56 -36.27
N GLU M 35 -10.70 -65.83 -36.08
CA GLU M 35 -10.75 -64.61 -35.28
C GLU M 35 -11.23 -63.41 -36.10
N SER M 36 -10.67 -63.23 -37.29
CA SER M 36 -10.89 -62.01 -38.06
C SER M 36 -11.30 -62.22 -39.51
N ASN M 37 -11.33 -63.47 -39.96
CA ASN M 37 -11.54 -63.80 -41.37
C ASN M 37 -10.49 -63.12 -42.26
N PHE M 38 -9.25 -63.07 -41.74
CA PHE M 38 -8.09 -62.50 -42.44
C PHE M 38 -8.14 -60.97 -42.62
N ASN M 39 -9.07 -60.32 -41.93
CA ASN M 39 -9.24 -58.87 -42.04
C ASN M 39 -8.45 -58.11 -40.97
N THR M 40 -7.41 -57.38 -41.40
CA THR M 40 -6.56 -56.62 -40.48
C THR M 40 -7.31 -55.50 -39.77
N GLN M 41 -8.42 -55.07 -40.34
CA GLN M 41 -9.21 -53.97 -39.77
C GLN M 41 -10.35 -54.44 -38.85
N ALA M 42 -10.47 -55.75 -38.66
CA ALA M 42 -11.53 -56.31 -37.82
C ALA M 42 -11.48 -55.73 -36.41
N THR M 43 -12.59 -55.17 -35.95
CA THR M 43 -12.68 -54.72 -34.55
C THR M 43 -14.06 -55.08 -34.01
N ASN M 44 -14.08 -55.58 -32.77
CA ASN M 44 -15.30 -56.06 -32.15
C ASN M 44 -15.33 -55.68 -30.67
N ARG M 45 -16.34 -54.91 -30.29
CA ARG M 45 -16.51 -54.49 -28.90
C ARG M 45 -17.21 -55.59 -28.11
N ASN M 46 -16.68 -55.88 -26.92
CA ASN M 46 -17.31 -56.83 -26.01
C ASN M 46 -18.18 -56.09 -24.99
N THR M 47 -19.03 -56.84 -24.30
CA THR M 47 -19.97 -56.25 -23.34
C THR M 47 -19.30 -55.70 -22.07
N ASP M 48 -18.03 -56.03 -21.88
CA ASP M 48 -17.28 -55.61 -20.69
C ASP M 48 -16.53 -54.27 -20.86
N GLY M 49 -16.74 -53.61 -21.99
CA GLY M 49 -16.10 -52.32 -22.26
C GLY M 49 -14.78 -52.43 -22.99
N SER M 50 -14.30 -53.66 -23.19
CA SER M 50 -13.08 -53.89 -23.95
C SER M 50 -13.42 -54.15 -25.42
N THR M 51 -12.41 -54.06 -26.28
CA THR M 51 -12.57 -54.29 -27.71
C THR M 51 -11.41 -55.16 -28.19
N ASP M 52 -11.68 -56.01 -29.18
CA ASP M 52 -10.66 -56.88 -29.80
C ASP M 52 -10.26 -56.34 -31.16
N TYR M 53 -8.95 -56.27 -31.41
CA TYR M 53 -8.42 -55.55 -32.56
C TYR M 53 -7.55 -56.38 -33.49
N GLY M 54 -7.82 -56.25 -34.78
CA GLY M 54 -6.92 -56.74 -35.82
C GLY M 54 -7.05 -58.20 -36.19
N ILE M 55 -6.07 -58.66 -36.95
CA ILE M 55 -6.11 -59.99 -37.56
C ILE M 55 -6.18 -61.11 -36.53
N LEU M 56 -5.67 -60.86 -35.32
CA LEU M 56 -5.73 -61.87 -34.25
C LEU M 56 -6.52 -61.40 -33.04
N GLN M 57 -7.34 -60.38 -33.23
CA GLN M 57 -8.35 -59.95 -32.26
C GLN M 57 -7.79 -59.80 -30.84
N ILE M 58 -6.77 -58.96 -30.72
CA ILE M 58 -6.09 -58.72 -29.45
C ILE M 58 -6.94 -57.79 -28.57
N ASN M 59 -7.07 -58.16 -27.30
CA ASN M 59 -7.98 -57.47 -26.39
C ASN M 59 -7.39 -56.23 -25.70
N SER M 60 -8.23 -55.22 -25.53
CA SER M 60 -7.81 -53.91 -25.04
C SER M 60 -7.65 -53.79 -23.51
N ARG M 61 -7.99 -54.84 -22.76
CA ARG M 61 -7.83 -54.77 -21.30
C ARG M 61 -6.37 -54.88 -20.87
N TRP M 62 -5.73 -56.00 -21.20
CA TRP M 62 -4.37 -56.26 -20.77
C TRP M 62 -3.33 -55.95 -21.81
N TRP M 63 -3.69 -56.01 -23.09
CA TRP M 63 -2.67 -56.15 -24.14
C TRP M 63 -2.34 -54.94 -24.97
N CYS M 64 -3.34 -54.29 -25.54
CA CYS M 64 -3.09 -53.04 -26.26
C CYS M 64 -3.88 -51.90 -25.64
N ASN M 65 -3.43 -50.68 -25.84
CA ASN M 65 -4.12 -49.50 -25.30
C ASN M 65 -5.02 -48.83 -26.35
N ASP M 66 -6.32 -48.80 -26.11
CA ASP M 66 -7.24 -48.11 -27.02
C ASP M 66 -7.81 -46.81 -26.44
N GLY M 67 -7.32 -46.44 -25.26
CA GLY M 67 -7.67 -45.18 -24.61
C GLY M 67 -9.11 -45.04 -24.15
N ARG M 68 -9.85 -46.14 -24.17
CA ARG M 68 -11.25 -46.11 -23.72
C ARG M 68 -11.65 -47.30 -22.83
N THR M 69 -10.69 -48.15 -22.50
CA THR M 69 -10.95 -49.34 -21.68
C THR M 69 -10.45 -49.14 -20.24
N PRO M 70 -11.35 -49.17 -19.25
CA PRO M 70 -10.91 -49.06 -17.85
C PRO M 70 -9.97 -50.20 -17.45
N GLY M 71 -8.94 -49.88 -16.66
CA GLY M 71 -8.00 -50.87 -16.17
C GLY M 71 -7.01 -51.37 -17.20
N SER M 72 -6.66 -50.50 -18.14
CA SER M 72 -5.72 -50.82 -19.22
C SER M 72 -4.32 -51.10 -18.67
N ARG M 73 -3.74 -52.21 -19.08
CA ARG M 73 -2.39 -52.59 -18.66
C ARG M 73 -1.36 -52.47 -19.77
N ASN M 74 -1.85 -52.47 -21.03
CA ASN M 74 -1.00 -52.26 -22.22
C ASN M 74 0.32 -53.03 -22.17
N LEU M 75 0.24 -54.34 -21.93
CA LEU M 75 1.45 -55.16 -21.82
C LEU M 75 2.24 -55.27 -23.12
N CYS M 76 1.58 -55.05 -24.26
CA CYS M 76 2.27 -55.04 -25.55
C CYS M 76 2.89 -53.68 -25.87
N ASN M 77 2.60 -52.69 -25.00
CA ASN M 77 3.13 -51.33 -25.11
C ASN M 77 2.89 -50.77 -26.52
N ILE M 78 1.64 -50.80 -26.94
CA ILE M 78 1.25 -50.39 -28.29
C ILE M 78 -0.19 -49.90 -28.31
N PRO M 79 -0.49 -48.86 -29.11
CA PRO M 79 -1.88 -48.47 -29.31
C PRO M 79 -2.63 -49.53 -30.12
N CYS M 80 -3.89 -49.78 -29.77
CA CYS M 80 -4.69 -50.79 -30.45
C CYS M 80 -4.88 -50.47 -31.93
N SER M 81 -4.87 -49.19 -32.28
CA SER M 81 -4.98 -48.74 -33.67
C SER M 81 -3.87 -49.30 -34.56
N ALA M 82 -2.68 -49.48 -33.99
CA ALA M 82 -1.52 -50.02 -34.70
C ALA M 82 -1.70 -51.50 -35.07
N LEU M 83 -2.62 -52.16 -34.36
CA LEU M 83 -2.98 -53.54 -34.66
C LEU M 83 -3.98 -53.62 -35.83
N LEU M 84 -4.33 -52.48 -36.41
CA LEU M 84 -5.27 -52.44 -37.53
C LEU M 84 -4.59 -52.15 -38.87
N SER M 85 -3.26 -52.06 -38.83
CA SER M 85 -2.44 -51.79 -40.01
C SER M 85 -2.42 -52.94 -41.01
N SER M 86 -2.15 -52.61 -42.27
CA SER M 86 -1.96 -53.60 -43.34
C SER M 86 -0.68 -54.42 -43.11
N ASP M 87 0.27 -53.80 -42.42
CA ASP M 87 1.49 -54.46 -42.00
C ASP M 87 1.19 -55.19 -40.69
N ILE M 88 1.43 -56.49 -40.67
CA ILE M 88 1.08 -57.33 -39.51
C ILE M 88 2.13 -57.38 -38.40
N THR M 89 3.19 -56.59 -38.53
CA THR M 89 4.28 -56.55 -37.54
C THR M 89 3.78 -56.40 -36.10
N ALA M 90 2.98 -55.36 -35.86
CA ALA M 90 2.49 -55.04 -34.53
C ALA M 90 1.64 -56.17 -33.94
N SER M 91 0.76 -56.73 -34.75
CA SER M 91 -0.11 -57.83 -34.33
C SER M 91 0.70 -59.07 -33.98
N VAL M 92 1.69 -59.38 -34.81
CA VAL M 92 2.59 -60.52 -34.57
C VAL M 92 3.39 -60.34 -33.27
N ASN M 93 3.96 -59.15 -33.07
CA ASN M 93 4.72 -58.85 -31.85
C ASN M 93 3.88 -59.04 -30.59
N CYS M 94 2.66 -58.52 -30.62
CA CYS M 94 1.76 -58.63 -29.48
C CYS M 94 1.27 -60.07 -29.28
N ALA M 95 0.96 -60.76 -30.38
CA ALA M 95 0.57 -62.17 -30.33
C ALA M 95 1.68 -63.02 -29.72
N LYS M 96 2.92 -62.69 -30.04
CA LYS M 96 4.09 -63.36 -29.46
C LYS M 96 4.13 -63.20 -27.95
N LYS M 97 3.79 -62.02 -27.44
CA LYS M 97 3.72 -61.81 -25.98
C LYS M 97 2.57 -62.61 -25.36
N ILE M 98 1.41 -62.54 -26.00
CA ILE M 98 0.22 -63.25 -25.52
C ILE M 98 0.45 -64.76 -25.42
N VAL M 99 0.99 -65.36 -26.47
CA VAL M 99 1.20 -66.81 -26.52
C VAL M 99 2.32 -67.27 -25.57
N SER M 100 3.11 -66.32 -25.07
CA SER M 100 4.17 -66.60 -24.10
C SER M 100 3.70 -66.37 -22.66
N ASP M 101 2.44 -66.00 -22.49
CA ASP M 101 1.91 -65.61 -21.17
C ASP M 101 1.70 -66.74 -20.19
N GLY M 102 1.78 -67.99 -20.67
CA GLY M 102 1.66 -69.15 -19.81
C GLY M 102 0.55 -70.11 -20.21
N ASN M 103 -0.29 -69.69 -21.16
CA ASN M 103 -1.44 -70.47 -21.58
C ASN M 103 -1.45 -70.83 -23.05
N GLY M 104 -0.31 -70.68 -23.72
CA GLY M 104 -0.19 -70.98 -25.15
C GLY M 104 -1.23 -70.25 -25.98
N MET M 105 -1.74 -70.93 -27.01
CA MET M 105 -2.74 -70.33 -27.88
C MET M 105 -4.17 -70.40 -27.31
N ASN M 106 -4.32 -70.97 -26.11
CA ASN M 106 -5.61 -70.98 -25.42
C ASN M 106 -6.15 -69.58 -25.10
N ALA M 107 -5.27 -68.59 -25.23
CA ALA M 107 -5.67 -67.18 -25.14
C ALA M 107 -6.65 -66.78 -26.24
N TRP M 108 -6.69 -67.55 -27.33
CA TRP M 108 -7.61 -67.26 -28.44
C TRP M 108 -8.78 -68.21 -28.46
N VAL M 109 -9.97 -67.67 -28.19
CA VAL M 109 -11.17 -68.49 -28.14
C VAL M 109 -11.54 -69.12 -29.49
N ALA M 110 -11.30 -68.41 -30.60
CA ALA M 110 -11.59 -68.96 -31.92
C ALA M 110 -10.66 -70.13 -32.27
N TRP M 111 -9.39 -70.00 -31.87
CA TRP M 111 -8.43 -71.09 -32.05
C TRP M 111 -8.84 -72.28 -31.24
N ARG M 112 -9.22 -72.06 -29.98
CA ARG M 112 -9.71 -73.13 -29.12
C ARG M 112 -10.91 -73.87 -29.73
N ASN M 113 -11.87 -73.10 -30.25
CA ASN M 113 -13.12 -73.67 -30.74
C ASN M 113 -13.06 -74.22 -32.17
N ARG M 114 -12.15 -73.69 -32.99
CA ARG M 114 -12.13 -74.03 -34.42
C ARG M 114 -10.83 -74.65 -34.92
N CYS M 115 -9.75 -74.51 -34.17
CA CYS M 115 -8.43 -74.93 -34.65
C CYS M 115 -7.80 -76.04 -33.82
N LYS M 116 -7.84 -75.87 -32.49
CA LYS M 116 -7.21 -76.79 -31.55
C LYS M 116 -7.63 -78.24 -31.83
N GLY M 117 -6.64 -79.10 -32.04
CA GLY M 117 -6.89 -80.52 -32.25
C GLY M 117 -7.37 -80.89 -33.65
N THR M 118 -7.36 -79.94 -34.56
CA THR M 118 -7.73 -80.21 -35.95
C THR M 118 -6.47 -80.32 -36.80
N ASP M 119 -6.64 -80.64 -38.08
CA ASP M 119 -5.55 -80.71 -39.03
C ASP M 119 -5.16 -79.30 -39.49
N VAL M 120 -4.48 -78.56 -38.62
CA VAL M 120 -4.14 -77.15 -38.89
C VAL M 120 -3.21 -76.95 -40.09
N GLN M 121 -2.41 -77.97 -40.40
CA GLN M 121 -1.47 -77.92 -41.52
C GLN M 121 -2.17 -77.73 -42.87
N ALA M 122 -3.44 -78.11 -42.94
CA ALA M 122 -4.28 -77.87 -44.12
C ALA M 122 -4.34 -76.40 -44.51
N TRP M 123 -4.20 -75.51 -43.52
CA TRP M 123 -4.27 -74.07 -43.75
C TRP M 123 -3.07 -73.49 -44.47
N ILE M 124 -1.96 -74.23 -44.50
CA ILE M 124 -0.77 -73.79 -45.22
C ILE M 124 -0.47 -74.64 -46.45
N ARG M 125 -1.26 -75.70 -46.63
CA ARG M 125 -1.11 -76.62 -47.77
C ARG M 125 -1.31 -75.91 -49.10
N GLY M 126 -0.36 -76.10 -50.01
CA GLY M 126 -0.42 -75.49 -51.34
C GLY M 126 0.19 -74.11 -51.46
N CYS M 127 0.59 -73.54 -50.32
CA CYS M 127 1.16 -72.20 -50.28
C CYS M 127 2.66 -72.17 -50.57
N ARG M 128 3.10 -71.14 -51.29
CA ARG M 128 4.52 -70.93 -51.53
C ARG M 128 5.10 -70.30 -50.26
N LEU M 129 5.95 -71.05 -49.55
CA LEU M 129 6.56 -70.57 -48.32
C LEU M 129 8.09 -70.46 -48.44
N SER N 4 -25.79 -71.69 -0.80
CA SER N 4 -25.71 -70.82 0.42
C SER N 4 -24.61 -71.27 1.40
N VAL N 5 -23.88 -72.32 1.05
CA VAL N 5 -22.71 -72.79 1.82
C VAL N 5 -21.62 -73.21 0.85
N TYR N 6 -20.38 -72.76 1.07
CA TYR N 6 -19.28 -73.16 0.19
C TYR N 6 -18.97 -74.66 0.30
N PRO N 7 -18.70 -75.31 -0.85
CA PRO N 7 -18.57 -76.77 -0.89
C PRO N 7 -17.28 -77.28 -0.27
N LYS N 8 -17.28 -78.53 0.14
CA LYS N 8 -16.09 -79.20 0.65
C LYS N 8 -15.22 -79.64 -0.51
N LYS N 9 -13.90 -79.48 -0.34
CA LYS N 9 -12.90 -79.93 -1.31
C LYS N 9 -13.07 -81.43 -1.63
N THR N 10 -13.01 -81.78 -2.91
CA THR N 10 -13.14 -83.20 -3.31
C THR N 10 -11.83 -83.79 -3.80
N HIS N 11 -11.02 -82.97 -4.46
CA HIS N 11 -9.77 -83.41 -5.07
C HIS N 11 -8.68 -82.42 -4.79
N TRP N 12 -7.47 -82.94 -4.58
CA TRP N 12 -6.25 -82.15 -4.65
C TRP N 12 -6.00 -81.81 -6.09
N THR N 13 -5.33 -80.69 -6.35
CA THR N 13 -5.14 -80.23 -7.73
C THR N 13 -4.42 -81.26 -8.59
N ALA N 14 -3.49 -82.00 -7.99
CA ALA N 14 -2.73 -83.05 -8.67
C ALA N 14 -3.60 -84.23 -9.11
N GLU N 15 -4.76 -84.39 -8.48
CA GLU N 15 -5.70 -85.45 -8.82
C GLU N 15 -6.57 -85.10 -10.02
N ILE N 16 -6.52 -83.85 -10.46
CA ILE N 16 -7.31 -83.44 -11.63
C ILE N 16 -6.62 -83.93 -12.89
N THR N 17 -7.08 -85.07 -13.40
CA THR N 17 -6.46 -85.72 -14.54
C THR N 17 -7.47 -85.87 -15.69
N PRO N 18 -6.97 -86.07 -16.92
CA PRO N 18 -7.88 -86.20 -18.07
C PRO N 18 -8.95 -87.28 -17.92
N ASN N 19 -8.66 -88.37 -17.21
CA ASN N 19 -9.67 -89.42 -17.00
C ASN N 19 -10.84 -89.03 -16.07
N LEU N 20 -10.81 -87.81 -15.56
CA LEU N 20 -11.93 -87.27 -14.81
C LEU N 20 -12.89 -86.47 -15.69
N HIS N 21 -12.65 -86.47 -17.00
CA HIS N 21 -13.52 -85.79 -17.95
C HIS N 21 -14.98 -86.01 -17.66
N GLY N 22 -15.71 -84.91 -17.45
CA GLY N 22 -17.14 -84.98 -17.18
C GLY N 22 -17.55 -85.04 -15.72
N THR N 23 -16.57 -85.09 -14.82
CA THR N 23 -16.81 -85.21 -13.37
C THR N 23 -16.85 -83.84 -12.70
N GLU N 24 -17.86 -83.63 -11.86
CA GLU N 24 -17.90 -82.43 -11.02
C GLU N 24 -16.93 -82.58 -9.85
N VAL N 25 -16.04 -81.61 -9.71
CA VAL N 25 -15.04 -81.62 -8.65
C VAL N 25 -15.07 -80.30 -7.89
N VAL N 26 -14.51 -80.33 -6.68
CA VAL N 26 -14.27 -79.12 -5.92
C VAL N 26 -12.79 -79.08 -5.57
N VAL N 27 -12.11 -78.04 -6.05
CA VAL N 27 -10.72 -77.82 -5.69
C VAL N 27 -10.63 -76.63 -4.74
N ALA N 28 -9.62 -76.65 -3.89
CA ALA N 28 -9.41 -75.61 -2.89
C ALA N 28 -7.93 -75.33 -2.74
N GLY N 29 -7.59 -74.05 -2.77
CA GLY N 29 -6.21 -73.62 -2.65
C GLY N 29 -6.07 -72.13 -2.87
N TRP N 30 -4.92 -71.72 -3.39
CA TRP N 30 -4.69 -70.31 -3.69
C TRP N 30 -4.52 -70.08 -5.15
N VAL N 31 -4.73 -68.82 -5.56
CA VAL N 31 -4.54 -68.42 -6.95
C VAL N 31 -3.05 -68.35 -7.27
N ALA N 32 -2.63 -69.24 -8.18
CA ALA N 32 -1.23 -69.31 -8.59
C ALA N 32 -0.94 -68.25 -9.66
N SER N 33 -1.89 -68.07 -10.58
CA SER N 33 -1.75 -67.08 -11.64
C SER N 33 -3.10 -66.72 -12.25
N LEU N 34 -3.12 -65.60 -12.97
CA LEU N 34 -4.31 -65.11 -13.64
C LEU N 34 -3.94 -64.72 -15.07
N GLY N 35 -4.84 -65.04 -16.01
CA GLY N 35 -4.67 -64.69 -17.41
C GLY N 35 -5.95 -64.11 -17.94
N ASP N 36 -5.88 -62.92 -18.53
CA ASP N 36 -7.06 -62.24 -19.06
C ASP N 36 -6.81 -61.87 -20.50
N TYR N 37 -7.47 -62.58 -21.42
CA TYR N 37 -7.25 -62.37 -22.84
C TYR N 37 -8.50 -61.81 -23.52
N GLY N 38 -9.43 -61.34 -22.69
CA GLY N 38 -10.71 -60.84 -23.15
C GLY N 38 -11.78 -61.90 -23.00
N ARG N 39 -12.13 -62.54 -24.11
CA ARG N 39 -13.18 -63.56 -24.13
C ARG N 39 -12.80 -64.83 -23.35
N VAL N 40 -11.50 -65.11 -23.27
CA VAL N 40 -10.96 -66.19 -22.45
C VAL N 40 -10.27 -65.60 -21.22
N LYS N 41 -10.63 -66.09 -20.03
CA LYS N 41 -9.92 -65.74 -18.80
C LYS N 41 -9.55 -67.02 -18.06
N ILE N 42 -8.34 -67.09 -17.51
CA ILE N 42 -7.88 -68.31 -16.84
C ILE N 42 -7.39 -68.04 -15.41
N VAL N 43 -7.89 -68.84 -14.47
CA VAL N 43 -7.37 -68.85 -13.09
C VAL N 43 -6.66 -70.18 -12.88
N LYS N 44 -5.40 -70.12 -12.43
CA LYS N 44 -4.71 -71.34 -12.03
C LYS N 44 -4.66 -71.47 -10.51
N VAL N 45 -5.04 -72.65 -10.03
CA VAL N 45 -5.15 -72.91 -8.59
C VAL N 45 -4.12 -73.96 -8.19
N SER N 46 -3.44 -73.70 -7.07
CA SER N 46 -2.48 -74.64 -6.49
C SER N 46 -2.87 -74.93 -5.05
N ASP N 47 -2.46 -76.10 -4.56
CA ASP N 47 -2.67 -76.45 -3.16
C ASP N 47 -1.44 -77.07 -2.50
N ARG N 48 -0.33 -77.06 -3.23
CA ARG N 48 0.98 -77.45 -2.71
C ARG N 48 2.02 -76.49 -3.25
N GLU N 49 3.09 -76.26 -2.49
CA GLU N 49 4.25 -75.56 -3.04
C GLU N 49 4.99 -76.50 -3.98
N GLY N 50 5.42 -75.96 -5.12
CA GLY N 50 6.05 -76.76 -6.17
C GLY N 50 5.16 -77.87 -6.72
N GLY N 51 3.85 -77.61 -6.78
CA GLY N 51 2.89 -78.61 -7.20
C GLY N 51 2.20 -78.27 -8.50
N ALA N 52 1.07 -78.94 -8.75
CA ALA N 52 0.22 -78.67 -9.90
C ALA N 52 -0.38 -77.27 -9.82
N ALA N 53 -0.72 -76.71 -10.97
CA ALA N 53 -1.50 -75.49 -11.04
C ALA N 53 -2.61 -75.73 -12.06
N VAL N 54 -3.77 -76.18 -11.58
CA VAL N 54 -4.87 -76.58 -12.47
C VAL N 54 -5.56 -75.37 -13.09
N SER N 55 -5.75 -75.41 -14.41
CA SER N 55 -6.39 -74.32 -15.16
C SER N 55 -7.91 -74.34 -15.02
N VAL N 56 -8.45 -73.25 -14.48
CA VAL N 56 -9.89 -73.02 -14.43
C VAL N 56 -10.21 -72.02 -15.55
N TYR N 57 -10.96 -72.48 -16.55
N TYR N 57 -11.01 -72.46 -16.52
CA TYR N 57 -11.24 -71.69 -17.76
CA TYR N 57 -11.22 -71.73 -17.77
C TYR N 57 -12.56 -70.97 -17.69
C TYR N 57 -12.55 -71.00 -17.79
N LEU N 58 -12.53 -69.68 -18.04
CA LEU N 58 -13.74 -68.89 -18.17
C LEU N 58 -13.82 -68.36 -19.61
N GLU N 59 -14.97 -68.56 -20.24
CA GLU N 59 -15.15 -68.18 -21.64
C GLU N 59 -16.47 -67.44 -21.79
N TYR N 60 -16.44 -66.25 -22.36
CA TYR N 60 -17.67 -65.50 -22.53
C TYR N 60 -18.66 -66.31 -23.36
N GLY N 61 -19.92 -66.35 -22.91
CA GLY N 61 -20.97 -67.08 -23.60
C GLY N 61 -21.16 -68.49 -23.06
N LYS N 62 -20.12 -69.04 -22.44
CA LYS N 62 -20.13 -70.40 -21.94
C LYS N 62 -20.21 -70.40 -20.40
N THR N 63 -19.33 -69.61 -19.78
CA THR N 63 -19.29 -69.45 -18.32
C THR N 63 -20.40 -68.50 -17.88
N PRO N 64 -21.10 -68.83 -16.78
CA PRO N 64 -22.08 -67.93 -16.19
C PRO N 64 -21.48 -66.54 -15.95
N ASP N 65 -22.22 -65.50 -16.30
CA ASP N 65 -21.75 -64.10 -16.21
C ASP N 65 -21.32 -63.67 -14.80
N HIS N 66 -22.01 -64.15 -13.78
CA HIS N 66 -21.72 -63.77 -12.40
C HIS N 66 -20.34 -64.19 -11.97
N LEU N 67 -19.80 -65.22 -12.63
CA LEU N 67 -18.44 -65.69 -12.35
C LEU N 67 -17.37 -64.71 -12.83
N PHE N 68 -17.67 -63.98 -13.91
CA PHE N 68 -16.75 -62.96 -14.40
C PHE N 68 -16.59 -61.80 -13.40
N LYS N 69 -17.65 -61.50 -12.65
CA LYS N 69 -17.57 -60.54 -11.54
C LYS N 69 -16.60 -61.04 -10.47
N VAL N 70 -16.71 -62.32 -10.11
CA VAL N 70 -15.82 -62.93 -9.14
C VAL N 70 -14.37 -62.93 -9.65
N PHE N 71 -14.19 -63.25 -10.93
CA PHE N 71 -12.86 -63.22 -11.54
C PHE N 71 -12.18 -61.86 -11.38
N ALA N 72 -12.95 -60.79 -11.61
CA ALA N 72 -12.47 -59.41 -11.49
C ALA N 72 -12.00 -59.06 -10.07
N GLU N 73 -12.54 -59.74 -9.07
CA GLU N 73 -12.14 -59.54 -7.67
C GLU N 73 -10.87 -60.31 -7.29
N LEU N 74 -10.43 -61.23 -8.15
CA LEU N 74 -9.32 -62.13 -7.85
C LEU N 74 -7.94 -61.48 -7.88
N SER N 75 -7.10 -61.86 -6.93
CA SER N 75 -5.67 -61.54 -6.95
C SER N 75 -4.88 -62.81 -6.69
N ARG N 76 -3.64 -62.84 -7.16
CA ARG N 76 -2.70 -63.89 -6.80
C ARG N 76 -2.68 -64.05 -5.28
N GLU N 77 -2.64 -65.31 -4.84
CA GLU N 77 -2.54 -65.68 -3.42
C GLU N 77 -3.87 -65.66 -2.66
N ASP N 78 -4.94 -65.17 -3.31
CA ASP N 78 -6.27 -65.30 -2.72
C ASP N 78 -6.56 -66.77 -2.50
N VAL N 79 -7.20 -67.08 -1.37
CA VAL N 79 -7.60 -68.45 -1.05
C VAL N 79 -8.99 -68.67 -1.61
N VAL N 80 -9.12 -69.68 -2.48
CA VAL N 80 -10.38 -69.93 -3.19
C VAL N 80 -10.90 -71.36 -3.06
N VAL N 81 -12.19 -71.52 -3.32
CA VAL N 81 -12.85 -72.83 -3.46
C VAL N 81 -13.58 -72.74 -4.81
N ILE N 82 -13.31 -73.71 -5.69
CA ILE N 82 -13.88 -73.70 -7.05
C ILE N 82 -14.53 -75.04 -7.35
N LYS N 83 -15.82 -74.98 -7.67
CA LYS N 83 -16.58 -76.14 -8.13
C LYS N 83 -16.77 -76.04 -9.63
N GLY N 84 -16.57 -77.15 -10.33
CA GLY N 84 -16.72 -77.15 -11.78
C GLY N 84 -16.61 -78.55 -12.36
N ILE N 85 -16.68 -78.62 -13.68
CA ILE N 85 -16.61 -79.91 -14.38
C ILE N 85 -15.25 -80.03 -15.05
N VAL N 86 -14.61 -81.18 -14.83
CA VAL N 86 -13.33 -81.47 -15.48
C VAL N 86 -13.56 -81.69 -16.97
N GLU N 87 -12.73 -81.05 -17.79
CA GLU N 87 -12.76 -81.25 -19.23
C GLU N 87 -11.36 -81.53 -19.75
N ALA N 88 -11.20 -82.68 -20.40
CA ALA N 88 -9.94 -83.03 -21.03
C ALA N 88 -9.71 -82.15 -22.25
N SER N 89 -8.48 -81.66 -22.40
CA SER N 89 -8.09 -80.78 -23.50
C SER N 89 -8.22 -81.47 -24.85
N LYS N 90 -8.45 -80.68 -25.89
CA LYS N 90 -8.45 -81.20 -27.26
C LYS N 90 -7.04 -81.56 -27.69
N ALA N 91 -6.86 -82.81 -28.13
CA ALA N 91 -5.57 -83.38 -28.55
C ALA N 91 -4.42 -83.09 -27.57
N GLY N 98 -3.52 -80.45 -21.25
CA GLY N 98 -4.06 -81.75 -20.86
C GLY N 98 -5.43 -81.71 -20.19
N VAL N 99 -5.60 -80.81 -19.21
CA VAL N 99 -6.83 -80.79 -18.41
C VAL N 99 -7.27 -79.38 -17.97
N GLU N 100 -8.59 -79.16 -17.97
CA GLU N 100 -9.20 -77.89 -17.56
C GLU N 100 -10.41 -78.13 -16.65
N ILE N 101 -10.77 -77.12 -15.87
CA ILE N 101 -12.01 -77.14 -15.09
C ILE N 101 -12.91 -76.02 -15.59
N PHE N 102 -14.15 -76.36 -15.94
CA PHE N 102 -15.15 -75.35 -16.28
C PHE N 102 -15.98 -75.08 -15.04
N PRO N 103 -15.82 -73.88 -14.44
CA PRO N 103 -16.41 -73.59 -13.13
C PRO N 103 -17.90 -73.27 -13.15
N SER N 104 -18.60 -73.75 -12.13
CA SER N 104 -19.94 -73.27 -11.82
C SER N 104 -19.91 -72.35 -10.60
N GLU N 105 -18.97 -72.58 -9.69
CA GLU N 105 -18.85 -71.74 -8.49
C GLU N 105 -17.41 -71.30 -8.26
N ILE N 106 -17.22 -70.00 -7.96
CA ILE N 106 -15.92 -69.53 -7.48
C ILE N 106 -16.13 -68.77 -6.16
N TRP N 107 -15.55 -69.29 -5.08
CA TRP N 107 -15.68 -68.69 -3.74
C TRP N 107 -14.36 -68.16 -3.27
N ILE N 108 -14.35 -66.91 -2.81
CA ILE N 108 -13.14 -66.31 -2.24
C ILE N 108 -13.24 -66.37 -0.72
N LEU N 109 -12.42 -67.22 -0.10
CA LEU N 109 -12.47 -67.42 1.35
C LEU N 109 -11.74 -66.31 2.12
N ASN N 110 -10.62 -65.86 1.58
CA ASN N 110 -9.98 -64.62 2.04
C ASN N 110 -9.04 -64.02 0.99
N LYS N 111 -8.90 -62.69 1.04
CA LYS N 111 -8.12 -61.95 0.05
C LYS N 111 -6.62 -62.08 0.24
N LYS O 1 0.13 49.01 0.28
CA LYS O 1 -0.13 50.26 1.06
C LYS O 1 -0.45 49.94 2.51
N VAL O 2 0.16 50.68 3.43
CA VAL O 2 -0.24 50.58 4.82
C VAL O 2 -1.14 51.78 5.13
N PHE O 3 -2.42 51.50 5.34
CA PHE O 3 -3.41 52.52 5.72
C PHE O 3 -3.18 53.02 7.14
N GLY O 4 -3.47 54.29 7.38
CA GLY O 4 -3.64 54.81 8.74
C GLY O 4 -5.05 54.47 9.19
N ARG O 5 -5.28 54.46 10.51
CA ARG O 5 -6.57 54.08 11.10
C ARG O 5 -7.74 54.90 10.55
N CYS O 6 -7.65 56.22 10.68
CA CYS O 6 -8.74 57.11 10.25
C CYS O 6 -8.86 57.20 8.74
N GLU O 7 -7.73 57.04 8.05
CA GLU O 7 -7.72 56.95 6.61
C GLU O 7 -8.52 55.74 6.14
N LEU O 8 -8.28 54.59 6.77
CA LEU O 8 -9.02 53.37 6.44
C LEU O 8 -10.50 53.48 6.81
N ALA O 9 -10.80 54.06 7.97
CA ALA O 9 -12.17 54.26 8.42
C ALA O 9 -12.97 55.02 7.37
N ALA O 10 -12.39 56.12 6.87
CA ALA O 10 -13.01 56.94 5.82
C ALA O 10 -13.23 56.15 4.52
N ALA O 11 -12.22 55.39 4.11
CA ALA O 11 -12.31 54.58 2.89
C ALA O 11 -13.39 53.50 3.01
N MET O 12 -13.43 52.83 4.16
CA MET O 12 -14.42 51.80 4.42
C MET O 12 -15.84 52.38 4.48
N LYS O 13 -15.95 53.60 5.02
CA LYS O 13 -17.22 54.34 5.05
C LYS O 13 -17.71 54.65 3.63
N ARG O 14 -16.80 55.18 2.78
CA ARG O 14 -17.11 55.47 1.39
C ARG O 14 -17.50 54.21 0.62
N HIS O 15 -16.89 53.08 0.98
CA HIS O 15 -17.18 51.82 0.31
C HIS O 15 -18.38 51.09 0.86
N GLY O 16 -19.11 51.76 1.75
CA GLY O 16 -20.40 51.27 2.23
C GLY O 16 -20.40 50.18 3.29
N LEU O 17 -19.34 50.12 4.10
CA LEU O 17 -19.25 49.06 5.10
C LEU O 17 -19.93 49.36 6.43
N ASP O 18 -20.19 50.64 6.70
CA ASP O 18 -20.81 51.04 7.95
C ASP O 18 -22.22 50.46 8.05
N ASN O 19 -22.43 49.62 9.06
CA ASN O 19 -23.69 48.91 9.30
C ASN O 19 -24.09 47.90 8.23
N TYR O 20 -23.12 47.53 7.39
CA TYR O 20 -23.33 46.47 6.39
C TYR O 20 -23.57 45.15 7.11
N ARG O 21 -24.69 44.51 6.77
CA ARG O 21 -25.15 43.30 7.47
C ARG O 21 -25.28 43.52 8.97
N GLY O 22 -25.48 44.78 9.35
CA GLY O 22 -25.65 45.17 10.76
C GLY O 22 -24.37 45.41 11.53
N TYR O 23 -23.23 45.39 10.84
CA TYR O 23 -21.94 45.60 11.51
C TYR O 23 -21.44 47.03 11.36
N SER O 24 -21.38 47.74 12.48
CA SER O 24 -20.92 49.13 12.51
C SER O 24 -19.48 49.26 12.00
N LEU O 25 -19.14 50.45 11.50
CA LEU O 25 -17.85 50.73 10.89
C LEU O 25 -16.65 50.30 11.73
N GLY O 26 -16.75 50.49 13.05
CA GLY O 26 -15.69 50.11 13.97
C GLY O 26 -15.31 48.64 13.91
N ASN O 27 -16.31 47.77 13.70
CA ASN O 27 -16.05 46.33 13.52
C ASN O 27 -15.10 46.06 12.36
N TRP O 28 -15.29 46.76 11.25
CA TRP O 28 -14.49 46.58 10.03
C TRP O 28 -13.09 47.11 10.19
N VAL O 29 -12.94 48.26 10.85
CA VAL O 29 -11.61 48.83 11.10
C VAL O 29 -10.81 47.93 12.06
N CYS O 30 -11.45 47.55 13.16
CA CYS O 30 -10.85 46.63 14.12
C CYS O 30 -10.45 45.30 13.47
N ALA O 31 -11.32 44.76 12.61
CA ALA O 31 -11.01 43.51 11.91
C ALA O 31 -9.74 43.64 11.07
N ALA O 32 -9.67 44.72 10.29
CA ALA O 32 -8.51 44.99 9.44
C ALA O 32 -7.24 45.17 10.27
N LYS O 33 -7.36 45.81 11.42
CA LYS O 33 -6.22 46.00 12.33
C LYS O 33 -5.59 44.65 12.73
N PHE O 34 -6.44 43.75 13.20
CA PHE O 34 -5.95 42.47 13.72
C PHE O 34 -5.79 41.37 12.66
N GLU O 35 -6.36 41.57 11.48
CA GLU O 35 -6.14 40.64 10.37
C GLU O 35 -4.85 40.97 9.62
N SER O 36 -4.63 42.26 9.30
CA SER O 36 -3.55 42.66 8.40
C SER O 36 -2.65 43.79 8.90
N ASN O 37 -2.97 44.36 10.07
CA ASN O 37 -2.31 45.57 10.58
C ASN O 37 -2.39 46.71 9.56
N PHE O 38 -3.55 46.79 8.89
CA PHE O 38 -3.85 47.83 7.90
C PHE O 38 -3.01 47.74 6.61
N ASN O 39 -2.35 46.61 6.40
CA ASN O 39 -1.50 46.42 5.23
C ASN O 39 -2.24 45.73 4.08
N THR O 40 -2.45 46.47 2.99
CA THR O 40 -3.17 45.94 1.83
C THR O 40 -2.43 44.78 1.15
N GLN O 41 -1.13 44.68 1.39
CA GLN O 41 -0.29 43.67 0.73
C GLN O 41 -0.05 42.43 1.60
N ALA O 42 -0.65 42.39 2.79
CA ALA O 42 -0.51 41.25 3.70
C ALA O 42 -0.92 39.94 3.02
N THR O 43 -0.01 38.97 3.01
CA THR O 43 -0.32 37.62 2.51
C THR O 43 0.24 36.61 3.49
N ASN O 44 -0.54 35.59 3.82
CA ASN O 44 -0.13 34.61 4.81
C ASN O 44 -0.60 33.22 4.40
N ARG O 45 0.35 32.33 4.14
CA ARG O 45 0.05 30.94 3.75
C ARG O 45 -0.29 30.09 4.96
N ASN O 46 -1.38 29.33 4.85
CA ASN O 46 -1.76 28.39 5.90
C ASN O 46 -1.23 26.99 5.60
N THR O 47 -1.21 26.13 6.62
CA THR O 47 -0.70 24.77 6.49
C THR O 47 -1.55 23.86 5.59
N ASP O 48 -2.74 24.33 5.22
CA ASP O 48 -3.66 23.55 4.37
C ASP O 48 -3.51 23.85 2.87
N GLY O 49 -2.52 24.66 2.52
CA GLY O 49 -2.26 25.00 1.13
C GLY O 49 -3.02 26.21 0.62
N SER O 50 -3.88 26.76 1.47
CA SER O 50 -4.58 28.01 1.16
C SER O 50 -3.75 29.19 1.67
N THR O 51 -4.06 30.37 1.17
CA THR O 51 -3.39 31.59 1.57
C THR O 51 -4.45 32.65 1.82
N ASP O 52 -4.20 33.53 2.79
CA ASP O 52 -5.10 34.64 3.09
C ASP O 52 -4.52 35.94 2.54
N TYR O 53 -5.35 36.71 1.84
CA TYR O 53 -4.89 37.88 1.07
C TYR O 53 -5.49 39.20 1.50
N GLY O 54 -4.62 40.18 1.67
CA GLY O 54 -5.02 41.57 1.74
C GLY O 54 -5.46 42.08 3.10
N ILE O 55 -6.07 43.26 3.08
CA ILE O 55 -6.45 44.01 4.28
C ILE O 55 -7.40 43.22 5.21
N LEU O 56 -8.24 42.36 4.64
CA LEU O 56 -9.14 41.54 5.45
C LEU O 56 -8.87 40.03 5.31
N GLN O 57 -7.70 39.70 4.79
CA GLN O 57 -7.16 38.34 4.84
C GLN O 57 -8.14 37.28 4.32
N ILE O 58 -8.56 37.49 3.08
CA ILE O 58 -9.56 36.64 2.45
C ILE O 58 -8.89 35.35 1.97
N ASN O 59 -9.53 34.21 2.26
CA ASN O 59 -8.94 32.89 2.03
C ASN O 59 -9.15 32.35 0.62
N SER O 60 -8.14 31.64 0.11
CA SER O 60 -8.13 31.19 -1.28
C SER O 60 -8.87 29.88 -1.58
N ARG O 61 -9.42 29.22 -0.56
CA ARG O 61 -10.17 27.98 -0.79
C ARG O 61 -11.53 28.25 -1.42
N TRP O 62 -12.37 29.01 -0.71
CA TRP O 62 -13.72 29.31 -1.18
C TRP O 62 -13.87 30.63 -1.87
N TRP O 63 -13.02 31.61 -1.54
CA TRP O 63 -13.37 33.01 -1.82
C TRP O 63 -12.71 33.70 -2.99
N CYS O 64 -11.38 33.64 -3.07
CA CYS O 64 -10.69 34.19 -4.23
C CYS O 64 -9.82 33.11 -4.87
N ASN O 65 -9.50 33.30 -6.15
CA ASN O 65 -8.65 32.36 -6.88
C ASN O 65 -7.19 32.82 -6.95
N ASP O 66 -6.29 32.04 -6.38
CA ASP O 66 -4.85 32.34 -6.49
C ASP O 66 -4.13 31.34 -7.39
N GLY O 67 -4.89 30.47 -8.04
CA GLY O 67 -4.36 29.53 -9.03
C GLY O 67 -3.45 28.44 -8.49
N ARG O 68 -3.38 28.30 -7.17
CA ARG O 68 -2.51 27.28 -6.56
C ARG O 68 -3.17 26.49 -5.42
N THR O 69 -4.42 26.82 -5.10
CA THR O 69 -5.13 26.16 -4.00
C THR O 69 -6.09 25.09 -4.53
N PRO O 70 -5.90 23.82 -4.11
CA PRO O 70 -6.81 22.77 -4.56
C PRO O 70 -8.23 22.99 -4.03
N GLY O 71 -9.23 22.60 -4.83
CA GLY O 71 -10.63 22.73 -4.44
C GLY O 71 -11.12 24.17 -4.45
N SER O 72 -10.51 24.99 -5.29
CA SER O 72 -10.83 26.41 -5.42
C SER O 72 -12.26 26.62 -5.89
N ARG O 73 -13.01 27.44 -5.17
CA ARG O 73 -14.40 27.69 -5.50
C ARG O 73 -14.62 29.12 -6.02
N ASN O 74 -13.69 30.02 -5.71
CA ASN O 74 -13.71 31.41 -6.19
C ASN O 74 -15.10 32.08 -6.17
N LEU O 75 -15.73 32.08 -5.00
CA LEU O 75 -17.07 32.63 -4.86
C LEU O 75 -17.16 34.14 -5.07
N CYS O 76 -16.06 34.85 -4.84
CA CYS O 76 -16.01 36.29 -5.08
C CYS O 76 -15.73 36.62 -6.55
N ASN O 77 -15.46 35.58 -7.35
CA ASN O 77 -15.18 35.73 -8.80
C ASN O 77 -14.06 36.75 -9.03
N ILE O 78 -12.94 36.51 -8.38
CA ILE O 78 -11.90 37.53 -8.29
C ILE O 78 -10.54 36.85 -8.06
N PRO O 79 -9.50 37.29 -8.79
CA PRO O 79 -8.17 36.77 -8.48
C PRO O 79 -7.67 37.31 -7.14
N CYS O 80 -6.97 36.49 -6.36
CA CYS O 80 -6.51 36.91 -5.04
C CYS O 80 -5.52 38.08 -5.12
N SER O 81 -4.78 38.17 -6.22
CA SER O 81 -3.82 39.26 -6.45
C SER O 81 -4.47 40.64 -6.43
N ALA O 82 -5.72 40.71 -6.90
CA ALA O 82 -6.47 41.97 -6.91
C ALA O 82 -6.86 42.44 -5.51
N LEU O 83 -6.81 41.53 -4.53
CA LEU O 83 -7.07 41.87 -3.14
C LEU O 83 -5.85 42.46 -2.46
N LEU O 84 -4.78 42.68 -3.22
CA LEU O 84 -3.54 43.25 -2.69
C LEU O 84 -3.32 44.69 -3.14
N SER O 85 -4.30 45.25 -3.83
CA SER O 85 -4.23 46.61 -4.36
C SER O 85 -4.32 47.66 -3.26
N SER O 86 -3.78 48.86 -3.54
CA SER O 86 -3.91 50.01 -2.64
C SER O 86 -5.36 50.49 -2.59
N ASP O 87 -6.10 50.21 -3.66
CA ASP O 87 -7.52 50.46 -3.73
C ASP O 87 -8.24 49.28 -3.08
N ILE O 88 -9.06 49.54 -2.07
CA ILE O 88 -9.72 48.47 -1.27
C ILE O 88 -11.02 47.93 -1.87
N THR O 89 -11.42 48.43 -3.04
CA THR O 89 -12.70 48.06 -3.66
C THR O 89 -12.94 46.55 -3.71
N ALA O 90 -11.97 45.81 -4.26
CA ALA O 90 -12.08 44.37 -4.43
C ALA O 90 -12.21 43.63 -3.09
N SER O 91 -11.37 44.01 -2.13
CA SER O 91 -11.44 43.44 -0.78
C SER O 91 -12.79 43.70 -0.11
N VAL O 92 -13.30 44.93 -0.25
CA VAL O 92 -14.61 45.29 0.29
C VAL O 92 -15.72 44.46 -0.38
N ASN O 93 -15.66 44.33 -1.70
CA ASN O 93 -16.66 43.54 -2.42
C ASN O 93 -16.69 42.08 -1.97
N CYS O 94 -15.51 41.47 -1.81
CA CYS O 94 -15.43 40.09 -1.35
C CYS O 94 -15.84 39.94 0.12
N ALA O 95 -15.44 40.91 0.97
CA ALA O 95 -15.83 40.91 2.37
C ALA O 95 -17.36 40.99 2.53
N LYS O 96 -17.99 41.76 1.67
CA LYS O 96 -19.45 41.86 1.64
C LYS O 96 -20.11 40.52 1.33
N LYS O 97 -19.54 39.76 0.41
CA LYS O 97 -20.01 38.41 0.11
C LYS O 97 -19.79 37.46 1.29
N ILE O 98 -18.58 37.47 1.84
CA ILE O 98 -18.23 36.62 2.99
C ILE O 98 -19.17 36.85 4.18
N VAL O 99 -19.35 38.12 4.54
CA VAL O 99 -20.16 38.49 5.70
C VAL O 99 -21.66 38.22 5.49
N SER O 100 -22.05 37.97 4.24
CA SER O 100 -23.44 37.62 3.91
C SER O 100 -23.65 36.10 3.82
N ASP O 101 -22.59 35.33 4.06
CA ASP O 101 -22.61 33.88 3.85
C ASP O 101 -23.45 33.08 4.87
N GLY O 102 -23.87 33.74 5.94
CA GLY O 102 -24.69 33.10 6.96
C GLY O 102 -24.12 33.14 8.37
N ASN O 103 -22.85 33.53 8.48
CA ASN O 103 -22.18 33.53 9.79
C ASN O 103 -21.67 34.91 10.23
N GLY O 104 -22.15 35.96 9.55
CA GLY O 104 -21.72 37.33 9.84
C GLY O 104 -20.22 37.47 9.81
N MET O 105 -19.68 38.29 10.72
CA MET O 105 -18.24 38.53 10.77
C MET O 105 -17.46 37.41 11.49
N ASN O 106 -18.16 36.37 11.94
CA ASN O 106 -17.50 35.20 12.54
C ASN O 106 -16.59 34.48 11.56
N ALA O 107 -16.69 34.84 10.29
CA ALA O 107 -15.79 34.35 9.25
C ALA O 107 -14.35 34.80 9.47
N TRP O 108 -14.17 35.88 10.25
CA TRP O 108 -12.84 36.42 10.54
C TRP O 108 -12.41 36.07 11.93
N VAL O 109 -11.36 35.25 12.02
CA VAL O 109 -10.86 34.79 13.31
C VAL O 109 -10.28 35.93 14.17
N ALA O 110 -9.61 36.89 13.53
CA ALA O 110 -9.04 38.01 14.28
C ALA O 110 -10.13 38.90 14.84
N TRP O 111 -11.24 39.02 14.11
CA TRP O 111 -12.40 39.77 14.60
C TRP O 111 -13.02 39.06 15.77
N ARG O 112 -13.24 37.75 15.63
CA ARG O 112 -13.74 36.93 16.73
C ARG O 112 -12.89 37.06 17.99
N ASN O 113 -11.58 37.00 17.84
CA ASN O 113 -10.66 36.95 18.98
C ASN O 113 -10.33 38.31 19.59
N ARG O 114 -10.41 39.36 18.79
CA ARG O 114 -9.91 40.68 19.22
C ARG O 114 -10.94 41.82 19.16
N CYS O 115 -12.03 41.63 18.43
CA CYS O 115 -13.00 42.71 18.22
C CYS O 115 -14.39 42.44 18.79
N LYS O 116 -14.89 41.23 18.54
CA LYS O 116 -16.24 40.84 18.92
C LYS O 116 -16.44 41.08 20.41
N GLY O 117 -17.50 41.80 20.75
CA GLY O 117 -17.86 42.06 22.14
C GLY O 117 -17.09 43.16 22.83
N THR O 118 -16.21 43.84 22.09
CA THR O 118 -15.43 44.94 22.63
C THR O 118 -16.03 46.27 22.18
N ASP O 119 -15.46 47.37 22.68
CA ASP O 119 -15.87 48.71 22.28
C ASP O 119 -15.29 49.02 20.89
N VAL O 120 -15.90 48.45 19.85
CA VAL O 120 -15.37 48.61 18.49
C VAL O 120 -15.45 50.04 17.96
N GLN O 121 -16.39 50.83 18.47
CA GLN O 121 -16.53 52.25 18.10
C GLN O 121 -15.26 53.07 18.37
N ALA O 122 -14.43 52.58 19.29
CA ALA O 122 -13.16 53.22 19.61
C ALA O 122 -12.25 53.31 18.39
N TRP O 123 -12.42 52.39 17.45
CA TRP O 123 -11.59 52.35 16.25
C TRP O 123 -11.89 53.42 15.24
N ILE O 124 -13.04 54.08 15.38
CA ILE O 124 -13.39 55.20 14.49
C ILE O 124 -13.46 56.53 15.24
N ARG O 125 -13.26 56.48 16.55
CA ARG O 125 -13.27 57.67 17.40
C ARG O 125 -12.17 58.65 16.99
N GLY O 126 -12.55 59.91 16.82
CA GLY O 126 -11.60 60.96 16.45
C GLY O 126 -11.34 61.10 14.96
N CYS O 127 -11.93 60.22 14.15
CA CYS O 127 -11.71 60.25 12.71
C CYS O 127 -12.66 61.20 12.00
N ARG O 128 -12.14 61.91 11.01
CA ARG O 128 -12.97 62.74 10.13
C ARG O 128 -13.72 61.80 9.17
N LEU O 129 -15.04 61.75 9.34
CA LEU O 129 -15.89 60.84 8.59
C LEU O 129 -17.06 61.57 7.95
N GLY P 3 -14.77 0.15 24.38
CA GLY P 3 -13.53 0.56 23.67
C GLY P 3 -13.69 1.87 22.92
N SER P 4 -14.25 1.78 21.71
CA SER P 4 -14.50 2.96 20.87
C SER P 4 -15.91 2.89 20.28
N VAL P 5 -16.75 3.84 20.67
CA VAL P 5 -18.16 3.88 20.27
C VAL P 5 -18.64 5.33 20.21
N TYR P 6 -19.47 5.66 19.22
CA TYR P 6 -20.01 7.02 19.13
C TYR P 6 -20.96 7.33 20.29
N PRO P 7 -20.88 8.56 20.82
CA PRO P 7 -21.64 8.94 22.01
C PRO P 7 -23.15 9.02 21.80
N LYS P 8 -23.89 8.79 22.89
CA LYS P 8 -25.32 8.99 22.93
C LYS P 8 -25.60 10.50 22.96
N LYS P 9 -26.56 10.93 22.15
CA LYS P 9 -27.06 12.30 22.15
C LYS P 9 -27.47 12.73 23.57
N THR P 10 -27.00 13.90 24.00
CA THR P 10 -27.34 14.40 25.33
C THR P 10 -28.35 15.54 25.27
N HIS P 11 -28.31 16.28 24.17
CA HIS P 11 -29.12 17.49 24.03
C HIS P 11 -29.70 17.59 22.67
N TRP P 12 -30.96 17.99 22.62
CA TRP P 12 -31.56 18.43 21.39
C TRP P 12 -30.98 19.77 21.03
N THR P 13 -30.97 20.02 19.74
CA THR P 13 -30.31 21.18 19.21
C THR P 13 -30.84 22.50 19.77
N ALA P 14 -32.16 22.53 19.98
CA ALA P 14 -32.83 23.65 20.63
C ALA P 14 -32.44 23.82 22.09
N GLU P 15 -31.92 22.77 22.74
CA GLU P 15 -31.55 22.86 24.15
C GLU P 15 -30.18 23.52 24.36
N ILE P 16 -29.44 23.72 23.28
CA ILE P 16 -28.13 24.36 23.35
C ILE P 16 -28.36 25.87 23.49
N THR P 17 -28.17 26.35 24.72
CA THR P 17 -28.46 27.73 25.11
C THR P 17 -27.23 28.35 25.79
N PRO P 18 -27.13 29.70 25.81
CA PRO P 18 -25.93 30.33 26.38
C PRO P 18 -25.62 29.93 27.83
N ASN P 19 -26.65 29.65 28.62
CA ASN P 19 -26.43 29.28 30.02
C ASN P 19 -25.84 27.88 30.22
N LEU P 20 -25.59 27.18 29.11
CA LEU P 20 -24.81 25.93 29.15
C LEU P 20 -23.33 26.17 28.92
N HIS P 21 -22.90 27.43 28.90
CA HIS P 21 -21.49 27.76 28.73
C HIS P 21 -20.60 26.87 29.56
N GLY P 22 -19.65 26.20 28.89
CA GLY P 22 -18.70 25.34 29.59
C GLY P 22 -19.14 23.89 29.78
N THR P 23 -20.33 23.57 29.32
CA THR P 23 -20.89 22.22 29.46
C THR P 23 -20.53 21.37 28.25
N GLU P 24 -20.05 20.14 28.50
CA GLU P 24 -19.85 19.18 27.42
C GLU P 24 -21.19 18.57 27.02
N VAL P 25 -21.47 18.61 25.72
CA VAL P 25 -22.74 18.12 25.19
C VAL P 25 -22.49 17.21 24.00
N VAL P 26 -23.50 16.40 23.67
CA VAL P 26 -23.49 15.61 22.44
C VAL P 26 -24.77 15.92 21.67
N VAL P 27 -24.61 16.50 20.49
CA VAL P 27 -25.74 16.75 19.61
C VAL P 27 -25.71 15.74 18.46
N ALA P 28 -26.88 15.45 17.91
CA ALA P 28 -26.99 14.51 16.81
C ALA P 28 -28.08 14.98 15.85
N GLY P 29 -27.77 14.92 14.57
CA GLY P 29 -28.69 15.33 13.54
C GLY P 29 -28.03 15.36 12.18
N TRP P 30 -28.52 16.23 11.31
CA TRP P 30 -27.94 16.36 9.99
C TRP P 30 -27.27 17.69 9.79
N VAL P 31 -26.34 17.73 8.83
CA VAL P 31 -25.64 18.96 8.46
C VAL P 31 -26.57 19.90 7.70
N ALA P 32 -26.88 21.04 8.32
CA ALA P 32 -27.79 22.02 7.74
C ALA P 32 -27.02 22.92 6.75
N SER P 33 -25.81 23.30 7.14
CA SER P 33 -24.95 24.10 6.27
C SER P 33 -23.49 24.01 6.71
N LEU P 34 -22.60 24.41 5.79
CA LEU P 34 -21.18 24.42 6.01
C LEU P 34 -20.61 25.76 5.55
N GLY P 35 -19.62 26.25 6.30
CA GLY P 35 -18.96 27.51 5.96
C GLY P 35 -17.48 27.31 6.12
N ASP P 36 -16.72 27.67 5.08
CA ASP P 36 -15.27 27.54 5.10
C ASP P 36 -14.64 28.88 4.78
N TYR P 37 -14.09 29.52 5.81
CA TYR P 37 -13.49 30.86 5.68
C TYR P 37 -11.97 30.81 5.85
N GLY P 38 -11.43 29.59 5.84
CA GLY P 38 -10.00 29.37 6.03
C GLY P 38 -9.73 28.95 7.45
N ARG P 39 -9.23 29.88 8.26
CA ARG P 39 -8.90 29.60 9.65
C ARG P 39 -10.12 29.27 10.51
N VAL P 40 -11.29 29.77 10.11
CA VAL P 40 -12.57 29.45 10.76
C VAL P 40 -13.40 28.60 9.81
N LYS P 41 -13.87 27.45 10.30
CA LYS P 41 -14.84 26.64 9.58
C LYS P 41 -16.04 26.40 10.49
N ILE P 42 -17.24 26.39 9.92
CA ILE P 42 -18.46 26.25 10.73
C ILE P 42 -19.37 25.18 10.13
N VAL P 43 -19.80 24.23 10.96
CA VAL P 43 -20.83 23.25 10.59
C VAL P 43 -22.06 23.58 11.42
N LYS P 44 -23.21 23.73 10.76
CA LYS P 44 -24.48 23.88 11.48
C LYS P 44 -25.26 22.57 11.47
N VAL P 45 -25.73 22.16 12.65
CA VAL P 45 -26.45 20.90 12.82
C VAL P 45 -27.90 21.18 13.21
N SER P 46 -28.83 20.45 12.57
CA SER P 46 -30.25 20.52 12.89
C SER P 46 -30.76 19.13 13.24
N ASP P 47 -31.81 19.06 14.06
CA ASP P 47 -32.45 17.78 14.36
C ASP P 47 -33.98 17.84 14.24
N ARG P 48 -34.49 18.99 13.80
CA ARG P 48 -35.90 19.15 13.43
C ARG P 48 -36.00 19.98 12.16
N GLU P 49 -37.05 19.77 11.37
CA GLU P 49 -37.37 20.71 10.31
C GLU P 49 -37.94 21.99 10.92
N GLY P 50 -37.50 23.13 10.41
CA GLY P 50 -37.91 24.42 10.97
C GLY P 50 -37.45 24.63 12.40
N GLY P 51 -36.28 24.10 12.73
CA GLY P 51 -35.78 24.17 14.09
C GLY P 51 -34.50 24.95 14.17
N ALA P 52 -33.77 24.74 15.26
CA ALA P 52 -32.46 25.35 15.44
C ALA P 52 -31.45 24.78 14.45
N ALA P 53 -30.40 25.54 14.19
CA ALA P 53 -29.27 25.05 13.45
C ALA P 53 -28.06 25.49 14.24
N VAL P 54 -27.59 24.63 15.15
CA VAL P 54 -26.55 25.04 16.11
C VAL P 54 -25.17 25.09 15.46
N SER P 55 -24.43 26.17 15.73
CA SER P 55 -23.12 26.40 15.11
C SER P 55 -22.02 25.66 15.82
N VAL P 56 -21.34 24.79 15.08
CA VAL P 56 -20.15 24.09 15.57
C VAL P 56 -18.95 24.75 14.92
N TYR P 57 -18.09 25.38 15.73
CA TYR P 57 -16.96 26.15 15.22
C TYR P 57 -15.65 25.39 15.26
N LEU P 58 -14.95 25.37 14.13
CA LEU P 58 -13.58 24.82 14.08
C LEU P 58 -12.63 25.99 13.80
N GLU P 59 -11.58 26.11 14.62
CA GLU P 59 -10.64 27.21 14.50
C GLU P 59 -9.21 26.69 14.51
N TYR P 60 -8.45 27.02 13.47
CA TYR P 60 -7.05 26.60 13.43
C TYR P 60 -6.31 27.04 14.68
N GLY P 61 -5.54 26.13 15.26
CA GLY P 61 -4.76 26.40 16.46
C GLY P 61 -5.52 26.08 17.73
N LYS P 62 -6.84 25.97 17.62
CA LYS P 62 -7.70 25.72 18.78
C LYS P 62 -8.29 24.31 18.70
N THR P 63 -8.91 24.01 17.55
CA THR P 63 -9.55 22.73 17.29
C THR P 63 -8.49 21.70 16.91
N PRO P 64 -8.60 20.45 17.44
CA PRO P 64 -7.66 19.39 17.06
C PRO P 64 -7.63 19.21 15.55
N ASP P 65 -6.42 19.07 15.01
CA ASP P 65 -6.20 18.95 13.56
C ASP P 65 -6.97 17.80 12.89
N HIS P 66 -7.16 16.69 13.59
CA HIS P 66 -7.89 15.55 13.03
C HIS P 66 -9.33 15.87 12.71
N LEU P 67 -9.89 16.85 13.42
CA LEU P 67 -11.27 17.28 13.16
C LEU P 67 -11.42 18.02 11.82
N PHE P 68 -10.35 18.67 11.36
CA PHE P 68 -10.38 19.33 10.05
C PHE P 68 -10.45 18.32 8.90
N LYS P 69 -9.81 17.16 9.05
CA LYS P 69 -9.96 16.15 8.00
C LYS P 69 -11.39 15.62 7.97
N VAL P 70 -12.02 15.47 9.13
CA VAL P 70 -13.44 15.11 9.20
C VAL P 70 -14.32 16.20 8.57
N PHE P 71 -14.01 17.46 8.86
CA PHE P 71 -14.76 18.57 8.25
C PHE P 71 -14.72 18.51 6.72
N ALA P 72 -13.54 18.23 6.17
CA ALA P 72 -13.36 18.08 4.72
C ALA P 72 -14.22 16.98 4.10
N GLU P 73 -14.62 16.01 4.90
CA GLU P 73 -15.47 14.90 4.44
C GLU P 73 -16.96 15.23 4.45
N LEU P 74 -17.32 16.33 5.11
CA LEU P 74 -18.72 16.70 5.34
C LEU P 74 -19.42 17.25 4.11
N SER P 75 -20.69 16.87 3.96
CA SER P 75 -21.60 17.47 2.99
C SER P 75 -22.91 17.78 3.71
N ARG P 76 -23.68 18.71 3.17
CA ARG P 76 -25.03 18.97 3.65
C ARG P 76 -25.82 17.66 3.66
N GLU P 77 -26.67 17.51 4.67
CA GLU P 77 -27.56 16.35 4.84
C GLU P 77 -26.88 15.11 5.41
N ASP P 78 -25.55 15.13 5.54
CA ASP P 78 -24.84 14.06 6.25
C ASP P 78 -25.39 13.97 7.67
N VAL P 79 -25.52 12.75 8.17
CA VAL P 79 -25.97 12.51 9.54
C VAL P 79 -24.75 12.44 10.45
N VAL P 80 -24.73 13.27 11.48
CA VAL P 80 -23.56 13.40 12.34
C VAL P 80 -23.89 13.29 13.84
N VAL P 81 -22.87 12.94 14.61
CA VAL P 81 -22.91 13.00 16.07
C VAL P 81 -21.71 13.87 16.45
N ILE P 82 -21.96 14.96 17.18
CA ILE P 82 -20.86 15.86 17.58
C ILE P 82 -20.81 16.04 19.10
N LYS P 83 -19.62 15.82 19.65
CA LYS P 83 -19.35 16.08 21.06
C LYS P 83 -18.49 17.32 21.17
N GLY P 84 -18.89 18.24 22.04
CA GLY P 84 -18.11 19.46 22.25
C GLY P 84 -18.52 20.23 23.47
N ILE P 85 -17.87 21.37 23.69
CA ILE P 85 -18.17 22.22 24.82
C ILE P 85 -18.98 23.41 24.32
N VAL P 86 -20.09 23.70 24.99
CA VAL P 86 -20.88 24.88 24.67
C VAL P 86 -20.11 26.14 25.07
N GLU P 87 -20.10 27.12 24.17
CA GLU P 87 -19.52 28.42 24.47
C GLU P 87 -20.51 29.50 24.08
N ALA P 88 -20.84 30.36 25.03
CA ALA P 88 -21.70 31.52 24.78
C ALA P 88 -20.95 32.52 23.92
N SER P 89 -21.64 33.06 22.93
CA SER P 89 -21.06 34.05 22.01
C SER P 89 -20.57 35.28 22.77
N LYS P 90 -19.48 35.87 22.28
CA LYS P 90 -18.91 37.06 22.89
C LYS P 90 -19.77 38.30 22.71
N ALA P 91 -20.62 38.32 21.68
CA ALA P 91 -21.44 39.48 21.35
C ALA P 91 -22.58 39.68 22.35
N GLY P 98 -25.22 34.48 20.09
CA GLY P 98 -25.90 33.47 20.88
C GLY P 98 -25.00 32.38 21.44
N VAL P 99 -24.85 31.29 20.70
CA VAL P 99 -24.21 30.08 21.23
C VAL P 99 -23.45 29.27 20.18
N GLU P 100 -22.35 28.65 20.60
CA GLU P 100 -21.48 27.88 19.72
C GLU P 100 -21.10 26.57 20.43
N ILE P 101 -20.71 25.57 19.65
CA ILE P 101 -20.13 24.36 20.21
C ILE P 101 -18.71 24.23 19.69
N PHE P 102 -17.76 24.06 20.59
CA PHE P 102 -16.40 23.76 20.17
C PHE P 102 -16.14 22.26 20.32
N PRO P 103 -15.99 21.57 19.16
CA PRO P 103 -16.03 20.11 19.11
C PRO P 103 -14.73 19.42 19.54
N SER P 104 -14.88 18.28 20.19
CA SER P 104 -13.79 17.36 20.41
C SER P 104 -13.95 16.14 19.51
N GLU P 105 -15.19 15.77 19.20
CA GLU P 105 -15.45 14.64 18.31
C GLU P 105 -16.48 14.99 17.26
N ILE P 106 -16.19 14.61 16.01
CA ILE P 106 -17.19 14.66 14.95
C ILE P 106 -17.29 13.29 14.28
N TRP P 107 -18.44 12.63 14.45
CA TRP P 107 -18.69 11.32 13.84
C TRP P 107 -19.68 11.44 12.72
N ILE P 108 -19.35 10.87 11.56
CA ILE P 108 -20.29 10.81 10.44
C ILE P 108 -20.96 9.43 10.43
N LEU P 109 -22.23 9.37 10.77
CA LEU P 109 -22.96 8.11 10.84
C LEU P 109 -23.36 7.60 9.47
N ASN P 110 -23.72 8.53 8.57
CA ASN P 110 -23.89 8.21 7.15
C ASN P 110 -23.88 9.42 6.23
N LYS P 111 -23.40 9.21 5.01
CA LYS P 111 -23.37 10.25 3.99
C LYS P 111 -24.70 10.27 3.23
N ALA P 112 -25.11 11.45 2.79
CA ALA P 112 -26.37 11.63 2.06
C ALA P 112 -26.29 11.04 0.64
N LYS Q 1 10.29 46.48 -56.39
CA LYS Q 1 10.69 45.52 -57.46
C LYS Q 1 10.15 44.13 -57.18
N VAL Q 2 9.57 43.50 -58.20
CA VAL Q 2 9.21 42.09 -58.11
C VAL Q 2 10.31 41.27 -58.81
N PHE Q 3 11.06 40.49 -58.02
CA PHE Q 3 12.13 39.65 -58.56
C PHE Q 3 11.56 38.44 -59.27
N GLY Q 4 12.27 37.97 -60.30
CA GLY Q 4 12.06 36.63 -60.84
C GLY Q 4 12.79 35.65 -59.92
N ARG Q 5 12.37 34.39 -59.97
CA ARG Q 5 12.97 33.36 -59.12
C ARG Q 5 14.48 33.25 -59.24
N CYS Q 6 14.99 33.10 -60.47
CA CYS Q 6 16.42 32.90 -60.69
C CYS Q 6 17.22 34.19 -60.50
N GLU Q 7 16.59 35.31 -60.83
CA GLU Q 7 17.15 36.61 -60.57
C GLU Q 7 17.41 36.81 -59.07
N LEU Q 8 16.43 36.43 -58.24
CA LEU Q 8 16.58 36.54 -56.79
C LEU Q 8 17.64 35.56 -56.26
N ALA Q 9 17.61 34.34 -56.77
CA ALA Q 9 18.59 33.31 -56.38
C ALA Q 9 20.02 33.84 -56.59
N ALA Q 10 20.28 34.41 -57.76
CA ALA Q 10 21.58 34.99 -58.08
C ALA Q 10 21.93 36.13 -57.13
N ALA Q 11 20.94 36.98 -56.82
CA ALA Q 11 21.14 38.10 -55.92
C ALA Q 11 21.46 37.65 -54.49
N MET Q 12 20.69 36.68 -53.99
CA MET Q 12 20.89 36.14 -52.65
C MET Q 12 22.23 35.42 -52.52
N LYS Q 13 22.66 34.76 -53.59
CA LYS Q 13 23.98 34.13 -53.62
C LYS Q 13 25.10 35.17 -53.55
N ARG Q 14 24.97 36.24 -54.35
CA ARG Q 14 25.95 37.32 -54.34
C ARG Q 14 26.02 38.02 -52.98
N HIS Q 15 24.88 38.07 -52.28
CA HIS Q 15 24.79 38.63 -50.94
C HIS Q 15 25.18 37.67 -49.84
N GLY Q 16 25.61 36.48 -50.21
CA GLY Q 16 26.22 35.54 -49.26
C GLY Q 16 25.26 34.73 -48.40
N LEU Q 17 24.03 34.52 -48.88
CA LEU Q 17 23.02 33.75 -48.14
C LEU Q 17 23.17 32.24 -48.27
N ASP Q 18 23.83 31.79 -49.34
CA ASP Q 18 24.02 30.36 -49.55
C ASP Q 18 24.82 29.75 -48.41
N ASN Q 19 24.17 28.83 -47.68
CA ASN Q 19 24.75 28.18 -46.51
C ASN Q 19 25.01 29.06 -45.29
N TYR Q 20 24.41 30.25 -45.29
CA TYR Q 20 24.49 31.11 -44.12
C TYR Q 20 23.74 30.46 -42.96
N ARG Q 21 24.42 30.31 -41.83
CA ARG Q 21 23.89 29.58 -40.67
C ARG Q 21 23.47 28.15 -41.03
N GLY Q 22 24.08 27.60 -42.07
CA GLY Q 22 23.80 26.23 -42.51
C GLY Q 22 22.60 26.08 -43.40
N TYR Q 23 21.99 27.18 -43.81
CA TYR Q 23 20.80 27.16 -44.68
C TYR Q 23 21.15 27.37 -46.14
N SER Q 24 20.93 26.33 -46.94
CA SER Q 24 21.21 26.39 -48.38
C SER Q 24 20.38 27.47 -49.07
N LEU Q 25 20.88 27.95 -50.21
CA LEU Q 25 20.25 29.04 -50.97
C LEU Q 25 18.76 28.83 -51.23
N GLY Q 26 18.37 27.60 -51.54
CA GLY Q 26 16.97 27.25 -51.79
C GLY Q 26 16.03 27.62 -50.66
N ASN Q 27 16.49 27.48 -49.42
CA ASN Q 27 15.72 27.89 -48.24
C ASN Q 27 15.32 29.37 -48.29
N TRP Q 28 16.27 30.21 -48.70
CA TRP Q 28 16.09 31.65 -48.74
C TRP Q 28 15.19 32.07 -49.86
N VAL Q 29 15.35 31.45 -51.03
CA VAL Q 29 14.47 31.72 -52.17
C VAL Q 29 13.05 31.28 -51.86
N CYS Q 30 12.91 30.07 -51.32
CA CYS Q 30 11.61 29.53 -50.92
C CYS Q 30 10.93 30.43 -49.88
N ALA Q 31 11.69 30.87 -48.88
CA ALA Q 31 11.16 31.76 -47.86
C ALA Q 31 10.62 33.06 -48.48
N ALA Q 32 11.41 33.68 -49.35
CA ALA Q 32 10.99 34.92 -50.02
C ALA Q 32 9.73 34.73 -50.86
N LYS Q 33 9.63 33.58 -51.53
CA LYS Q 33 8.46 33.24 -52.34
C LYS Q 33 7.18 33.30 -51.50
N PHE Q 34 7.21 32.63 -50.36
CA PHE Q 34 5.99 32.51 -49.56
C PHE Q 34 5.80 33.62 -48.53
N GLU Q 35 6.85 34.42 -48.29
CA GLU Q 35 6.71 35.61 -47.44
C GLU Q 35 6.19 36.82 -48.23
N SER Q 36 6.79 37.07 -49.39
CA SER Q 36 6.52 38.31 -50.13
C SER Q 36 6.14 38.12 -51.60
N ASN Q 37 6.15 36.87 -52.07
CA ASN Q 37 6.03 36.57 -53.51
C ASN Q 37 7.08 37.32 -54.35
N PHE Q 38 8.30 37.40 -53.80
CA PHE Q 38 9.45 38.06 -54.43
C PHE Q 38 9.32 39.59 -54.55
N ASN Q 39 8.33 40.17 -53.87
CA ASN Q 39 8.08 41.60 -53.96
C ASN Q 39 8.83 42.38 -52.88
N THR Q 40 9.82 43.17 -53.28
CA THR Q 40 10.65 43.94 -52.33
C THR Q 40 9.84 44.99 -51.56
N GLN Q 41 8.70 45.38 -52.10
CA GLN Q 41 7.91 46.47 -51.52
C GLN Q 41 6.75 45.97 -50.66
N ALA Q 42 6.62 44.65 -50.55
CA ALA Q 42 5.54 44.03 -49.77
C ALA Q 42 5.52 44.52 -48.32
N THR Q 43 4.35 44.93 -47.87
CA THR Q 43 4.14 45.53 -46.56
C THR Q 43 2.84 44.96 -45.99
N ASN Q 44 2.90 44.42 -44.77
CA ASN Q 44 1.72 43.79 -44.17
C ASN Q 44 1.54 44.09 -42.69
N ARG Q 45 0.44 44.76 -42.38
CA ARG Q 45 0.04 45.12 -41.02
C ARG Q 45 -0.53 43.93 -40.25
N ASN Q 46 0.00 43.69 -39.06
CA ASN Q 46 -0.57 42.67 -38.19
C ASN Q 46 -1.52 43.32 -37.19
N THR Q 47 -2.37 42.51 -36.57
CA THR Q 47 -3.38 43.00 -35.63
C THR Q 47 -2.78 43.53 -34.32
N ASP Q 48 -1.49 43.28 -34.10
CA ASP Q 48 -0.81 43.74 -32.88
C ASP Q 48 -0.18 45.12 -33.05
N GLY Q 49 -0.45 45.76 -34.18
CA GLY Q 49 0.10 47.09 -34.48
C GLY Q 49 1.50 47.09 -35.06
N SER Q 50 2.09 45.90 -35.21
CA SER Q 50 3.37 45.76 -35.90
C SER Q 50 3.13 45.55 -37.38
N THR Q 51 4.17 45.76 -38.19
CA THR Q 51 4.10 45.56 -39.63
C THR Q 51 5.30 44.73 -40.11
N ASP Q 52 5.06 43.89 -41.12
CA ASP Q 52 6.11 43.08 -41.74
C ASP Q 52 6.54 43.70 -43.07
N TYR Q 53 7.86 43.88 -43.24
CA TYR Q 53 8.38 44.67 -44.36
C TYR Q 53 9.32 43.93 -45.31
N GLY Q 54 9.06 44.06 -46.60
CA GLY Q 54 10.02 43.69 -47.64
C GLY Q 54 10.00 42.24 -48.04
N ILE Q 55 11.04 41.85 -48.79
CA ILE Q 55 11.13 40.55 -49.44
C ILE Q 55 11.12 39.38 -48.44
N LEU Q 56 11.65 39.61 -47.24
CA LEU Q 56 11.62 38.60 -46.19
C LEU Q 56 10.72 38.98 -45.01
N GLN Q 57 9.88 39.98 -45.21
CA GLN Q 57 8.79 40.32 -44.29
C GLN Q 57 9.26 40.44 -42.84
N ILE Q 58 10.25 41.31 -42.62
CA ILE Q 58 10.86 41.50 -41.31
C ILE Q 58 9.96 42.37 -40.43
N ASN Q 59 9.79 41.96 -39.17
CA ASN Q 59 8.80 42.56 -38.27
C ASN Q 59 9.29 43.80 -37.51
N SER Q 60 8.41 44.77 -37.36
CA SER Q 60 8.73 46.07 -36.78
C SER Q 60 8.81 46.14 -35.24
N ARG Q 61 8.47 45.05 -34.54
CA ARG Q 61 8.55 45.08 -33.08
C ARG Q 61 9.99 45.02 -32.58
N TRP Q 62 10.72 43.98 -32.99
CA TRP Q 62 12.09 43.77 -32.53
C TRP Q 62 13.15 44.20 -33.50
N TRP Q 63 12.86 44.15 -34.80
CA TRP Q 63 13.95 44.10 -35.79
C TRP Q 63 14.27 45.38 -36.53
N CYS Q 64 13.25 46.05 -37.05
CA CYS Q 64 13.44 47.32 -37.73
C CYS Q 64 12.53 48.39 -37.13
N ASN Q 65 12.90 49.66 -37.29
CA ASN Q 65 12.09 50.76 -36.76
C ASN Q 65 11.21 51.40 -37.83
N ASP Q 66 9.89 51.33 -37.62
CA ASP Q 66 8.91 52.03 -38.45
C ASP Q 66 8.23 53.21 -37.72
N GLY Q 67 8.68 53.47 -36.49
CA GLY Q 67 8.19 54.60 -35.70
C GLY Q 67 6.73 54.57 -35.29
N ARG Q 68 6.02 53.47 -35.55
CA ARG Q 68 4.61 53.38 -35.17
C ARG Q 68 4.28 52.13 -34.34
N THR Q 69 5.31 51.36 -34.00
CA THR Q 69 5.14 50.10 -33.27
C THR Q 69 5.62 50.28 -31.82
N PRO Q 70 4.69 50.14 -30.85
CA PRO Q 70 5.03 50.21 -29.43
C PRO Q 70 6.04 49.13 -29.03
N GLY Q 71 6.97 49.47 -28.14
CA GLY Q 71 7.99 48.54 -27.68
C GLY Q 71 9.04 48.19 -28.73
N SER Q 72 9.29 49.11 -29.66
CA SER Q 72 10.27 48.93 -30.73
C SER Q 72 11.70 48.75 -30.21
N ARG Q 73 12.38 47.70 -30.67
CA ARG Q 73 13.75 47.41 -30.24
C ARG Q 73 14.80 47.74 -31.31
N ASN Q 74 14.40 47.71 -32.57
CA ASN Q 74 15.29 48.00 -33.71
C ASN Q 74 16.65 47.31 -33.62
N LEU Q 75 16.64 45.97 -33.49
CA LEU Q 75 17.87 45.21 -33.36
C LEU Q 75 18.76 45.20 -34.61
N CYS Q 76 18.15 45.39 -35.78
CA CYS Q 76 18.92 45.53 -37.01
C CYS Q 76 19.45 46.95 -37.23
N ASN Q 77 19.04 47.87 -36.36
CA ASN Q 77 19.50 49.26 -36.42
C ASN Q 77 19.28 49.88 -37.81
N ILE Q 78 18.06 49.77 -38.30
CA ILE Q 78 17.66 50.32 -39.60
C ILE Q 78 16.18 50.71 -39.60
N PRO Q 79 15.84 51.77 -40.36
CA PRO Q 79 14.43 52.05 -40.58
C PRO Q 79 13.82 50.97 -41.47
N CYS Q 80 12.57 50.58 -41.18
CA CYS Q 80 11.91 49.54 -41.94
C CYS Q 80 11.81 49.94 -43.42
N SER Q 81 11.89 51.25 -43.67
CA SER Q 81 11.87 51.79 -45.04
C SER Q 81 13.03 51.29 -45.90
N ALA Q 82 14.19 51.09 -45.28
CA ALA Q 82 15.39 50.58 -45.98
C ALA Q 82 15.20 49.14 -46.46
N LEU Q 83 14.21 48.45 -45.90
CA LEU Q 83 13.91 47.07 -46.28
C LEU Q 83 12.93 46.99 -47.46
N LEU Q 84 12.62 48.13 -48.06
CA LEU Q 84 11.65 48.17 -49.18
C LEU Q 84 12.30 48.54 -50.52
N SER Q 85 13.61 48.77 -50.52
CA SER Q 85 14.33 49.12 -51.75
C SER Q 85 14.49 47.92 -52.68
N SER Q 86 14.76 48.20 -53.95
CA SER Q 86 15.01 47.17 -54.95
C SER Q 86 16.35 46.47 -54.68
N ASP Q 87 17.23 47.17 -53.99
CA ASP Q 87 18.49 46.61 -53.51
C ASP Q 87 18.20 45.81 -52.23
N ILE Q 88 18.49 44.52 -52.26
CA ILE Q 88 18.14 43.63 -51.13
C ILE Q 88 19.16 43.65 -49.98
N THR Q 89 20.18 44.48 -50.08
CA THR Q 89 21.26 44.55 -49.08
C THR Q 89 20.74 44.64 -47.63
N ALA Q 90 19.86 45.61 -47.38
CA ALA Q 90 19.34 45.84 -46.03
C ALA Q 90 18.51 44.65 -45.52
N SER Q 91 17.67 44.10 -46.39
CA SER Q 91 16.87 42.92 -46.05
C SER Q 91 17.77 41.71 -45.73
N VAL Q 92 18.81 41.53 -46.54
CA VAL Q 92 19.77 40.45 -46.32
C VAL Q 92 20.51 40.62 -44.99
N ASN Q 93 20.98 41.84 -44.73
CA ASN Q 93 21.71 42.11 -43.48
C ASN Q 93 20.89 41.82 -42.23
N CYS Q 94 19.64 42.29 -42.24
CA CYS Q 94 18.73 42.06 -41.12
C CYS Q 94 18.31 40.59 -40.99
N ALA Q 95 18.08 39.92 -42.12
CA ALA Q 95 17.75 38.48 -42.12
C ALA Q 95 18.89 37.64 -41.52
N LYS Q 96 20.12 38.02 -41.83
CA LYS Q 96 21.30 37.37 -41.25
C LYS Q 96 21.34 37.51 -39.72
N LYS Q 97 20.98 38.69 -39.22
CA LYS Q 97 20.84 38.90 -37.77
C LYS Q 97 19.70 38.05 -37.19
N ILE Q 98 18.54 38.06 -37.85
CA ILE Q 98 17.38 37.27 -37.42
C ILE Q 98 17.68 35.76 -37.34
N VAL Q 99 18.24 35.22 -38.43
CA VAL Q 99 18.56 33.79 -38.52
C VAL Q 99 19.66 33.35 -37.53
N SER Q 100 20.38 34.33 -36.97
CA SER Q 100 21.44 34.07 -35.98
C SER Q 100 20.94 34.22 -34.54
N ASP Q 101 19.67 34.59 -34.38
CA ASP Q 101 19.08 34.86 -33.06
C ASP Q 101 18.92 33.63 -32.14
N GLY Q 102 19.15 32.44 -32.68
CA GLY Q 102 19.11 31.22 -31.88
C GLY Q 102 18.04 30.23 -32.32
N ASN Q 103 17.18 30.65 -33.23
CA ASN Q 103 16.09 29.81 -33.71
C ASN Q 103 16.14 29.51 -35.21
N GLY Q 104 17.27 29.84 -35.84
CA GLY Q 104 17.46 29.62 -37.27
C GLY Q 104 16.35 30.24 -38.09
N MET Q 105 15.92 29.54 -39.14
CA MET Q 105 14.89 30.09 -40.04
C MET Q 105 13.47 29.92 -39.52
N ASN Q 106 13.33 29.31 -38.33
CA ASN Q 106 12.01 29.21 -37.69
C ASN Q 106 11.41 30.57 -37.34
N ALA Q 107 12.22 31.62 -37.46
CA ALA Q 107 11.75 32.99 -37.33
C ALA Q 107 10.75 33.36 -38.43
N TRP Q 108 10.75 32.62 -39.53
CA TRP Q 108 9.83 32.88 -40.64
C TRP Q 108 8.74 31.87 -40.70
N VAL Q 109 7.51 32.32 -40.46
CA VAL Q 109 6.35 31.43 -40.43
C VAL Q 109 6.05 30.83 -41.82
N ALA Q 110 6.22 31.61 -42.87
CA ALA Q 110 6.01 31.09 -44.23
C ALA Q 110 7.03 30.02 -44.59
N TRP Q 111 8.26 30.19 -44.10
CA TRP Q 111 9.30 29.18 -44.28
C TRP Q 111 8.95 27.91 -43.52
N ARG Q 112 8.53 28.05 -42.27
CA ARG Q 112 8.13 26.89 -41.46
C ARG Q 112 7.01 26.10 -42.12
N ASN Q 113 6.04 26.82 -42.68
CA ASN Q 113 4.82 26.20 -43.20
C ASN Q 113 4.90 25.69 -44.63
N ARG Q 114 5.75 26.30 -45.46
CA ARG Q 114 5.80 25.99 -46.88
CA ARG Q 114 5.80 25.94 -46.87
C ARG Q 114 7.17 25.48 -47.38
N CYS Q 115 8.22 25.67 -46.57
CA CYS Q 115 9.58 25.33 -47.02
C CYS Q 115 10.28 24.25 -46.21
N LYS Q 116 10.22 24.39 -44.88
CA LYS Q 116 10.90 23.49 -43.95
C LYS Q 116 10.56 22.04 -44.26
N GLY Q 117 11.58 21.21 -44.44
CA GLY Q 117 11.40 19.79 -44.71
C GLY Q 117 11.04 19.43 -46.13
N THR Q 118 10.97 20.41 -47.02
CA THR Q 118 10.69 20.15 -48.45
C THR Q 118 11.98 20.14 -49.25
N ASP Q 119 11.87 19.77 -50.52
CA ASP Q 119 13.00 19.81 -51.45
C ASP Q 119 13.26 21.26 -51.83
N VAL Q 120 13.90 22.00 -50.92
CA VAL Q 120 14.11 23.44 -51.12
C VAL Q 120 15.04 23.78 -52.28
N GLN Q 121 15.97 22.87 -52.61
CA GLN Q 121 16.90 23.12 -53.71
C GLN Q 121 16.21 23.24 -55.07
N ALA Q 122 14.97 22.76 -55.15
CA ALA Q 122 14.12 22.95 -56.33
C ALA Q 122 13.94 24.44 -56.68
N TRP Q 123 14.01 25.30 -55.67
CA TRP Q 123 13.84 26.73 -55.88
C TRP Q 123 15.00 27.41 -56.57
N ILE Q 124 16.14 26.73 -56.66
CA ILE Q 124 17.32 27.29 -57.34
C ILE Q 124 17.76 26.48 -58.55
N ARG Q 125 17.15 25.32 -58.80
CA ARG Q 125 17.57 24.56 -59.96
C ARG Q 125 17.08 25.20 -61.27
N GLY Q 126 17.89 25.05 -62.32
CA GLY Q 126 17.67 25.74 -63.57
C GLY Q 126 18.20 27.16 -63.60
N CYS Q 127 18.63 27.69 -62.45
CA CYS Q 127 19.11 29.07 -62.37
C CYS Q 127 20.59 29.22 -62.73
N ARG Q 128 20.91 30.27 -63.45
CA ARG Q 128 22.29 30.65 -63.70
C ARG Q 128 22.86 31.24 -62.41
N LEU Q 129 23.75 30.51 -61.77
CA LEU Q 129 24.38 30.98 -60.52
C LEU Q 129 25.90 31.05 -60.66
N GLY R 3 -11.94 24.32 -9.89
CA GLY R 3 -11.29 25.67 -9.83
C GLY R 3 -9.93 25.71 -10.49
N SER R 4 -9.57 26.91 -10.97
CA SER R 4 -8.29 27.14 -11.66
C SER R 4 -7.08 26.87 -10.78
N VAL R 5 -6.25 25.91 -11.21
CA VAL R 5 -5.02 25.52 -10.51
C VAL R 5 -3.97 25.24 -11.58
N TYR R 6 -2.75 25.75 -11.39
CA TYR R 6 -1.67 25.46 -12.35
C TYR R 6 -1.30 23.97 -12.33
N PRO R 7 -1.09 23.38 -13.53
CA PRO R 7 -0.94 21.92 -13.63
C PRO R 7 0.38 21.41 -13.09
N LYS R 8 0.37 20.14 -12.71
CA LYS R 8 1.55 19.46 -12.22
C LYS R 8 2.46 19.12 -13.39
N LYS R 9 3.74 19.41 -13.24
CA LYS R 9 4.77 19.04 -14.19
C LYS R 9 4.71 17.56 -14.54
N THR R 10 4.70 17.24 -15.84
CA THR R 10 4.67 15.84 -16.28
C THR R 10 6.03 15.36 -16.77
N HIS R 11 6.81 16.28 -17.33
CA HIS R 11 8.08 15.94 -17.96
C HIS R 11 9.15 16.95 -17.65
N TRP R 12 10.36 16.45 -17.40
CA TRP R 12 11.55 17.29 -17.39
C TRP R 12 11.84 17.72 -18.80
N THR R 13 12.42 18.91 -18.97
CA THR R 13 12.65 19.46 -20.32
C THR R 13 13.47 18.51 -21.20
N ALA R 14 14.41 17.79 -20.58
CA ALA R 14 15.25 16.80 -21.25
C ALA R 14 14.45 15.61 -21.79
N GLU R 15 13.28 15.35 -21.21
CA GLU R 15 12.45 14.22 -21.63
C GLU R 15 11.57 14.54 -22.84
N ILE R 16 11.52 15.81 -23.24
CA ILE R 16 10.74 16.21 -24.41
C ILE R 16 11.51 15.79 -25.67
N THR R 17 11.10 14.65 -26.23
CA THR R 17 11.80 14.05 -27.36
C THR R 17 10.86 13.92 -28.55
N PRO R 18 11.40 13.79 -29.78
CA PRO R 18 10.58 13.67 -30.99
C PRO R 18 9.52 12.57 -30.93
N ASN R 19 9.84 11.44 -30.28
CA ASN R 19 8.89 10.32 -30.20
C ASN R 19 7.70 10.58 -29.27
N LEU R 20 7.66 11.77 -28.68
CA LEU R 20 6.49 12.22 -27.94
C LEU R 20 5.52 13.04 -28.80
N HIS R 21 5.79 13.12 -30.11
CA HIS R 21 4.90 13.80 -31.04
C HIS R 21 3.44 13.52 -30.78
N GLY R 22 2.65 14.56 -30.55
CA GLY R 22 1.21 14.41 -30.34
C GLY R 22 0.78 14.23 -28.90
N THR R 23 1.76 14.22 -28.00
CA THR R 23 1.48 14.04 -26.57
C THR R 23 1.38 15.37 -25.86
N GLU R 24 0.33 15.52 -25.05
CA GLU R 24 0.20 16.67 -24.17
C GLU R 24 1.12 16.52 -22.96
N VAL R 25 1.92 17.55 -22.72
CA VAL R 25 2.87 17.55 -21.63
C VAL R 25 2.74 18.81 -20.80
N VAL R 26 3.28 18.76 -19.59
CA VAL R 26 3.44 19.96 -18.77
C VAL R 26 4.90 20.05 -18.37
N VAL R 27 5.54 21.14 -18.77
CA VAL R 27 6.92 21.42 -18.39
C VAL R 27 6.89 22.58 -17.40
N ALA R 28 7.89 22.61 -16.52
CA ALA R 28 7.99 23.67 -15.52
C ALA R 28 9.45 24.02 -15.33
N GLY R 29 9.74 25.31 -15.27
CA GLY R 29 11.11 25.78 -15.08
C GLY R 29 11.17 27.27 -15.30
N TRP R 30 12.33 27.75 -15.76
CA TRP R 30 12.50 29.18 -15.99
C TRP R 30 12.66 29.51 -17.44
N VAL R 31 12.41 30.76 -17.79
CA VAL R 31 12.59 31.24 -19.16
C VAL R 31 14.09 31.39 -19.44
N ALA R 32 14.60 30.56 -20.35
CA ALA R 32 16.00 30.62 -20.76
C ALA R 32 16.21 31.73 -21.79
N SER R 33 15.29 31.87 -22.73
CA SER R 33 15.36 32.92 -23.74
C SER R 33 14.01 33.19 -24.39
N LEU R 34 13.91 34.34 -25.04
CA LEU R 34 12.70 34.76 -25.74
C LEU R 34 13.08 35.23 -27.14
N GLY R 35 12.23 34.89 -28.10
CA GLY R 35 12.38 35.34 -29.48
C GLY R 35 11.06 35.88 -29.97
N ASP R 36 11.06 37.12 -30.42
CA ASP R 36 9.86 37.72 -31.00
C ASP R 36 10.15 38.13 -32.43
N TYR R 37 9.57 37.38 -33.37
CA TYR R 37 9.81 37.61 -34.79
C TYR R 37 8.54 38.10 -35.49
N GLY R 38 7.55 38.49 -34.69
CA GLY R 38 6.27 38.93 -35.21
C GLY R 38 5.26 37.80 -35.15
N ARG R 39 4.99 37.20 -36.31
CA ARG R 39 4.02 36.11 -36.40
C ARG R 39 4.46 34.86 -35.65
N VAL R 40 5.77 34.70 -35.48
CA VAL R 40 6.35 33.62 -34.68
C VAL R 40 7.00 34.20 -33.43
N LYS R 41 6.64 33.64 -32.28
CA LYS R 41 7.28 33.95 -31.01
C LYS R 41 7.71 32.65 -30.34
N ILE R 42 8.89 32.64 -29.74
CA ILE R 42 9.42 31.42 -29.13
C ILE R 42 9.91 31.70 -27.71
N VAL R 43 9.46 30.88 -26.76
CA VAL R 43 9.98 30.88 -25.40
C VAL R 43 10.73 29.58 -25.21
N LYS R 44 11.97 29.66 -24.74
CA LYS R 44 12.71 28.47 -24.37
C LYS R 44 12.72 28.30 -22.85
N VAL R 45 12.38 27.08 -22.41
CA VAL R 45 12.26 26.78 -20.98
C VAL R 45 13.31 25.77 -20.56
N SER R 46 13.97 26.03 -19.43
CA SER R 46 14.96 25.14 -18.85
C SER R 46 14.59 24.79 -17.41
N ASP R 47 14.96 23.59 -16.98
CA ASP R 47 14.74 23.20 -15.58
C ASP R 47 16.02 22.64 -14.93
N ARG R 48 17.14 22.73 -15.65
CA ARG R 48 18.46 22.41 -15.10
C ARG R 48 19.47 23.40 -15.65
N GLU R 49 20.51 23.68 -14.87
CA GLU R 49 21.66 24.41 -15.38
C GLU R 49 22.46 23.50 -16.31
N GLY R 50 22.90 24.04 -17.44
CA GLY R 50 23.61 23.25 -18.45
C GLY R 50 22.74 22.15 -19.02
N GLY R 51 21.44 22.41 -19.10
CA GLY R 51 20.50 21.39 -19.55
C GLY R 51 19.81 21.76 -20.85
N ALA R 52 18.70 21.09 -21.11
CA ALA R 52 17.87 21.35 -22.27
C ALA R 52 17.25 22.73 -22.19
N ALA R 53 16.92 23.29 -23.35
CA ALA R 53 16.13 24.50 -23.44
C ALA R 53 15.05 24.24 -24.48
N VAL R 54 13.92 23.71 -24.01
CA VAL R 54 12.86 23.27 -24.92
C VAL R 54 12.09 24.45 -25.53
N SER R 55 11.88 24.41 -26.84
CA SER R 55 11.24 25.50 -27.56
C SER R 55 9.73 25.40 -27.50
N VAL R 56 9.11 26.46 -27.01
CA VAL R 56 7.66 26.58 -27.01
C VAL R 56 7.32 27.61 -28.07
N TYR R 57 6.59 27.18 -29.10
CA TYR R 57 6.30 28.03 -30.27
C TYR R 57 4.91 28.64 -30.20
N LEU R 58 4.84 29.95 -30.42
CA LEU R 58 3.56 30.63 -30.56
C LEU R 58 3.47 31.19 -31.97
N GLU R 59 2.36 30.89 -32.65
CA GLU R 59 2.17 31.27 -34.05
C GLU R 59 0.82 31.93 -34.22
N TYR R 60 0.81 33.16 -34.72
CA TYR R 60 -0.45 33.85 -34.96
C TYR R 60 -1.32 33.03 -35.90
N GLY R 61 -2.60 32.92 -35.56
CA GLY R 61 -3.57 32.19 -36.36
C GLY R 61 -3.73 30.76 -35.91
N LYS R 62 -2.81 30.30 -35.06
CA LYS R 62 -2.77 28.91 -34.61
C LYS R 62 -2.81 28.84 -33.08
N THR R 63 -1.94 29.61 -32.43
CA THR R 63 -1.91 29.71 -30.97
C THR R 63 -3.07 30.58 -30.49
N PRO R 64 -3.81 30.12 -29.45
CA PRO R 64 -4.87 30.95 -28.85
C PRO R 64 -4.37 32.35 -28.50
N ASP R 65 -5.15 33.35 -28.90
CA ASP R 65 -4.75 34.76 -28.77
C ASP R 65 -4.38 35.21 -27.35
N HIS R 66 -5.03 34.65 -26.35
CA HIS R 66 -4.77 35.04 -24.97
C HIS R 66 -3.37 34.68 -24.51
N LEU R 67 -2.78 33.67 -25.14
CA LEU R 67 -1.41 33.27 -24.84
C LEU R 67 -0.37 34.31 -25.27
N PHE R 68 -0.68 35.08 -26.33
CA PHE R 68 0.19 36.18 -26.75
C PHE R 68 0.27 37.30 -25.71
N LYS R 69 -0.84 37.54 -25.00
CA LYS R 69 -0.85 38.47 -23.88
C LYS R 69 0.09 37.97 -22.77
N VAL R 70 0.03 36.68 -22.48
CA VAL R 70 0.95 36.08 -21.49
C VAL R 70 2.39 36.18 -21.97
N PHE R 71 2.63 35.93 -23.26
CA PHE R 71 3.97 36.04 -23.82
C PHE R 71 4.58 37.42 -23.59
N ALA R 72 3.77 38.45 -23.81
CA ALA R 72 4.16 39.85 -23.63
C ALA R 72 4.62 40.17 -22.19
N GLU R 73 4.12 39.40 -21.23
CA GLU R 73 4.49 39.57 -19.81
C GLU R 73 5.80 38.91 -19.43
N LEU R 74 6.32 38.04 -20.30
CA LEU R 74 7.48 37.21 -19.96
C LEU R 74 8.81 37.95 -20.02
N SER R 75 9.70 37.60 -19.09
CA SER R 75 11.08 38.07 -19.08
C SER R 75 11.97 36.85 -18.86
N ARG R 76 13.24 36.96 -19.23
CA ARG R 76 14.20 35.91 -18.92
C ARG R 76 14.20 35.67 -17.41
N GLU R 77 14.34 34.40 -17.02
CA GLU R 77 14.40 33.97 -15.62
C GLU R 77 13.04 33.88 -14.90
N ASP R 78 11.96 34.31 -15.54
CA ASP R 78 10.62 34.10 -15.00
C ASP R 78 10.39 32.61 -14.81
N VAL R 79 9.71 32.26 -13.73
CA VAL R 79 9.37 30.86 -13.44
C VAL R 79 7.99 30.56 -14.03
N VAL R 80 7.93 29.54 -14.87
CA VAL R 80 6.73 29.25 -15.65
C VAL R 80 6.30 27.79 -15.62
N VAL R 81 5.02 27.57 -15.88
CA VAL R 81 4.46 26.24 -16.09
C VAL R 81 3.72 26.31 -17.43
N ILE R 82 4.09 25.43 -18.35
CA ILE R 82 3.51 25.46 -19.69
C ILE R 82 2.93 24.09 -20.04
N LYS R 83 1.66 24.09 -20.44
CA LYS R 83 1.00 22.89 -20.92
C LYS R 83 0.87 23.00 -22.44
N GLY R 84 1.22 21.94 -23.16
CA GLY R 84 1.13 21.98 -24.61
C GLY R 84 1.31 20.62 -25.25
N ILE R 85 1.19 20.57 -26.57
CA ILE R 85 1.35 19.34 -27.34
C ILE R 85 2.76 19.32 -27.94
N VAL R 86 3.47 18.21 -27.76
CA VAL R 86 4.79 18.03 -28.35
C VAL R 86 4.62 17.85 -29.86
N GLU R 87 5.44 18.57 -30.62
CA GLU R 87 5.51 18.36 -32.06
C GLU R 87 6.96 18.18 -32.52
N ALA R 88 7.21 17.08 -33.22
CA ALA R 88 8.52 16.82 -33.80
C ALA R 88 8.75 17.75 -34.99
N SER R 89 9.97 18.29 -35.07
CA SER R 89 10.32 19.21 -36.15
C SER R 89 10.20 18.57 -37.52
N LYS R 90 9.88 19.39 -38.52
CA LYS R 90 9.85 18.94 -39.91
C LYS R 90 11.25 18.71 -40.47
N ALA R 91 12.24 19.43 -39.94
CA ALA R 91 13.63 19.34 -40.40
C ALA R 91 14.26 17.98 -40.06
N GLY R 98 14.47 20.01 -33.98
CA GLY R 98 14.25 18.74 -33.32
C GLY R 98 12.86 18.56 -32.72
N VAL R 99 12.56 19.30 -31.65
CA VAL R 99 11.28 19.18 -30.95
C VAL R 99 10.72 20.54 -30.53
N GLU R 100 9.39 20.65 -30.54
CA GLU R 100 8.69 21.88 -30.18
C GLU R 100 7.51 21.55 -29.30
N ILE R 101 7.03 22.52 -28.54
CA ILE R 101 5.78 22.40 -27.79
C ILE R 101 4.86 23.50 -28.27
N PHE R 102 3.65 23.13 -28.71
CA PHE R 102 2.62 24.11 -29.02
C PHE R 102 1.71 24.27 -27.80
N PRO R 103 1.71 25.46 -27.20
CA PRO R 103 1.13 25.60 -25.87
C PRO R 103 -0.38 25.83 -25.88
N SER R 104 -1.05 25.29 -24.87
CA SER R 104 -2.43 25.63 -24.58
C SER R 104 -2.52 26.50 -23.32
N GLU R 105 -1.58 26.33 -22.40
CA GLU R 105 -1.53 27.14 -21.18
C GLU R 105 -0.11 27.63 -20.91
N ILE R 106 0.00 28.89 -20.51
CA ILE R 106 1.26 29.43 -20.02
C ILE R 106 0.99 30.14 -18.70
N TRP R 107 1.53 29.58 -17.61
CA TRP R 107 1.36 30.15 -16.28
C TRP R 107 2.64 30.76 -15.81
N ILE R 108 2.58 32.01 -15.34
CA ILE R 108 3.75 32.65 -14.71
C ILE R 108 3.62 32.50 -13.20
N LEU R 109 4.55 31.76 -12.59
CA LEU R 109 4.52 31.53 -11.14
C LEU R 109 5.14 32.68 -10.38
N ASN R 110 6.24 33.22 -10.89
CA ASN R 110 6.78 34.50 -10.40
C ASN R 110 7.78 35.14 -11.37
N LYS R 111 7.91 36.45 -11.24
CA LYS R 111 8.76 37.25 -12.10
C LYS R 111 10.18 37.33 -11.54
N ALA R 112 11.15 37.48 -12.43
CA ALA R 112 12.55 37.64 -12.06
C ALA R 112 12.78 38.96 -11.30
N LYS R 113 12.12 40.02 -11.77
CA LYS R 113 12.23 41.34 -11.13
C LYS R 113 10.86 41.97 -10.87
#